data_9DL9
#
_entry.id   9DL9
#
_cell.length_a   100.745
_cell.length_b   101.959
_cell.length_c   126.167
_cell.angle_alpha   90.00
_cell.angle_beta   106.32
_cell.angle_gamma   90.00
#
_symmetry.space_group_name_H-M   'P 1 21 1'
#
loop_
_entity.id
_entity.type
_entity.pdbx_description
1 polymer 'Bifunctional protein PutA'
2 non-polymer 'FLAVIN-ADENINE DINUCLEOTIDE'
3 non-polymer (4-methoxyphenyl)methanol
4 non-polymer 'TRIETHYLENE GLYCOL'
5 non-polymer 'FORMIC ACID'
6 non-polymer DI(HYDROXYETHYL)ETHER
7 non-polymer NICOTINAMIDE-ADENINE-DINUCLEOTIDE
8 non-polymer 'SULFATE ION'
9 non-polymer 'MAGNESIUM ION'
10 non-polymer 'PENTAETHYLENE GLYCOL'
11 water water
#
_entity_poly.entity_id   1
_entity_poly.type   'polypeptide(L)'
_entity_poly.pdbx_seq_one_letter_code
;SMMSPNPLQKPAIDAAPAPFADFAPPVRPQSTLRRAITAAYRRPETECLPPLVEAATQSKEIRDAAASTARKLIEALRGK
HSGSGVEGLVQEYSLSSQEGVALMCLAEALLRIPDTATRDALIRDKIADGNWKSHLGGSRSLFVNAATWGLVVTGKLTST
VNDRSLAAALTRLISRCGEPVIRRGVDMAMRMMGEQFVTGETIREALKRSKELEEKGFSYSYDMLGEAATTAADAERYYR
DYESAIHAIGKASAGRGIYEGPGISIKLSALHPRYSRAQAARVMGELLPRVKALALLAKNYDIGLNIDAEEADRLELSLD
LLEVLCLDGDLSGWNGMGFVVQAYGKRCPFVLDFIIDLARRSGRRIMVRLVKGAYWDAEIKRAQLDGLADFPVFTRKIHT
DVSYIACAAKLLAATDVVFPQFATHNAQTLAAIYHMAGKDFHVGKYEFQCLHGMGEPLYEEVVGRGKLDRPCRIYAPVGT
HETLLAYLVRRLLENGANSSFVHRINDPKVSIDELIADPVEVVRAMPVVGAKHDRIALPAELFGDARTNSAGLDLSNEET
LASLTEALRESAAMKWTALPQLATGPAAGETRTVLNPGDHRDVVGSVTETSEEDARRAVRLAADAAPDWAAVPPSERAAC
LDRAAELMQARMPTLLGLIIREAGKSALNAIAEVREAIDFLRYYAEQTRRTLGPGHGPLGPIVCISPWNFPLAIFTGQIA
AALVAGNPVLAKPAEETPLIAAEGVRILREAGIPASALQLLPGDGRVGAALVAAAETAGVMFTGSTEVARLIQAQLADRL
SPAGRPIPLIAETGGQNAMIVDSSALAEQVVGDVITSAFDSAGQRCSALRVLCLQEDVADRILTMLKGALHELHIGRTDR
LSVDVGPVITSEAKDNIEKHIERMRGLGRKVEQIGLASETGVGTFVPPTIIELEKLSDLQREVFGPVLHVIRYRRDDLDR
LVDDVNATGYGLTFGLHTRLDETIAHVTSRIKAGNLYINRNIIGAVVGVQPFGGRGLSGTGPKAGGPLYLGRLVTTAPVP
PQHSSVHTDPVLLDFAKWLDGKGARAEAEAARNAGSSSALGLDLELPGPVGERNLYTLHARGRILLVPATESGLYHQLAA
ALATGNSVAIDAASGLQASLKNLPQTVGLRVSWSKDWAADGPFAGALVEGDAERIRAVNKAIAALPGPLLLVQAASSGEI
ARNPDAYCLNWLVEEVSASINTAAAGGNASLMAIG
;
_entity_poly.pdbx_strand_id   A,B
#
# COMPACT_ATOMS: atom_id res chain seq x y z
N ALA A 16 -50.85 -12.95 30.45
CA ALA A 16 -49.51 -12.78 29.89
C ALA A 16 -49.25 -13.81 28.80
N PRO A 17 -48.82 -13.35 27.62
CA PRO A 17 -48.55 -14.28 26.53
C PRO A 17 -47.33 -15.14 26.83
N ALA A 18 -47.42 -16.41 26.45
CA ALA A 18 -46.34 -17.34 26.73
C ALA A 18 -45.07 -16.89 26.00
N PRO A 19 -43.91 -17.02 26.62
CA PRO A 19 -42.68 -16.55 25.97
C PRO A 19 -42.43 -17.30 24.69
N PHE A 20 -42.13 -16.55 23.63
CA PHE A 20 -41.78 -17.05 22.31
C PHE A 20 -42.91 -17.79 21.63
N ALA A 21 -44.14 -17.69 22.14
CA ALA A 21 -45.25 -18.38 21.51
C ALA A 21 -45.59 -17.79 20.14
N ASP A 22 -45.16 -16.57 19.86
CA ASP A 22 -45.40 -15.92 18.57
C ASP A 22 -44.09 -15.40 18.00
N PHE A 23 -43.01 -16.16 18.18
CA PHE A 23 -41.69 -15.61 17.88
C PHE A 23 -41.55 -15.27 16.40
N ALA A 24 -41.76 -16.23 15.52
CA ALA A 24 -41.54 -15.99 14.10
C ALA A 24 -42.35 -16.96 13.25
N PRO A 25 -43.66 -16.99 13.41
CA PRO A 25 -44.46 -17.94 12.63
C PRO A 25 -44.36 -17.60 11.16
N PRO A 26 -44.21 -18.60 10.30
CA PRO A 26 -44.14 -18.33 8.87
C PRO A 26 -45.46 -17.79 8.35
N VAL A 27 -45.36 -17.06 7.22
CA VAL A 27 -46.54 -16.53 6.53
C VAL A 27 -47.53 -17.65 6.25
N ARG A 28 -47.04 -18.79 5.80
CA ARG A 28 -47.88 -19.94 5.47
C ARG A 28 -47.12 -21.20 5.84
N PRO A 29 -47.81 -22.34 5.98
CA PRO A 29 -47.08 -23.59 6.19
C PRO A 29 -46.24 -23.88 4.96
N GLN A 30 -45.02 -24.35 5.19
CA GLN A 30 -44.07 -24.50 4.10
C GLN A 30 -44.34 -25.81 3.35
N SER A 31 -44.68 -25.69 2.07
CA SER A 31 -44.94 -26.86 1.25
C SER A 31 -43.63 -27.61 1.00
N THR A 32 -43.77 -28.82 0.45
CA THR A 32 -42.60 -29.59 0.04
C THR A 32 -41.71 -28.76 -0.87
N LEU A 33 -42.31 -28.08 -1.85
CA LEU A 33 -41.51 -27.29 -2.77
C LEU A 33 -40.85 -26.12 -2.07
N ARG A 34 -41.55 -25.47 -1.14
CA ARG A 34 -40.91 -24.37 -0.43
C ARG A 34 -39.79 -24.86 0.45
N ARG A 35 -39.97 -26.04 1.07
CA ARG A 35 -38.95 -26.56 1.95
C ARG A 35 -37.68 -26.92 1.18
N ALA A 36 -37.84 -27.36 -0.07
CA ALA A 36 -36.68 -27.67 -0.89
C ALA A 36 -35.90 -26.42 -1.22
N ILE A 37 -36.59 -25.28 -1.35
CA ILE A 37 -35.90 -24.02 -1.52
C ILE A 37 -35.07 -23.71 -0.28
N THR A 38 -35.71 -23.72 0.88
CA THR A 38 -35.00 -23.34 2.10
C THR A 38 -33.82 -24.28 2.34
N ALA A 39 -33.98 -25.56 2.02
CA ALA A 39 -32.93 -26.54 2.25
C ALA A 39 -31.68 -26.23 1.46
N ALA A 40 -31.81 -25.53 0.33
CA ALA A 40 -30.67 -25.23 -0.53
C ALA A 40 -30.01 -23.90 -0.22
N TYR A 41 -30.53 -23.16 0.77
CA TYR A 41 -30.15 -21.76 0.97
C TYR A 41 -28.64 -21.58 1.00
N ARG A 42 -27.93 -22.40 1.77
CA ARG A 42 -26.49 -22.26 1.89
C ARG A 42 -25.80 -23.60 1.64
N ARG A 43 -26.37 -24.36 0.72
CA ARG A 43 -25.84 -25.68 0.39
C ARG A 43 -24.40 -25.54 -0.09
N PRO A 44 -23.49 -26.40 0.37
CA PRO A 44 -22.11 -26.34 -0.12
C PRO A 44 -22.07 -26.33 -1.65
N GLU A 45 -21.15 -25.50 -2.17
CA GLU A 45 -21.05 -25.33 -3.61
C GLU A 45 -20.76 -26.64 -4.33
N THR A 46 -19.95 -27.52 -3.74
CA THR A 46 -19.69 -28.81 -4.38
C THR A 46 -20.94 -29.67 -4.51
N GLU A 47 -21.94 -29.45 -3.67
CA GLU A 47 -23.19 -30.20 -3.79
C GLU A 47 -24.12 -29.59 -4.83
N CYS A 48 -24.02 -28.27 -5.05
CA CYS A 48 -24.93 -27.60 -5.97
C CYS A 48 -24.60 -27.92 -7.42
N LEU A 49 -23.31 -27.98 -7.75
CA LEU A 49 -22.94 -27.97 -9.16
C LEU A 49 -23.27 -29.22 -9.97
N PRO A 50 -23.06 -30.44 -9.47
CA PRO A 50 -23.25 -31.63 -10.32
C PRO A 50 -24.63 -31.70 -10.95
N PRO A 51 -25.74 -31.49 -10.22
CA PRO A 51 -27.04 -31.51 -10.90
C PRO A 51 -27.21 -30.40 -11.91
N LEU A 52 -26.55 -29.25 -11.70
CA LEU A 52 -26.63 -28.16 -12.67
C LEU A 52 -25.86 -28.53 -13.93
N VAL A 53 -24.69 -29.12 -13.76
CA VAL A 53 -23.92 -29.62 -14.91
C VAL A 53 -24.75 -30.61 -15.71
N GLU A 54 -25.39 -31.56 -15.00
CA GLU A 54 -26.22 -32.55 -15.68
C GLU A 54 -27.35 -31.87 -16.46
N ALA A 55 -28.04 -30.91 -15.83
CA ALA A 55 -29.20 -30.30 -16.47
C ALA A 55 -28.79 -29.41 -17.64
N ALA A 56 -27.59 -28.87 -17.59
CA ALA A 56 -27.11 -27.94 -18.61
C ALA A 56 -26.39 -28.64 -19.76
N THR A 57 -26.21 -29.94 -19.70
CA THR A 57 -25.49 -30.67 -20.73
C THR A 57 -26.28 -30.67 -22.03
N GLN A 58 -25.59 -30.44 -23.15
CA GLN A 58 -26.21 -30.50 -24.46
C GLN A 58 -25.32 -31.36 -25.38
N SER A 59 -25.89 -31.76 -26.50
CA SER A 59 -25.18 -32.62 -27.43
C SER A 59 -23.95 -31.90 -28.00
N LYS A 60 -22.98 -32.70 -28.46
CA LYS A 60 -21.80 -32.13 -29.08
C LYS A 60 -22.18 -31.25 -30.28
N GLU A 61 -23.16 -31.69 -31.08
CA GLU A 61 -23.59 -30.90 -32.23
C GLU A 61 -24.14 -29.54 -31.79
N ILE A 62 -24.93 -29.52 -30.71
CA ILE A 62 -25.45 -28.26 -30.21
C ILE A 62 -24.34 -27.37 -29.67
N ARG A 63 -23.41 -27.95 -28.90
CA ARG A 63 -22.32 -27.17 -28.34
C ARG A 63 -21.46 -26.55 -29.44
N ASP A 64 -21.23 -27.29 -30.53
CA ASP A 64 -20.49 -26.73 -31.64
C ASP A 64 -21.30 -25.63 -32.33
N ALA A 65 -22.60 -25.82 -32.51
CA ALA A 65 -23.42 -24.79 -33.12
C ALA A 65 -23.52 -23.57 -32.22
N ALA A 66 -23.60 -23.79 -30.90
CA ALA A 66 -23.64 -22.68 -29.96
C ALA A 66 -22.34 -21.88 -30.00
N ALA A 67 -21.21 -22.57 -30.05
CA ALA A 67 -19.92 -21.89 -30.11
C ALA A 67 -19.80 -21.08 -31.40
N SER A 68 -20.30 -21.62 -32.51
CA SER A 68 -20.26 -20.89 -33.77
C SER A 68 -21.15 -19.66 -33.70
N THR A 69 -22.36 -19.81 -33.16
CA THR A 69 -23.24 -18.65 -33.02
C THR A 69 -22.63 -17.61 -32.09
N ALA A 70 -22.06 -18.06 -30.96
CA ALA A 70 -21.45 -17.12 -30.03
C ALA A 70 -20.28 -16.39 -30.69
N ARG A 71 -19.44 -17.11 -31.44
CA ARG A 71 -18.33 -16.46 -32.14
C ARG A 71 -18.85 -15.43 -33.12
N LYS A 72 -19.87 -15.79 -33.90
CA LYS A 72 -20.47 -14.85 -34.85
C LYS A 72 -20.97 -13.59 -34.14
N LEU A 73 -21.69 -13.77 -33.01
CA LEU A 73 -22.15 -12.61 -32.25
C LEU A 73 -20.99 -11.78 -31.73
N ILE A 74 -19.95 -12.43 -31.21
CA ILE A 74 -18.82 -11.71 -30.65
C ILE A 74 -18.03 -10.99 -31.75
N GLU A 75 -17.90 -11.64 -32.91
CA GLU A 75 -17.22 -10.98 -34.03
C GLU A 75 -17.99 -9.74 -34.48
N ALA A 76 -19.31 -9.83 -34.55
CA ALA A 76 -20.12 -8.66 -34.86
C ALA A 76 -19.96 -7.57 -33.79
N LEU A 77 -19.93 -7.96 -32.52
CA LEU A 77 -19.77 -6.99 -31.44
C LEU A 77 -18.44 -6.26 -31.56
N ARG A 78 -17.34 -7.01 -31.62
CA ARG A 78 -16.02 -6.40 -31.70
C ARG A 78 -15.80 -5.66 -33.01
N GLY A 79 -16.54 -6.01 -34.06
CA GLY A 79 -16.37 -5.36 -35.35
C GLY A 79 -17.01 -3.99 -35.46
N LYS A 80 -17.98 -3.69 -34.60
CA LYS A 80 -18.66 -2.39 -34.65
C LYS A 80 -18.34 -1.52 -33.45
N HIS A 81 -17.53 -1.99 -32.51
CA HIS A 81 -17.22 -1.26 -31.29
C HIS A 81 -16.57 0.10 -31.57
N SER A 84 -16.76 4.83 -25.61
CA SER A 84 -15.97 5.52 -26.63
C SER A 84 -16.22 7.03 -26.58
N GLY A 85 -17.39 7.43 -26.10
CA GLY A 85 -17.67 8.85 -25.96
C GLY A 85 -16.76 9.52 -24.95
N VAL A 86 -16.72 8.99 -23.73
CA VAL A 86 -15.79 9.50 -22.72
C VAL A 86 -14.36 9.29 -23.16
N GLU A 87 -14.07 8.12 -23.73
CA GLU A 87 -12.73 7.85 -24.24
C GLU A 87 -12.32 8.86 -25.30
N GLY A 88 -13.24 9.20 -26.21
CA GLY A 88 -12.91 10.18 -27.23
C GLY A 88 -12.63 11.54 -26.65
N LEU A 89 -13.36 11.91 -25.60
CA LEU A 89 -13.15 13.19 -24.93
C LEU A 89 -11.78 13.21 -24.25
N VAL A 90 -11.48 12.15 -23.48
CA VAL A 90 -10.18 12.03 -22.83
C VAL A 90 -9.06 12.15 -23.85
N GLN A 91 -9.21 11.49 -25.00
CA GLN A 91 -8.19 11.54 -26.04
C GLN A 91 -8.05 12.94 -26.62
N GLU A 92 -9.16 13.57 -26.99
CA GLU A 92 -9.10 14.85 -27.68
C GLU A 92 -8.41 15.91 -26.84
N TYR A 93 -8.67 15.93 -25.54
CA TYR A 93 -8.11 16.94 -24.66
C TYR A 93 -6.94 16.43 -23.81
N SER A 94 -6.42 15.25 -24.13
CA SER A 94 -5.26 14.70 -23.43
C SER A 94 -5.47 14.71 -21.92
N LEU A 95 -6.66 14.29 -21.50
CA LEU A 95 -7.00 14.30 -20.10
C LEU A 95 -6.38 13.11 -19.39
N SER A 96 -5.86 13.36 -18.20
CA SER A 96 -5.58 12.26 -17.29
C SER A 96 -6.89 11.67 -16.79
N SER A 97 -6.80 10.53 -16.12
CA SER A 97 -8.01 9.92 -15.57
C SER A 97 -8.68 10.84 -14.56
N GLN A 98 -7.89 11.44 -13.67
CA GLN A 98 -8.49 12.34 -12.69
C GLN A 98 -9.12 13.54 -13.36
N GLU A 99 -8.50 14.05 -14.44
CA GLU A 99 -9.12 15.15 -15.18
C GLU A 99 -10.43 14.71 -15.81
N GLY A 100 -10.46 13.52 -16.38
CA GLY A 100 -11.72 13.03 -16.93
C GLY A 100 -12.80 12.94 -15.88
N VAL A 101 -12.48 12.37 -14.72
CA VAL A 101 -13.45 12.26 -13.65
C VAL A 101 -13.90 13.64 -13.19
N ALA A 102 -12.94 14.55 -12.99
CA ALA A 102 -13.29 15.87 -12.48
C ALA A 102 -14.16 16.60 -13.48
N LEU A 103 -13.85 16.46 -14.76
CA LEU A 103 -14.65 17.10 -15.80
C LEU A 103 -16.08 16.59 -15.77
N MET A 104 -16.27 15.29 -15.63
CA MET A 104 -17.65 14.77 -15.59
C MET A 104 -18.37 15.23 -14.33
N CYS A 105 -17.65 15.36 -13.21
CA CYS A 105 -18.28 15.90 -12.01
C CYS A 105 -18.71 17.34 -12.23
N LEU A 106 -17.85 18.14 -12.85
CA LEU A 106 -18.23 19.50 -13.19
C LEU A 106 -19.44 19.49 -14.11
N ALA A 107 -19.42 18.64 -15.13
CA ALA A 107 -20.55 18.62 -16.06
C ALA A 107 -21.82 18.27 -15.32
N GLU A 108 -21.75 17.27 -14.44
CA GLU A 108 -22.90 16.88 -13.62
C GLU A 108 -23.44 18.08 -12.85
N ALA A 109 -22.53 18.85 -12.22
CA ALA A 109 -22.94 20.02 -11.45
C ALA A 109 -23.57 21.08 -12.33
N LEU A 110 -22.97 21.34 -13.50
CA LEU A 110 -23.51 22.32 -14.42
C LEU A 110 -24.91 21.93 -14.89
N LEU A 111 -25.17 20.63 -15.01
CA LEU A 111 -26.48 20.15 -15.43
C LEU A 111 -27.52 20.23 -14.32
N ARG A 112 -27.10 20.48 -13.07
CA ARG A 112 -28.05 20.81 -12.01
C ARG A 112 -28.60 22.23 -12.17
N ILE A 113 -28.00 23.06 -13.01
CA ILE A 113 -28.57 24.35 -13.39
C ILE A 113 -29.63 24.12 -14.45
N PRO A 114 -30.91 24.36 -14.15
CA PRO A 114 -31.98 24.00 -15.11
C PRO A 114 -31.98 24.80 -16.40
N ASP A 115 -31.83 26.12 -16.31
CA ASP A 115 -31.97 26.97 -17.49
C ASP A 115 -30.70 26.88 -18.33
N THR A 116 -30.86 26.50 -19.60
CA THR A 116 -29.71 26.29 -20.47
C THR A 116 -28.92 27.57 -20.68
N ALA A 117 -29.60 28.70 -20.91
CA ALA A 117 -28.91 29.96 -21.11
C ALA A 117 -28.13 30.37 -19.88
N THR A 118 -28.70 30.15 -18.69
CA THR A 118 -27.98 30.46 -17.46
C THR A 118 -26.74 29.61 -17.33
N ARG A 119 -26.85 28.31 -17.65
CA ARG A 119 -25.70 27.43 -17.57
CA ARG A 119 -25.70 27.44 -17.56
C ARG A 119 -24.60 27.86 -18.53
N ASP A 120 -24.97 28.15 -19.78
CA ASP A 120 -23.97 28.52 -20.78
C ASP A 120 -23.27 29.82 -20.41
N ALA A 121 -24.01 30.77 -19.84
CA ALA A 121 -23.39 32.02 -19.41
C ALA A 121 -22.41 31.78 -18.26
N LEU A 122 -22.80 30.94 -17.31
CA LEU A 122 -21.88 30.61 -16.22
C LEU A 122 -20.61 29.95 -16.77
N ILE A 123 -20.77 29.06 -17.74
CA ILE A 123 -19.61 28.40 -18.36
C ILE A 123 -18.73 29.43 -19.05
N ARG A 124 -19.31 30.23 -19.95
CA ARG A 124 -18.51 31.11 -20.79
C ARG A 124 -17.87 32.23 -19.97
N ASP A 125 -18.63 32.82 -19.05
CA ASP A 125 -18.17 34.03 -18.37
C ASP A 125 -17.44 33.75 -17.07
N LYS A 126 -17.78 32.67 -16.37
CA LYS A 126 -17.27 32.42 -15.03
C LYS A 126 -16.42 31.15 -14.92
N ILE A 127 -16.95 29.99 -15.33
CA ILE A 127 -16.23 28.73 -15.14
C ILE A 127 -14.97 28.72 -15.99
N ALA A 128 -15.10 29.04 -17.28
CA ALA A 128 -13.96 28.92 -18.18
C ALA A 128 -12.87 29.92 -17.83
N ASP A 129 -13.25 31.12 -17.40
CA ASP A 129 -12.30 32.21 -17.21
C ASP A 129 -11.40 31.99 -16.00
N GLY A 130 -11.80 31.16 -15.04
CA GLY A 130 -10.93 30.89 -13.92
C GLY A 130 -11.51 30.05 -12.80
N ASN A 131 -11.78 30.68 -11.67
CA ASN A 131 -12.12 29.98 -10.44
C ASN A 131 -13.50 29.34 -10.57
N TRP A 132 -13.51 28.04 -10.88
CA TRP A 132 -14.75 27.29 -10.85
C TRP A 132 -15.27 27.11 -9.43
N LYS A 133 -14.36 27.11 -8.45
CA LYS A 133 -14.77 26.92 -7.06
C LYS A 133 -15.67 28.04 -6.58
N SER A 134 -15.41 29.27 -7.03
CA SER A 134 -16.17 30.43 -6.57
C SER A 134 -17.65 30.34 -6.97
N HIS A 135 -17.98 29.60 -8.02
CA HIS A 135 -19.34 29.57 -8.54
C HIS A 135 -20.05 28.23 -8.34
N LEU A 136 -19.32 27.15 -8.09
CA LEU A 136 -19.93 25.86 -7.84
C LEU A 136 -19.25 25.15 -6.67
N SER A 139 -21.60 24.31 -0.72
CA SER A 139 -22.33 23.48 0.24
C SER A 139 -22.23 21.99 -0.07
N ARG A 140 -22.02 21.68 -1.35
CA ARG A 140 -21.93 20.30 -1.83
C ARG A 140 -20.70 20.21 -2.71
N SER A 141 -19.78 19.30 -2.37
CA SER A 141 -18.61 19.10 -3.20
C SER A 141 -19.03 18.79 -4.62
N LEU A 142 -18.31 19.36 -5.57
CA LEU A 142 -18.53 18.99 -6.96
C LEU A 142 -18.36 17.49 -7.18
N PHE A 143 -17.63 16.83 -6.28
CA PHE A 143 -17.11 15.51 -6.52
C PHE A 143 -17.85 14.44 -5.73
N VAL A 144 -19.05 14.75 -5.24
CA VAL A 144 -19.77 13.78 -4.42
CA VAL A 144 -19.83 13.79 -4.44
C VAL A 144 -19.98 12.46 -5.16
N ASN A 145 -20.21 12.51 -6.48
CA ASN A 145 -20.42 11.29 -7.23
C ASN A 145 -19.19 10.85 -8.02
N ALA A 146 -18.00 11.32 -7.62
CA ALA A 146 -16.82 11.01 -8.41
C ALA A 146 -16.50 9.53 -8.44
N ALA A 147 -16.92 8.74 -7.43
CA ALA A 147 -16.65 7.31 -7.51
C ALA A 147 -17.39 6.70 -8.68
N THR A 148 -18.60 7.18 -8.95
CA THR A 148 -19.36 6.70 -10.09
C THR A 148 -18.71 7.13 -11.38
N TRP A 149 -18.38 8.42 -11.49
CA TRP A 149 -17.70 8.87 -12.69
C TRP A 149 -16.35 8.19 -12.86
N GLY A 150 -15.67 7.87 -11.75
CA GLY A 150 -14.44 7.11 -11.86
C GLY A 150 -14.65 5.77 -12.51
N LEU A 151 -15.76 5.10 -12.16
CA LEU A 151 -16.08 3.84 -12.82
C LEU A 151 -16.30 4.05 -14.30
N VAL A 152 -17.01 5.13 -14.67
CA VAL A 152 -17.26 5.44 -16.08
C VAL A 152 -15.96 5.70 -16.83
N VAL A 153 -15.08 6.51 -16.24
CA VAL A 153 -13.86 6.94 -16.93
C VAL A 153 -12.80 5.84 -16.92
N THR A 154 -12.58 5.19 -15.78
CA THR A 154 -11.44 4.32 -15.60
C THR A 154 -11.80 2.84 -15.57
N GLY A 155 -13.06 2.51 -15.39
CA GLY A 155 -13.45 1.12 -15.20
C GLY A 155 -13.16 0.57 -13.83
N LYS A 156 -12.63 1.38 -12.92
CA LYS A 156 -12.26 0.95 -11.58
C LYS A 156 -13.12 1.68 -10.57
N LEU A 157 -13.48 0.99 -9.49
CA LEU A 157 -14.26 1.57 -8.42
C LEU A 157 -13.34 1.95 -7.28
N THR A 158 -13.44 3.19 -6.81
CA THR A 158 -12.76 3.66 -5.61
C THR A 158 -13.82 4.14 -4.64
N SER A 159 -13.84 3.56 -3.43
CA SER A 159 -14.95 3.77 -2.52
C SER A 159 -15.06 5.23 -2.06
N THR A 160 -13.94 5.90 -1.88
CA THR A 160 -13.96 7.30 -1.50
C THR A 160 -13.28 8.12 -2.58
N VAL A 161 -13.47 9.43 -2.49
CA VAL A 161 -13.14 10.36 -3.55
C VAL A 161 -11.96 11.20 -3.07
N ASN A 162 -10.90 11.26 -3.88
CA ASN A 162 -9.79 12.16 -3.54
C ASN A 162 -10.17 13.52 -4.11
N ASP A 163 -10.91 14.29 -3.30
CA ASP A 163 -11.47 15.53 -3.78
C ASP A 163 -10.41 16.59 -3.99
N ARG A 164 -9.29 16.49 -3.29
CA ARG A 164 -8.21 17.45 -3.53
CA ARG A 164 -8.21 17.44 -3.53
C ARG A 164 -7.52 17.16 -4.85
N SER A 165 -7.35 15.87 -5.18
CA SER A 165 -6.79 15.52 -6.49
C SER A 165 -7.72 15.94 -7.60
N LEU A 166 -9.02 15.72 -7.42
CA LEU A 166 -9.98 16.12 -8.43
C LEU A 166 -10.04 17.63 -8.58
N ALA A 167 -9.98 18.36 -7.46
CA ALA A 167 -10.01 19.82 -7.59
C ALA A 167 -8.78 20.32 -8.34
N ALA A 168 -7.61 19.76 -8.02
CA ALA A 168 -6.41 20.15 -8.77
C ALA A 168 -6.55 19.82 -10.24
N ALA A 169 -7.08 18.64 -10.55
CA ALA A 169 -7.23 18.22 -11.93
C ALA A 169 -8.22 19.11 -12.68
N LEU A 170 -9.30 19.50 -12.03
CA LEU A 170 -10.28 20.37 -12.68
C LEU A 170 -9.67 21.74 -12.96
N THR A 171 -8.99 22.32 -11.97
CA THR A 171 -8.30 23.58 -12.22
C THR A 171 -7.33 23.45 -13.38
N ARG A 172 -6.57 22.35 -13.39
CA ARG A 172 -5.56 22.18 -14.43
C ARG A 172 -6.20 22.06 -15.79
N LEU A 173 -7.27 21.27 -15.91
CA LEU A 173 -7.82 21.05 -17.23
C LEU A 173 -8.54 22.29 -17.74
N ILE A 174 -9.20 23.03 -16.84
CA ILE A 174 -9.88 24.24 -17.28
C ILE A 174 -8.85 25.30 -17.69
N SER A 175 -7.79 25.44 -16.91
CA SER A 175 -6.78 26.42 -17.26
C SER A 175 -6.04 26.05 -18.52
N ARG A 176 -5.97 24.76 -18.83
CA ARG A 176 -5.27 24.34 -20.04
C ARG A 176 -6.17 24.42 -21.25
N CYS A 177 -7.43 24.01 -21.13
CA CYS A 177 -8.28 23.79 -22.28
C CYS A 177 -9.52 24.68 -22.34
N GLY A 178 -9.89 25.32 -21.24
CA GLY A 178 -10.92 26.35 -21.30
C GLY A 178 -12.33 25.86 -21.60
N GLU A 179 -13.11 26.81 -22.11
CA GLU A 179 -14.52 26.54 -22.41
C GLU A 179 -14.74 25.33 -23.31
N PRO A 180 -13.96 25.10 -24.37
CA PRO A 180 -14.25 23.96 -25.24
C PRO A 180 -14.32 22.63 -24.52
N VAL A 181 -13.44 22.38 -23.54
CA VAL A 181 -13.50 21.10 -22.85
C VAL A 181 -14.70 21.05 -21.93
N ILE A 182 -15.08 22.18 -21.33
CA ILE A 182 -16.24 22.19 -20.46
C ILE A 182 -17.49 21.89 -21.27
N ARG A 183 -17.61 22.56 -22.41
CA ARG A 183 -18.74 22.33 -23.31
CA ARG A 183 -18.73 22.33 -23.32
C ARG A 183 -18.83 20.86 -23.70
N ARG A 184 -17.71 20.24 -24.06
CA ARG A 184 -17.75 18.83 -24.45
C ARG A 184 -18.14 17.96 -23.28
N GLY A 185 -17.63 18.29 -22.09
CA GLY A 185 -18.00 17.50 -20.92
C GLY A 185 -19.47 17.61 -20.60
N VAL A 186 -20.02 18.83 -20.66
CA VAL A 186 -21.44 19.03 -20.39
C VAL A 186 -22.28 18.24 -21.38
N ASP A 187 -21.94 18.31 -22.65
CA ASP A 187 -22.73 17.63 -23.66
C ASP A 187 -22.63 16.12 -23.50
N MET A 188 -21.45 15.62 -23.15
CA MET A 188 -21.27 14.19 -22.90
C MET A 188 -22.10 13.74 -21.70
N ALA A 189 -21.99 14.48 -20.59
CA ALA A 189 -22.72 14.11 -19.39
C ALA A 189 -24.22 14.17 -19.64
N MET A 190 -24.68 15.17 -20.40
CA MET A 190 -26.10 15.28 -20.69
C MET A 190 -26.60 14.07 -21.45
N ARG A 191 -25.86 13.66 -22.47
CA ARG A 191 -26.22 12.47 -23.23
C ARG A 191 -26.19 11.23 -22.36
N MET A 192 -25.14 11.05 -21.57
CA MET A 192 -25.04 9.83 -20.78
C MET A 192 -26.14 9.74 -19.74
N MET A 193 -26.37 10.82 -19.01
CA MET A 193 -27.35 10.80 -17.93
CA MET A 193 -27.36 10.76 -17.94
C MET A 193 -28.79 10.88 -18.44
N GLY A 194 -29.00 11.38 -19.65
CA GLY A 194 -30.34 11.55 -20.15
C GLY A 194 -30.76 10.49 -21.15
N GLU A 195 -29.79 9.82 -21.78
CA GLU A 195 -30.08 8.89 -22.87
C GLU A 195 -29.41 7.54 -22.76
N GLN A 196 -28.35 7.39 -21.97
CA GLN A 196 -27.66 6.11 -21.85
CA GLN A 196 -27.65 6.10 -21.84
C GLN A 196 -27.93 5.40 -20.53
N PHE A 197 -27.72 6.08 -19.40
CA PHE A 197 -27.99 5.45 -18.10
C PHE A 197 -29.47 5.33 -17.85
N VAL A 198 -30.27 6.13 -18.54
CA VAL A 198 -31.73 6.00 -18.54
C VAL A 198 -32.21 6.06 -19.97
N THR A 199 -33.36 5.45 -20.22
CA THR A 199 -34.01 5.61 -21.51
C THR A 199 -34.61 7.00 -21.61
N GLY A 200 -35.06 7.55 -20.50
CA GLY A 200 -35.55 8.91 -20.49
C GLY A 200 -35.70 9.36 -19.05
N GLU A 201 -35.85 10.67 -18.89
CA GLU A 201 -35.99 11.23 -17.55
C GLU A 201 -37.37 10.97 -16.97
N THR A 202 -38.38 10.85 -17.83
CA THR A 202 -39.74 10.59 -17.41
C THR A 202 -40.28 9.46 -18.26
N ILE A 203 -41.36 8.86 -17.79
CA ILE A 203 -41.93 7.73 -18.52
C ILE A 203 -42.37 8.16 -19.92
N ARG A 204 -42.90 9.38 -20.05
CA ARG A 204 -43.33 9.84 -21.37
C ARG A 204 -42.14 9.97 -22.32
N GLU A 205 -41.04 10.53 -21.85
CA GLU A 205 -39.84 10.61 -22.68
C GLU A 205 -39.32 9.22 -23.04
N ALA A 206 -39.30 8.32 -22.06
CA ALA A 206 -38.84 6.97 -22.32
C ALA A 206 -39.70 6.27 -23.35
N LEU A 207 -41.02 6.45 -23.25
CA LEU A 207 -41.93 5.83 -24.21
C LEU A 207 -41.72 6.38 -25.62
N LYS A 208 -41.51 7.70 -25.72
CA LYS A 208 -41.25 8.27 -27.04
C LYS A 208 -39.99 7.69 -27.66
N ARG A 209 -38.95 7.50 -26.85
CA ARG A 209 -37.68 6.97 -27.33
C ARG A 209 -37.71 5.48 -27.61
N SER A 210 -38.77 4.79 -27.20
CA SER A 210 -38.83 3.34 -27.38
C SER A 210 -39.36 2.93 -28.74
N LYS A 211 -39.99 3.85 -29.48
CA LYS A 211 -40.65 3.45 -30.72
C LYS A 211 -39.65 2.90 -31.73
N GLU A 212 -38.45 3.47 -31.78
CA GLU A 212 -37.46 3.09 -32.79
C GLU A 212 -37.12 1.60 -32.69
N LEU A 213 -36.78 1.12 -31.49
CA LEU A 213 -36.42 -0.29 -31.37
C LEU A 213 -37.63 -1.21 -31.32
N GLU A 214 -38.78 -0.72 -30.84
CA GLU A 214 -39.99 -1.53 -30.94
C GLU A 214 -40.30 -1.87 -32.39
N GLU A 215 -40.09 -0.92 -33.29
CA GLU A 215 -40.35 -1.16 -34.71
C GLU A 215 -39.41 -2.21 -35.29
N LYS A 216 -38.27 -2.44 -34.66
CA LYS A 216 -37.32 -3.45 -35.08
C LYS A 216 -37.58 -4.81 -34.43
N GLY A 217 -38.50 -4.90 -33.48
CA GLY A 217 -38.83 -6.15 -32.84
C GLY A 217 -38.43 -6.24 -31.39
N PHE A 218 -37.87 -5.19 -30.81
CA PHE A 218 -37.63 -5.18 -29.37
C PHE A 218 -38.92 -4.83 -28.64
N SER A 219 -38.93 -5.17 -27.36
CA SER A 219 -39.94 -4.68 -26.45
C SER A 219 -39.23 -4.03 -25.27
N TYR A 220 -40.02 -3.53 -24.32
CA TYR A 220 -39.47 -2.78 -23.20
C TYR A 220 -40.12 -3.20 -21.90
N SER A 221 -39.33 -3.11 -20.83
CA SER A 221 -39.82 -3.16 -19.47
C SER A 221 -39.24 -1.95 -18.75
N TYR A 222 -40.10 -1.09 -18.24
CA TYR A 222 -39.60 0.17 -17.67
C TYR A 222 -39.36 0.04 -16.18
N ASP A 223 -38.23 0.57 -15.74
CA ASP A 223 -37.83 0.57 -14.35
C ASP A 223 -37.80 2.01 -13.86
N MET A 224 -38.75 2.37 -13.00
CA MET A 224 -38.82 3.71 -12.45
C MET A 224 -37.76 3.96 -11.37
N LEU A 225 -36.86 3.02 -11.13
CA LEU A 225 -35.65 3.19 -10.33
C LEU A 225 -35.92 3.34 -8.84
N GLY A 226 -37.15 3.10 -8.39
CA GLY A 226 -37.41 3.11 -6.96
C GLY A 226 -36.87 1.86 -6.29
N GLU A 227 -36.42 2.02 -5.05
CA GLU A 227 -35.79 0.91 -4.36
C GLU A 227 -35.54 1.33 -2.94
N ALA A 228 -35.65 0.38 -2.02
CA ALA A 228 -35.25 0.55 -0.63
C ALA A 228 -35.87 1.81 -0.02
N ALA A 229 -37.20 1.83 0.02
CA ALA A 229 -37.90 2.86 0.75
C ALA A 229 -37.43 2.90 2.20
N THR A 230 -37.17 4.10 2.68
CA THR A 230 -36.75 4.30 4.06
C THR A 230 -37.90 4.74 4.96
N THR A 231 -38.92 5.37 4.39
CA THR A 231 -40.04 5.92 5.13
C THR A 231 -41.33 5.53 4.44
N ALA A 232 -42.43 5.65 5.18
CA ALA A 232 -43.74 5.49 4.58
C ALA A 232 -43.93 6.43 3.40
N ALA A 233 -43.46 7.67 3.54
CA ALA A 233 -43.62 8.63 2.44
C ALA A 233 -42.85 8.21 1.21
N ASP A 234 -41.65 7.65 1.37
CA ASP A 234 -40.90 7.14 0.24
C ASP A 234 -41.70 6.06 -0.47
N ALA A 235 -42.23 5.12 0.30
CA ALA A 235 -42.96 4.01 -0.27
C ALA A 235 -44.18 4.51 -1.02
N GLU A 236 -44.84 5.53 -0.47
CA GLU A 236 -46.00 6.10 -1.17
C GLU A 236 -45.57 6.78 -2.45
N ARG A 237 -44.45 7.50 -2.42
CA ARG A 237 -43.94 8.14 -3.63
C ARG A 237 -43.61 7.10 -4.69
N TYR A 238 -42.96 6.01 -4.30
CA TYR A 238 -42.63 5.01 -5.30
C TYR A 238 -43.89 4.35 -5.84
N TYR A 239 -44.86 4.12 -4.97
CA TYR A 239 -46.14 3.59 -5.42
C TYR A 239 -46.76 4.48 -6.48
N ARG A 240 -46.90 5.77 -6.18
CA ARG A 240 -47.58 6.61 -7.16
C ARG A 240 -46.76 6.76 -8.43
N ASP A 241 -45.43 6.67 -8.35
CA ASP A 241 -44.62 6.64 -9.56
C ASP A 241 -44.89 5.40 -10.39
N TYR A 242 -44.99 4.24 -9.74
CA TYR A 242 -45.33 3.03 -10.47
C TYR A 242 -46.72 3.11 -11.08
N GLU A 243 -47.68 3.60 -10.30
CA GLU A 243 -49.05 3.69 -10.80
C GLU A 243 -49.11 4.61 -12.02
N SER A 244 -48.47 5.78 -11.91
CA SER A 244 -48.49 6.70 -13.04
C SER A 244 -47.76 6.11 -14.25
N ALA A 245 -46.67 5.38 -14.03
CA ALA A 245 -45.98 4.76 -15.16
C ALA A 245 -46.84 3.67 -15.79
N ILE A 246 -47.55 2.87 -14.99
CA ILE A 246 -48.42 1.86 -15.56
C ILE A 246 -49.45 2.49 -16.47
N HIS A 247 -50.03 3.63 -16.06
CA HIS A 247 -51.00 4.28 -16.95
C HIS A 247 -50.34 4.69 -18.26
N ALA A 248 -49.17 5.30 -18.18
CA ALA A 248 -48.52 5.76 -19.39
C ALA A 248 -48.13 4.58 -20.28
N ILE A 249 -47.57 3.53 -19.68
CA ILE A 249 -47.17 2.35 -20.43
C ILE A 249 -48.39 1.65 -21.01
N GLY A 250 -49.45 1.53 -20.22
CA GLY A 250 -50.65 0.88 -20.70
C GLY A 250 -51.34 1.67 -21.81
N LYS A 251 -51.37 2.99 -21.69
CA LYS A 251 -51.92 3.80 -22.77
C LYS A 251 -51.12 3.60 -24.05
N ALA A 252 -49.80 3.53 -23.91
CA ALA A 252 -48.93 3.37 -25.07
C ALA A 252 -49.00 1.96 -25.61
N SER A 253 -49.12 0.97 -24.73
CA SER A 253 -49.21 -0.40 -25.19
C SER A 253 -50.36 -0.55 -26.16
N ALA A 254 -51.49 0.09 -25.85
CA ALA A 254 -52.63 0.18 -26.74
C ALA A 254 -53.06 -1.19 -27.25
N GLY A 255 -53.15 -2.14 -26.33
CA GLY A 255 -53.64 -3.46 -26.67
C GLY A 255 -52.65 -4.41 -27.30
N ARG A 256 -51.36 -4.06 -27.33
CA ARG A 256 -50.38 -4.99 -27.89
C ARG A 256 -50.18 -6.22 -27.03
N GLY A 257 -50.61 -6.19 -25.78
CA GLY A 257 -50.50 -7.36 -24.94
C GLY A 257 -49.15 -7.48 -24.27
N ILE A 258 -48.98 -8.57 -23.52
CA ILE A 258 -47.86 -8.67 -22.60
C ILE A 258 -46.56 -9.08 -23.26
N TYR A 259 -46.61 -9.67 -24.45
CA TYR A 259 -45.38 -10.12 -25.09
C TYR A 259 -44.83 -9.08 -26.06
N GLU A 260 -45.66 -8.60 -26.97
CA GLU A 260 -45.20 -7.57 -27.90
C GLU A 260 -45.13 -6.21 -27.23
N GLY A 261 -46.02 -5.94 -26.28
CA GLY A 261 -46.14 -4.64 -25.72
C GLY A 261 -45.26 -4.46 -24.50
N PRO A 262 -45.11 -3.21 -24.09
CA PRO A 262 -44.21 -2.89 -22.99
C PRO A 262 -44.82 -3.28 -21.65
N GLY A 263 -43.95 -3.45 -20.67
CA GLY A 263 -44.38 -3.68 -19.30
C GLY A 263 -43.61 -2.85 -18.32
N ILE A 264 -43.80 -3.13 -17.03
CA ILE A 264 -43.11 -2.41 -15.97
C ILE A 264 -42.41 -3.42 -15.08
N SER A 265 -41.33 -2.98 -14.44
CA SER A 265 -40.65 -3.74 -13.41
C SER A 265 -40.72 -2.95 -12.11
N ILE A 266 -40.96 -3.65 -11.01
CA ILE A 266 -41.03 -3.03 -9.69
C ILE A 266 -40.08 -3.76 -8.75
N LYS A 267 -39.70 -3.06 -7.70
CA LYS A 267 -38.97 -3.67 -6.60
C LYS A 267 -39.83 -3.60 -5.36
N LEU A 268 -40.02 -4.76 -4.72
CA LEU A 268 -40.83 -4.76 -3.51
C LEU A 268 -40.26 -3.85 -2.43
N SER A 269 -38.93 -3.70 -2.38
CA SER A 269 -38.35 -2.84 -1.35
C SER A 269 -38.73 -1.39 -1.55
N ALA A 270 -39.14 -1.01 -2.76
CA ALA A 270 -39.60 0.36 -2.97
C ALA A 270 -40.96 0.59 -2.35
N LEU A 271 -41.72 -0.45 -2.08
CA LEU A 271 -43.13 -0.30 -1.74
C LEU A 271 -43.40 -0.43 -0.26
N HIS A 272 -42.37 -0.71 0.54
CA HIS A 272 -42.61 -0.73 1.97
C HIS A 272 -41.28 -0.48 2.64
N PRO A 273 -41.24 0.37 3.67
CA PRO A 273 -39.96 0.65 4.34
C PRO A 273 -39.46 -0.47 5.21
N ARG A 274 -40.27 -1.49 5.50
CA ARG A 274 -39.82 -2.60 6.33
C ARG A 274 -40.04 -3.91 5.60
N TYR A 275 -39.50 -3.99 4.39
CA TYR A 275 -39.64 -5.20 3.58
C TYR A 275 -38.56 -6.16 4.02
N SER A 276 -38.92 -7.06 4.93
CA SER A 276 -37.97 -8.03 5.46
C SER A 276 -38.75 -9.15 6.10
N ARG A 277 -38.09 -10.31 6.19
CA ARG A 277 -38.71 -11.45 6.86
C ARG A 277 -39.11 -11.14 8.29
N ALA A 278 -38.31 -10.32 9.00
CA ALA A 278 -38.65 -10.02 10.38
C ALA A 278 -39.97 -9.29 10.49
N GLN A 279 -40.34 -8.56 9.44
CA GLN A 279 -41.58 -7.81 9.39
C GLN A 279 -42.58 -8.45 8.42
N ALA A 280 -42.56 -9.78 8.32
CA ALA A 280 -43.37 -10.43 7.29
C ALA A 280 -44.85 -10.13 7.45
N ALA A 281 -45.35 -10.04 8.67
CA ALA A 281 -46.78 -9.75 8.85
C ALA A 281 -47.13 -8.38 8.29
N ARG A 282 -46.27 -7.38 8.52
CA ARG A 282 -46.52 -6.08 7.91
C ARG A 282 -46.40 -6.14 6.40
N VAL A 283 -45.45 -6.93 5.89
CA VAL A 283 -45.30 -7.07 4.45
C VAL A 283 -46.57 -7.64 3.83
N MET A 284 -47.08 -8.72 4.40
CA MET A 284 -48.29 -9.31 3.84
C MET A 284 -49.50 -8.40 4.03
N GLY A 285 -49.53 -7.64 5.10
CA GLY A 285 -50.71 -6.85 5.39
C GLY A 285 -50.71 -5.53 4.66
N GLU A 286 -49.53 -4.98 4.41
CA GLU A 286 -49.40 -3.62 3.92
C GLU A 286 -48.77 -3.54 2.54
N LEU A 287 -47.74 -4.34 2.27
CA LEU A 287 -47.09 -4.30 0.97
C LEU A 287 -47.93 -5.03 -0.06
N LEU A 288 -48.39 -6.23 0.28
CA LEU A 288 -49.16 -7.04 -0.66
C LEU A 288 -50.32 -6.29 -1.30
N PRO A 289 -51.20 -5.59 -0.55
CA PRO A 289 -52.29 -4.86 -1.22
C PRO A 289 -51.81 -3.83 -2.20
N ARG A 290 -50.66 -3.22 -1.96
CA ARG A 290 -50.13 -2.25 -2.90
C ARG A 290 -49.70 -2.92 -4.19
N VAL A 291 -49.01 -4.05 -4.10
CA VAL A 291 -48.67 -4.77 -5.32
C VAL A 291 -49.93 -5.22 -6.04
N LYS A 292 -50.92 -5.68 -5.29
CA LYS A 292 -52.15 -6.12 -5.93
C LYS A 292 -52.80 -4.97 -6.68
N ALA A 293 -52.81 -3.78 -6.09
CA ALA A 293 -53.45 -2.66 -6.78
C ALA A 293 -52.70 -2.31 -8.06
N LEU A 294 -51.38 -2.34 -8.03
CA LEU A 294 -50.62 -2.10 -9.26
C LEU A 294 -50.87 -3.21 -10.26
N ALA A 295 -50.95 -4.45 -9.78
CA ALA A 295 -51.19 -5.57 -10.69
C ALA A 295 -52.57 -5.49 -11.33
N LEU A 296 -53.56 -5.04 -10.58
CA LEU A 296 -54.90 -4.87 -11.14
C LEU A 296 -54.88 -3.87 -12.28
N LEU A 297 -54.10 -2.80 -12.13
CA LEU A 297 -54.02 -1.82 -13.20
C LEU A 297 -53.26 -2.39 -14.39
N ALA A 298 -52.18 -3.11 -14.14
CA ALA A 298 -51.46 -3.75 -15.25
C ALA A 298 -52.37 -4.74 -15.97
N LYS A 299 -53.18 -5.47 -15.21
CA LYS A 299 -54.16 -6.37 -15.82
CA LYS A 299 -54.16 -6.37 -15.82
C LYS A 299 -55.12 -5.61 -16.72
N ASN A 300 -55.59 -4.45 -16.27
CA ASN A 300 -56.58 -3.75 -17.08
C ASN A 300 -56.00 -3.28 -18.41
N TYR A 301 -54.74 -2.85 -18.41
CA TYR A 301 -54.08 -2.47 -19.64
C TYR A 301 -53.47 -3.65 -20.37
N ASP A 302 -53.42 -4.83 -19.74
CA ASP A 302 -52.80 -6.03 -20.29
C ASP A 302 -51.33 -5.79 -20.61
N ILE A 303 -50.59 -5.35 -19.60
CA ILE A 303 -49.15 -5.19 -19.69
C ILE A 303 -48.48 -6.09 -18.68
N GLY A 304 -47.19 -6.33 -18.90
CA GLY A 304 -46.41 -7.11 -17.94
C GLY A 304 -46.09 -6.28 -16.70
N LEU A 305 -46.07 -6.95 -15.56
CA LEU A 305 -45.62 -6.36 -14.31
C LEU A 305 -44.67 -7.34 -13.66
N ASN A 306 -43.39 -7.00 -13.62
CA ASN A 306 -42.35 -7.91 -13.17
C ASN A 306 -41.87 -7.48 -11.79
N ILE A 307 -41.71 -8.46 -10.90
CA ILE A 307 -41.11 -8.23 -9.60
C ILE A 307 -39.63 -8.53 -9.69
N ASP A 308 -38.80 -7.49 -9.59
CA ASP A 308 -37.35 -7.65 -9.63
C ASP A 308 -36.88 -8.38 -8.38
N ALA A 309 -35.76 -9.10 -8.51
CA ALA A 309 -35.20 -9.84 -7.38
C ALA A 309 -34.13 -9.01 -6.71
N GLU A 310 -34.13 -9.07 -5.38
CA GLU A 310 -33.23 -8.22 -4.61
C GLU A 310 -32.26 -9.08 -3.79
N GLU A 311 -32.04 -8.72 -2.53
CA GLU A 311 -31.08 -9.46 -1.72
C GLU A 311 -31.56 -10.87 -1.43
N ALA A 312 -30.60 -11.74 -1.12
CA ALA A 312 -30.93 -13.14 -0.92
C ALA A 312 -31.91 -13.35 0.23
N ASP A 313 -31.85 -12.51 1.26
CA ASP A 313 -32.76 -12.67 2.40
C ASP A 313 -34.17 -12.18 2.13
N ARG A 314 -34.45 -11.74 0.92
CA ARG A 314 -35.77 -11.33 0.52
C ARG A 314 -36.40 -12.30 -0.47
N LEU A 315 -35.62 -13.24 -0.99
CA LEU A 315 -36.14 -14.18 -1.99
C LEU A 315 -37.38 -14.91 -1.50
N GLU A 316 -37.25 -15.65 -0.40
CA GLU A 316 -38.35 -16.50 0.00
C GLU A 316 -39.55 -15.68 0.44
N LEU A 317 -39.33 -14.54 1.09
CA LEU A 317 -40.44 -13.66 1.43
C LEU A 317 -41.21 -13.23 0.18
N SER A 318 -40.49 -12.90 -0.89
CA SER A 318 -41.16 -12.46 -2.10
C SER A 318 -42.02 -13.55 -2.69
N LEU A 319 -41.65 -14.81 -2.45
CA LEU A 319 -42.47 -15.91 -2.94
C LEU A 319 -43.83 -15.95 -2.28
N ASP A 320 -43.92 -15.53 -1.01
CA ASP A 320 -45.22 -15.48 -0.37
C ASP A 320 -46.13 -14.47 -1.03
N LEU A 321 -45.57 -13.35 -1.50
CA LEU A 321 -46.39 -12.40 -2.23
C LEU A 321 -46.77 -12.94 -3.60
N LEU A 322 -45.80 -13.55 -4.30
CA LEU A 322 -46.11 -14.11 -5.61
C LEU A 322 -47.21 -15.15 -5.51
N GLU A 323 -47.16 -15.98 -4.47
CA GLU A 323 -48.19 -17.00 -4.27
C GLU A 323 -49.56 -16.37 -4.11
N VAL A 324 -49.70 -15.41 -3.20
CA VAL A 324 -51.01 -14.81 -2.97
C VAL A 324 -51.52 -14.13 -4.23
N LEU A 325 -50.65 -13.42 -4.94
CA LEU A 325 -51.10 -12.70 -6.13
C LEU A 325 -51.56 -13.66 -7.20
N CYS A 326 -50.81 -14.74 -7.41
CA CYS A 326 -51.18 -15.67 -8.47
C CYS A 326 -52.43 -16.46 -8.13
N LEU A 327 -52.77 -16.60 -6.86
CA LEU A 327 -53.98 -17.28 -6.45
C LEU A 327 -55.16 -16.34 -6.28
N ASP A 328 -54.96 -15.04 -6.46
CA ASP A 328 -56.01 -14.06 -6.22
C ASP A 328 -56.91 -13.98 -7.45
N GLY A 329 -58.18 -14.36 -7.28
CA GLY A 329 -59.10 -14.39 -8.40
C GLY A 329 -59.31 -13.03 -9.06
N ASP A 330 -59.09 -11.94 -8.33
CA ASP A 330 -59.26 -10.62 -8.93
C ASP A 330 -58.26 -10.37 -10.05
N LEU A 331 -57.15 -11.10 -10.08
CA LEU A 331 -56.14 -10.93 -11.11
C LEU A 331 -56.27 -11.94 -12.23
N SER A 332 -57.29 -12.77 -12.19
CA SER A 332 -57.36 -13.86 -13.17
C SER A 332 -57.63 -13.31 -14.56
N GLY A 333 -57.19 -14.05 -15.55
CA GLY A 333 -57.34 -13.64 -16.92
C GLY A 333 -56.16 -12.88 -17.47
N TRP A 334 -55.19 -12.56 -16.62
CA TRP A 334 -54.03 -11.77 -17.01
C TRP A 334 -52.80 -12.61 -16.73
N ASN A 335 -51.93 -12.73 -17.74
CA ASN A 335 -50.71 -13.50 -17.62
C ASN A 335 -49.48 -12.62 -17.51
N GLY A 336 -49.68 -11.35 -17.18
CA GLY A 336 -48.56 -10.42 -17.16
C GLY A 336 -47.73 -10.41 -15.90
N MET A 337 -48.12 -11.12 -14.83
CA MET A 337 -47.29 -11.13 -13.63
CA MET A 337 -47.29 -11.14 -13.63
C MET A 337 -45.95 -11.80 -13.92
N GLY A 338 -44.87 -11.12 -13.57
CA GLY A 338 -43.54 -11.63 -13.83
C GLY A 338 -42.72 -11.62 -12.56
N PHE A 339 -41.67 -12.42 -12.56
CA PHE A 339 -40.87 -12.62 -11.36
C PHE A 339 -39.46 -13.02 -11.75
N VAL A 340 -38.49 -12.36 -11.16
CA VAL A 340 -37.09 -12.62 -11.45
C VAL A 340 -36.55 -13.70 -10.54
N VAL A 341 -35.73 -14.58 -11.11
CA VAL A 341 -34.95 -15.53 -10.32
CA VAL A 341 -34.95 -15.52 -10.32
C VAL A 341 -33.48 -15.37 -10.68
N GLN A 342 -32.64 -15.39 -9.65
CA GLN A 342 -31.21 -15.11 -9.79
C GLN A 342 -30.42 -16.41 -9.81
N ALA A 343 -29.82 -16.70 -10.97
CA ALA A 343 -29.09 -17.94 -11.15
C ALA A 343 -27.79 -17.98 -10.34
N TYR A 344 -27.29 -16.84 -9.87
CA TYR A 344 -26.17 -16.92 -8.96
C TYR A 344 -26.54 -17.47 -7.61
N GLY A 345 -27.83 -17.68 -7.36
CA GLY A 345 -28.28 -18.16 -6.07
C GLY A 345 -28.42 -19.67 -6.07
N LYS A 346 -28.03 -20.27 -4.95
CA LYS A 346 -28.06 -21.72 -4.81
C LYS A 346 -29.48 -22.28 -4.83
N ARG A 347 -30.47 -21.45 -4.51
CA ARG A 347 -31.85 -21.91 -4.49
C ARG A 347 -32.53 -21.83 -5.85
N CYS A 348 -31.88 -21.25 -6.85
CA CYS A 348 -32.53 -20.94 -8.13
C CYS A 348 -33.35 -22.08 -8.73
N PRO A 349 -32.78 -23.26 -8.96
CA PRO A 349 -33.60 -24.32 -9.58
C PRO A 349 -34.79 -24.73 -8.74
N PHE A 350 -34.66 -24.67 -7.42
CA PHE A 350 -35.77 -25.02 -6.53
C PHE A 350 -36.82 -23.94 -6.51
N VAL A 351 -36.38 -22.69 -6.63
CA VAL A 351 -37.33 -21.58 -6.78
C VAL A 351 -38.11 -21.75 -8.06
N LEU A 352 -37.41 -22.09 -9.15
CA LEU A 352 -38.08 -22.32 -10.42
C LEU A 352 -39.08 -23.47 -10.32
N ASP A 353 -38.70 -24.57 -9.65
CA ASP A 353 -39.66 -25.66 -9.46
C ASP A 353 -40.91 -25.15 -8.76
N PHE A 354 -40.72 -24.32 -7.73
CA PHE A 354 -41.85 -23.76 -7.00
C PHE A 354 -42.69 -22.89 -7.91
N ILE A 355 -42.06 -22.02 -8.71
CA ILE A 355 -42.79 -21.10 -9.56
C ILE A 355 -43.53 -21.85 -10.66
N ILE A 356 -42.87 -22.83 -11.28
CA ILE A 356 -43.53 -23.60 -12.32
C ILE A 356 -44.75 -24.32 -11.75
N ASP A 357 -44.62 -24.87 -10.55
CA ASP A 357 -45.77 -25.51 -9.93
C ASP A 357 -46.85 -24.49 -9.59
N LEU A 358 -46.47 -23.31 -9.10
CA LEU A 358 -47.46 -22.27 -8.83
C LEU A 358 -48.17 -21.86 -10.10
N ALA A 359 -47.43 -21.76 -11.20
CA ALA A 359 -48.05 -21.44 -12.48
C ALA A 359 -49.05 -22.52 -12.88
N ARG A 360 -48.71 -23.79 -12.65
CA ARG A 360 -49.65 -24.86 -12.95
C ARG A 360 -50.89 -24.77 -12.08
N ARG A 361 -50.70 -24.59 -10.76
CA ARG A 361 -51.83 -24.54 -9.84
C ARG A 361 -52.74 -23.36 -10.15
N SER A 362 -52.15 -22.19 -10.39
CA SER A 362 -52.92 -20.98 -10.59
C SER A 362 -53.46 -20.86 -12.01
N GLY A 363 -52.86 -21.58 -12.95
CA GLY A 363 -53.17 -21.36 -14.35
C GLY A 363 -52.65 -20.07 -14.93
N ARG A 364 -51.76 -19.37 -14.21
CA ARG A 364 -51.16 -18.13 -14.68
C ARG A 364 -49.85 -18.49 -15.35
N ARG A 365 -49.64 -18.00 -16.57
CA ARG A 365 -48.40 -18.26 -17.27
C ARG A 365 -47.39 -17.23 -16.78
N ILE A 366 -46.73 -17.55 -15.66
CA ILE A 366 -45.87 -16.57 -14.99
C ILE A 366 -44.71 -16.25 -15.91
N MET A 367 -44.41 -14.96 -16.03
CA MET A 367 -43.25 -14.51 -16.80
C MET A 367 -42.05 -14.60 -15.89
N VAL A 368 -41.10 -15.44 -16.23
CA VAL A 368 -39.99 -15.71 -15.34
C VAL A 368 -38.75 -15.11 -15.98
N ARG A 369 -38.20 -14.07 -15.37
CA ARG A 369 -36.96 -13.49 -15.87
C ARG A 369 -35.80 -14.16 -15.16
N LEU A 370 -35.01 -14.89 -15.91
CA LEU A 370 -33.81 -15.51 -15.37
C LEU A 370 -32.66 -14.53 -15.54
N VAL A 371 -32.03 -14.18 -14.42
CA VAL A 371 -30.88 -13.30 -14.43
C VAL A 371 -29.77 -14.03 -13.71
N LYS A 372 -28.56 -13.48 -13.78
CA LYS A 372 -27.51 -14.03 -12.93
C LYS A 372 -27.62 -13.47 -11.51
N GLY A 373 -27.51 -12.17 -11.34
CA GLY A 373 -27.78 -11.56 -10.06
C GLY A 373 -26.91 -10.33 -9.85
N ALA A 374 -27.46 -9.34 -9.14
CA ALA A 374 -26.86 -8.01 -9.10
C ALA A 374 -26.16 -7.66 -7.78
N TYR A 375 -26.24 -8.51 -6.76
CA TYR A 375 -25.79 -8.14 -5.43
C TYR A 375 -24.65 -9.02 -4.94
N TRP A 376 -23.86 -9.56 -5.87
CA TRP A 376 -22.90 -10.60 -5.49
C TRP A 376 -21.96 -10.15 -4.38
N ASP A 377 -21.27 -9.02 -4.56
CA ASP A 377 -20.30 -8.55 -3.56
CA ASP A 377 -20.30 -8.65 -3.54
C ASP A 377 -20.96 -8.40 -2.20
N ALA A 378 -22.17 -7.84 -2.19
CA ALA A 378 -22.85 -7.57 -0.94
C ALA A 378 -23.26 -8.87 -0.26
N GLU A 379 -23.64 -9.88 -1.04
CA GLU A 379 -23.99 -11.17 -0.44
C GLU A 379 -22.78 -11.81 0.22
N ILE A 380 -21.60 -11.66 -0.40
CA ILE A 380 -20.39 -12.23 0.21
C ILE A 380 -20.10 -11.53 1.53
N LYS A 381 -20.15 -10.19 1.52
CA LYS A 381 -19.88 -9.46 2.74
C LYS A 381 -20.88 -9.80 3.84
N ARG A 382 -22.17 -9.85 3.49
CA ARG A 382 -23.19 -10.06 4.51
C ARG A 382 -23.01 -11.42 5.18
N ALA A 383 -22.75 -12.46 4.38
CA ALA A 383 -22.60 -13.79 4.98
C ALA A 383 -21.39 -13.82 5.90
N GLN A 384 -20.31 -13.14 5.52
CA GLN A 384 -19.13 -13.10 6.37
C GLN A 384 -19.44 -12.34 7.66
N LEU A 385 -20.08 -11.18 7.54
CA LEU A 385 -20.42 -10.41 8.75
C LEU A 385 -21.28 -11.21 9.70
N ASP A 386 -22.23 -11.97 9.15
CA ASP A 386 -23.19 -12.66 9.98
C ASP A 386 -22.70 -14.01 10.45
N GLY A 387 -21.48 -14.40 10.05
CA GLY A 387 -20.92 -15.66 10.53
C GLY A 387 -21.73 -16.87 10.12
N LEU A 388 -22.25 -16.87 8.90
CA LEU A 388 -23.14 -17.95 8.52
C LEU A 388 -22.37 -19.09 7.88
N ALA A 389 -23.07 -20.21 7.69
CA ALA A 389 -22.38 -21.44 7.35
C ALA A 389 -21.74 -21.35 5.97
N ASP A 390 -22.37 -20.66 5.04
CA ASP A 390 -21.90 -20.61 3.67
C ASP A 390 -22.61 -19.43 3.01
N PHE A 391 -22.30 -19.20 1.77
CA PHE A 391 -22.91 -18.12 1.03
C PHE A 391 -24.20 -18.59 0.38
N PRO A 392 -25.14 -17.68 0.14
CA PRO A 392 -26.37 -18.04 -0.58
C PRO A 392 -26.21 -17.88 -2.08
N VAL A 393 -25.01 -17.56 -2.53
CA VAL A 393 -24.69 -17.40 -3.93
C VAL A 393 -23.42 -18.20 -4.21
N PHE A 394 -23.21 -18.51 -5.47
CA PHE A 394 -21.97 -19.13 -5.89
C PHE A 394 -20.81 -18.16 -5.71
N THR A 395 -19.61 -18.70 -5.62
CA THR A 395 -18.42 -17.89 -5.45
C THR A 395 -17.49 -17.92 -6.65
N ARG A 396 -17.73 -18.79 -7.62
CA ARG A 396 -17.01 -18.75 -8.89
C ARG A 396 -18.00 -18.36 -9.97
N LYS A 397 -17.59 -17.39 -10.78
CA LYS A 397 -18.49 -16.86 -11.80
C LYS A 397 -18.96 -17.98 -12.73
N ILE A 398 -18.08 -18.93 -13.03
CA ILE A 398 -18.46 -19.99 -13.96
C ILE A 398 -19.58 -20.85 -13.38
N HIS A 399 -19.67 -20.94 -12.06
CA HIS A 399 -20.76 -21.68 -11.45
C HIS A 399 -22.09 -21.01 -11.73
N THR A 400 -22.13 -19.69 -11.63
CA THR A 400 -23.33 -18.95 -11.99
C THR A 400 -23.71 -19.18 -13.44
N ASP A 401 -22.72 -19.24 -14.34
CA ASP A 401 -23.03 -19.47 -15.75
C ASP A 401 -23.66 -20.83 -15.95
N VAL A 402 -23.10 -21.87 -15.31
CA VAL A 402 -23.68 -23.21 -15.44
C VAL A 402 -25.07 -23.24 -14.83
N SER A 403 -25.22 -22.62 -13.65
CA SER A 403 -26.53 -22.52 -13.02
C SER A 403 -27.53 -21.88 -13.97
N TYR A 404 -27.15 -20.78 -14.61
CA TYR A 404 -28.03 -20.10 -15.54
C TYR A 404 -28.50 -21.04 -16.65
N ILE A 405 -27.54 -21.75 -17.27
CA ILE A 405 -27.88 -22.60 -18.40
C ILE A 405 -28.72 -23.79 -17.94
N ALA A 406 -28.40 -24.34 -16.78
CA ALA A 406 -29.22 -25.43 -16.23
C ALA A 406 -30.64 -24.95 -15.96
N CYS A 407 -30.78 -23.75 -15.39
CA CYS A 407 -32.10 -23.22 -15.10
C CYS A 407 -32.85 -22.88 -16.38
N ALA A 408 -32.13 -22.47 -17.43
CA ALA A 408 -32.77 -22.24 -18.72
C ALA A 408 -33.32 -23.53 -19.29
N ALA A 409 -32.60 -24.64 -19.11
CA ALA A 409 -33.12 -25.93 -19.56
C ALA A 409 -34.41 -26.27 -18.83
N LYS A 410 -34.47 -25.99 -17.53
CA LYS A 410 -35.71 -26.24 -16.78
C LYS A 410 -36.84 -25.38 -17.31
N LEU A 411 -36.58 -24.09 -17.51
CA LEU A 411 -37.61 -23.19 -18.02
C LEU A 411 -38.05 -23.58 -19.43
N LEU A 412 -37.11 -24.00 -20.29
CA LEU A 412 -37.49 -24.32 -21.66
C LEU A 412 -38.32 -25.59 -21.74
N ALA A 413 -38.28 -26.43 -20.72
CA ALA A 413 -39.15 -27.59 -20.66
C ALA A 413 -40.55 -27.26 -20.18
N ALA A 414 -40.79 -26.01 -19.81
CA ALA A 414 -42.03 -25.60 -19.16
C ALA A 414 -42.66 -24.39 -19.83
N THR A 415 -42.36 -24.16 -21.11
CA THR A 415 -42.90 -22.99 -21.80
C THR A 415 -44.41 -23.03 -21.95
N ASP A 416 -45.04 -24.21 -21.77
CA ASP A 416 -46.50 -24.20 -21.76
C ASP A 416 -47.06 -23.53 -20.52
N VAL A 417 -46.31 -23.51 -19.42
CA VAL A 417 -46.85 -23.01 -18.16
C VAL A 417 -46.17 -21.74 -17.65
N VAL A 418 -44.95 -21.43 -18.10
CA VAL A 418 -44.29 -20.17 -17.80
C VAL A 418 -43.76 -19.56 -19.09
N PHE A 419 -43.46 -18.27 -19.04
CA PHE A 419 -42.87 -17.55 -20.16
C PHE A 419 -41.45 -17.20 -19.76
N PRO A 420 -40.44 -17.94 -20.23
CA PRO A 420 -39.05 -17.65 -19.82
C PRO A 420 -38.54 -16.41 -20.51
N GLN A 421 -37.80 -15.62 -19.75
CA GLN A 421 -37.20 -14.38 -20.23
C GLN A 421 -35.74 -14.43 -19.84
N PHE A 422 -34.87 -14.59 -20.82
CA PHE A 422 -33.45 -14.84 -20.55
C PHE A 422 -32.70 -13.52 -20.61
N ALA A 423 -32.50 -12.93 -19.44
CA ALA A 423 -31.82 -11.64 -19.35
C ALA A 423 -30.32 -11.91 -19.25
N THR A 424 -29.59 -11.55 -20.30
CA THR A 424 -28.14 -11.71 -20.25
C THR A 424 -27.51 -10.87 -21.35
N HIS A 425 -26.32 -10.37 -21.07
CA HIS A 425 -25.51 -9.72 -22.08
C HIS A 425 -24.38 -10.61 -22.56
N ASN A 426 -24.34 -11.85 -22.10
CA ASN A 426 -23.23 -12.75 -22.40
C ASN A 426 -23.60 -13.55 -23.66
N ALA A 427 -22.84 -13.32 -24.75
CA ALA A 427 -23.14 -13.96 -26.02
C ALA A 427 -23.00 -15.48 -25.95
N GLN A 428 -22.13 -15.98 -25.08
CA GLN A 428 -22.01 -17.43 -24.90
C GLN A 428 -23.27 -17.98 -24.26
N THR A 429 -23.72 -17.35 -23.17
CA THR A 429 -24.98 -17.74 -22.53
C THR A 429 -26.12 -17.68 -23.51
N LEU A 430 -26.20 -16.59 -24.29
CA LEU A 430 -27.28 -16.41 -25.24
C LEU A 430 -27.28 -17.52 -26.27
N ALA A 431 -26.12 -17.77 -26.88
CA ALA A 431 -26.04 -18.77 -27.94
C ALA A 431 -26.40 -20.15 -27.43
N ALA A 432 -25.97 -20.48 -26.22
CA ALA A 432 -26.29 -21.79 -25.64
C ALA A 432 -27.79 -21.98 -25.50
N ILE A 433 -28.49 -20.92 -25.09
CA ILE A 433 -29.93 -21.03 -24.89
C ILE A 433 -30.65 -20.98 -26.21
N TYR A 434 -30.19 -20.14 -27.14
CA TYR A 434 -30.79 -20.08 -28.46
C TYR A 434 -30.84 -21.45 -29.11
N HIS A 435 -29.75 -22.21 -29.00
CA HIS A 435 -29.72 -23.54 -29.59
C HIS A 435 -30.45 -24.55 -28.74
N MET A 436 -30.37 -24.41 -27.41
CA MET A 436 -31.15 -25.27 -26.53
C MET A 436 -32.63 -25.17 -26.82
N ALA A 437 -33.13 -23.97 -27.11
CA ALA A 437 -34.56 -23.78 -27.33
C ALA A 437 -35.01 -24.36 -28.66
N GLY A 438 -34.11 -24.48 -29.64
CA GLY A 438 -34.43 -25.14 -30.89
C GLY A 438 -35.10 -24.24 -31.89
N LYS A 439 -35.49 -24.86 -33.01
CA LYS A 439 -35.95 -24.13 -34.18
C LYS A 439 -37.41 -23.74 -34.12
N ASP A 440 -38.23 -24.43 -33.31
CA ASP A 440 -39.64 -24.10 -33.16
C ASP A 440 -39.75 -22.86 -32.29
N PHE A 441 -40.18 -21.75 -32.88
CA PHE A 441 -40.33 -20.53 -32.12
C PHE A 441 -41.58 -19.78 -32.54
N HIS A 442 -42.21 -19.16 -31.57
CA HIS A 442 -43.28 -18.21 -31.83
C HIS A 442 -43.19 -17.17 -30.75
N VAL A 443 -43.59 -15.93 -31.08
CA VAL A 443 -43.60 -14.88 -30.08
C VAL A 443 -44.55 -15.29 -28.97
N GLY A 444 -44.07 -15.20 -27.74
CA GLY A 444 -44.77 -15.74 -26.60
C GLY A 444 -44.18 -17.02 -26.07
N LYS A 445 -43.30 -17.67 -26.82
CA LYS A 445 -42.71 -18.91 -26.30
C LYS A 445 -41.67 -18.60 -25.23
N TYR A 446 -40.72 -17.74 -25.56
CA TYR A 446 -39.75 -17.18 -24.62
C TYR A 446 -39.21 -15.92 -25.25
N GLU A 447 -38.41 -15.19 -24.49
CA GLU A 447 -37.71 -14.03 -25.06
C GLU A 447 -36.37 -13.91 -24.36
N PHE A 448 -35.52 -13.07 -24.93
CA PHE A 448 -34.32 -12.62 -24.26
C PHE A 448 -34.60 -11.25 -23.65
N GLN A 449 -33.72 -10.82 -22.76
CA GLN A 449 -33.80 -9.47 -22.22
C GLN A 449 -32.42 -8.88 -22.09
N CYS A 450 -32.37 -7.56 -22.13
CA CYS A 450 -31.11 -6.86 -21.96
C CYS A 450 -31.36 -5.52 -21.30
N LEU A 451 -30.28 -4.87 -20.92
CA LEU A 451 -30.38 -3.55 -20.31
C LEU A 451 -30.22 -2.47 -21.36
N HIS A 452 -31.05 -1.43 -21.24
CA HIS A 452 -30.94 -0.26 -22.11
C HIS A 452 -29.52 0.31 -22.04
N GLY A 453 -29.02 0.73 -23.20
CA GLY A 453 -27.73 1.39 -23.21
C GLY A 453 -26.57 0.48 -22.88
N MET A 454 -26.77 -0.83 -23.03
CA MET A 454 -25.72 -1.80 -22.76
C MET A 454 -25.88 -3.00 -23.67
N GLY A 455 -27.09 -3.55 -23.73
CA GLY A 455 -27.30 -4.78 -24.47
C GLY A 455 -27.69 -4.65 -25.92
N GLU A 456 -28.02 -3.44 -26.39
CA GLU A 456 -28.48 -3.30 -27.76
C GLU A 456 -27.47 -3.74 -28.81
N PRO A 457 -26.17 -3.45 -28.70
CA PRO A 457 -25.24 -3.95 -29.74
C PRO A 457 -25.31 -5.45 -29.91
N LEU A 458 -25.40 -6.21 -28.81
CA LEU A 458 -25.54 -7.66 -28.93
C LEU A 458 -26.88 -8.04 -29.53
N TYR A 459 -27.96 -7.48 -29.00
CA TYR A 459 -29.27 -7.95 -29.42
C TYR A 459 -29.70 -7.42 -30.79
N GLU A 460 -29.03 -6.38 -31.30
CA GLU A 460 -29.22 -6.06 -32.70
C GLU A 460 -28.67 -7.13 -33.63
N GLU A 461 -27.88 -8.07 -33.10
CA GLU A 461 -27.46 -9.25 -33.85
C GLU A 461 -28.38 -10.44 -33.60
N VAL A 462 -29.45 -10.24 -32.84
CA VAL A 462 -30.36 -11.31 -32.43
C VAL A 462 -31.77 -11.05 -32.95
N VAL A 463 -32.30 -9.86 -32.68
CA VAL A 463 -33.68 -9.54 -33.05
C VAL A 463 -33.79 -9.37 -34.55
N GLY A 464 -34.89 -9.85 -35.11
CA GLY A 464 -35.14 -9.58 -36.51
C GLY A 464 -34.93 -10.81 -37.38
N ARG A 465 -35.73 -10.89 -38.45
CA ARG A 465 -35.67 -12.06 -39.33
C ARG A 465 -34.30 -12.21 -39.99
N GLY A 466 -33.58 -11.10 -40.19
CA GLY A 466 -32.26 -11.18 -40.74
C GLY A 466 -31.17 -11.58 -39.78
N LYS A 467 -31.53 -11.82 -38.50
CA LYS A 467 -30.56 -12.22 -37.49
C LYS A 467 -30.98 -13.60 -36.98
N LEU A 468 -31.20 -13.76 -35.67
CA LEU A 468 -31.67 -15.00 -35.09
C LEU A 468 -33.19 -15.04 -34.95
N ASP A 469 -33.87 -13.93 -35.25
CA ASP A 469 -35.32 -13.84 -35.20
C ASP A 469 -35.85 -14.25 -33.84
N ARG A 470 -35.21 -13.74 -32.80
CA ARG A 470 -35.70 -13.91 -31.44
C ARG A 470 -35.89 -12.55 -30.79
N PRO A 471 -36.96 -12.38 -30.03
CA PRO A 471 -37.26 -11.06 -29.44
C PRO A 471 -36.40 -10.79 -28.22
N CYS A 472 -36.24 -9.50 -27.94
CA CYS A 472 -35.51 -9.08 -26.76
C CYS A 472 -36.28 -7.94 -26.12
N ARG A 473 -36.49 -8.03 -24.82
CA ARG A 473 -37.11 -6.97 -24.06
C ARG A 473 -36.02 -6.15 -23.38
N ILE A 474 -36.07 -4.84 -23.59
CA ILE A 474 -35.06 -3.94 -23.06
C ILE A 474 -35.53 -3.44 -21.70
N TYR A 475 -34.71 -3.67 -20.67
CA TYR A 475 -34.98 -3.14 -19.34
C TYR A 475 -34.55 -1.68 -19.33
N ALA A 476 -35.50 -0.78 -19.15
CA ALA A 476 -35.31 0.63 -19.46
C ALA A 476 -35.44 1.44 -18.20
N PRO A 477 -34.33 1.86 -17.59
CA PRO A 477 -34.42 2.74 -16.44
C PRO A 477 -34.98 4.09 -16.85
N VAL A 478 -35.78 4.66 -15.96
CA VAL A 478 -36.43 5.94 -16.21
C VAL A 478 -36.26 6.77 -14.96
N GLY A 479 -35.70 7.96 -15.11
CA GLY A 479 -35.59 8.83 -13.94
C GLY A 479 -34.64 9.96 -14.17
N THR A 480 -34.60 10.84 -13.17
CA THR A 480 -33.79 12.04 -13.21
C THR A 480 -32.33 11.69 -12.90
N HIS A 481 -31.47 12.70 -12.97
CA HIS A 481 -30.06 12.52 -12.64
C HIS A 481 -29.88 12.04 -11.20
N GLU A 482 -30.57 12.70 -10.26
CA GLU A 482 -30.47 12.32 -8.86
C GLU A 482 -30.85 10.86 -8.66
N THR A 483 -31.91 10.41 -9.34
CA THR A 483 -32.40 9.05 -9.16
C THR A 483 -31.43 8.03 -9.74
N LEU A 484 -30.90 8.29 -10.93
CA LEU A 484 -30.07 7.28 -11.58
C LEU A 484 -28.71 7.14 -10.90
N LEU A 485 -28.16 8.24 -10.38
CA LEU A 485 -26.85 8.17 -9.74
C LEU A 485 -26.87 7.35 -8.45
N ALA A 486 -28.05 7.20 -7.84
CA ALA A 486 -28.15 6.59 -6.52
C ALA A 486 -27.52 5.20 -6.48
N TYR A 487 -27.84 4.35 -7.47
CA TYR A 487 -27.33 2.98 -7.50
C TYR A 487 -26.67 2.66 -8.84
N LEU A 488 -26.13 3.68 -9.50
CA LEU A 488 -25.45 3.43 -10.78
C LEU A 488 -24.20 2.59 -10.60
N VAL A 489 -23.54 2.69 -9.44
CA VAL A 489 -22.35 1.89 -9.20
C VAL A 489 -22.68 0.40 -9.32
N ARG A 490 -23.74 -0.05 -8.65
CA ARG A 490 -24.13 -1.45 -8.75
C ARG A 490 -24.42 -1.84 -10.20
N ARG A 491 -25.08 -0.96 -10.94
CA ARG A 491 -25.47 -1.28 -12.32
C ARG A 491 -24.25 -1.42 -13.22
N LEU A 492 -23.23 -0.59 -12.99
CA LEU A 492 -22.04 -0.63 -13.85
C LEU A 492 -21.21 -1.88 -13.58
N LEU A 493 -21.10 -2.29 -12.32
CA LEU A 493 -20.31 -3.47 -11.98
C LEU A 493 -20.92 -4.72 -12.63
N ALA A 497 -16.86 -5.44 -14.01
CA ALA A 497 -15.92 -6.28 -13.27
C ALA A 497 -15.07 -7.11 -14.23
N ASN A 498 -13.89 -7.54 -13.77
CA ASN A 498 -12.99 -8.28 -14.65
C ASN A 498 -13.63 -9.55 -15.20
N SER A 499 -14.51 -10.18 -14.43
CA SER A 499 -15.16 -11.41 -14.87
C SER A 499 -16.38 -11.16 -15.76
N SER A 500 -16.81 -9.91 -15.89
CA SER A 500 -18.02 -9.61 -16.65
C SER A 500 -17.79 -9.73 -18.14
N PHE A 501 -18.79 -10.28 -18.85
CA PHE A 501 -18.67 -10.43 -20.29
C PHE A 501 -18.42 -9.10 -20.97
N VAL A 502 -19.14 -8.06 -20.57
CA VAL A 502 -19.04 -6.78 -21.25
C VAL A 502 -17.66 -6.18 -21.05
N HIS A 503 -17.06 -6.39 -19.88
CA HIS A 503 -15.68 -5.98 -19.69
C HIS A 503 -14.75 -6.81 -20.57
N ARG A 504 -14.97 -8.13 -20.61
CA ARG A 504 -14.07 -9.00 -21.35
C ARG A 504 -14.18 -8.79 -22.86
N ILE A 505 -15.39 -8.51 -23.36
CA ILE A 505 -15.55 -8.26 -24.79
C ILE A 505 -14.71 -7.08 -25.24
N ASN A 506 -14.52 -6.09 -24.37
CA ASN A 506 -13.73 -4.91 -24.67
C ASN A 506 -12.25 -5.06 -24.35
N ASP A 507 -11.84 -6.21 -23.80
CA ASP A 507 -10.43 -6.41 -23.46
C ASP A 507 -9.76 -7.10 -24.63
N PRO A 508 -8.82 -6.44 -25.32
CA PRO A 508 -8.14 -7.10 -26.46
C PRO A 508 -7.30 -8.29 -26.05
N LYS A 509 -6.92 -8.39 -24.77
CA LYS A 509 -6.19 -9.56 -24.29
C LYS A 509 -7.07 -10.81 -24.17
N VAL A 510 -8.38 -10.67 -24.29
CA VAL A 510 -9.30 -11.81 -24.19
C VAL A 510 -9.69 -12.24 -25.60
N SER A 511 -9.40 -13.49 -25.94
CA SER A 511 -9.69 -13.97 -27.28
C SER A 511 -11.16 -14.38 -27.40
N ILE A 512 -11.62 -14.49 -28.63
CA ILE A 512 -12.98 -14.97 -28.87
C ILE A 512 -13.10 -16.41 -28.39
N ASP A 513 -12.05 -17.21 -28.57
CA ASP A 513 -12.07 -18.58 -28.06
C ASP A 513 -12.28 -18.61 -26.55
N GLU A 514 -11.65 -17.69 -25.82
CA GLU A 514 -11.88 -17.60 -24.38
C GLU A 514 -13.32 -17.21 -24.07
N LEU A 515 -13.90 -16.32 -24.89
CA LEU A 515 -15.25 -15.84 -24.63
C LEU A 515 -16.29 -16.89 -24.97
N ILE A 516 -16.00 -17.77 -25.93
CA ILE A 516 -16.95 -18.81 -26.30
C ILE A 516 -16.71 -20.11 -25.55
N ALA A 517 -15.77 -20.13 -24.60
CA ALA A 517 -15.58 -21.30 -23.77
C ALA A 517 -16.90 -21.70 -23.12
N ASP A 518 -17.18 -22.99 -23.13
CA ASP A 518 -18.43 -23.52 -22.62
C ASP A 518 -18.30 -23.74 -21.12
N PRO A 519 -18.98 -22.95 -20.29
CA PRO A 519 -18.81 -23.13 -18.84
C PRO A 519 -19.24 -24.49 -18.34
N VAL A 520 -20.21 -25.13 -19.01
CA VAL A 520 -20.67 -26.44 -18.57
C VAL A 520 -19.55 -27.46 -18.68
N GLU A 521 -18.89 -27.50 -19.84
CA GLU A 521 -17.79 -28.45 -20.02
C GLU A 521 -16.57 -28.08 -19.20
N VAL A 522 -16.33 -26.79 -18.97
CA VAL A 522 -15.20 -26.40 -18.14
C VAL A 522 -15.41 -26.84 -16.70
N VAL A 523 -16.62 -26.62 -16.16
CA VAL A 523 -16.91 -27.06 -14.80
C VAL A 523 -16.88 -28.57 -14.72
N ARG A 524 -17.43 -29.25 -15.73
CA ARG A 524 -17.46 -30.72 -15.73
C ARG A 524 -16.07 -31.31 -15.57
N ALA A 525 -15.05 -30.66 -16.14
CA ALA A 525 -13.70 -31.19 -16.21
C ALA A 525 -12.82 -30.77 -15.03
N MET A 526 -13.31 -29.91 -14.15
CA MET A 526 -12.51 -29.46 -13.01
CA MET A 526 -12.50 -29.47 -13.02
C MET A 526 -12.22 -30.64 -12.08
N PRO A 527 -11.08 -30.61 -11.38
CA PRO A 527 -10.76 -31.75 -10.50
C PRO A 527 -11.79 -31.98 -9.41
N VAL A 528 -12.25 -30.91 -8.77
CA VAL A 528 -13.37 -30.97 -7.83
C VAL A 528 -14.47 -30.10 -8.42
N VAL A 529 -15.57 -30.73 -8.81
CA VAL A 529 -16.67 -29.99 -9.42
C VAL A 529 -17.33 -29.11 -8.36
N GLY A 530 -17.39 -27.80 -8.63
CA GLY A 530 -18.10 -26.90 -7.75
C GLY A 530 -17.34 -26.42 -6.53
N ALA A 531 -16.00 -26.51 -6.52
CA ALA A 531 -15.25 -26.02 -5.38
C ALA A 531 -15.44 -24.52 -5.19
N LYS A 532 -15.51 -24.10 -3.93
CA LYS A 532 -15.54 -22.68 -3.55
C LYS A 532 -14.36 -21.95 -4.17
N HIS A 533 -14.54 -20.66 -4.44
CA HIS A 533 -13.42 -19.84 -4.87
C HIS A 533 -12.32 -19.86 -3.82
N ASP A 534 -11.08 -20.01 -4.27
CA ASP A 534 -9.94 -20.12 -3.36
C ASP A 534 -9.71 -18.84 -2.59
N ARG A 535 -10.10 -17.69 -3.14
CA ARG A 535 -9.77 -16.40 -2.57
C ARG A 535 -10.93 -15.79 -1.77
N ILE A 536 -12.00 -16.55 -1.53
CA ILE A 536 -13.11 -16.07 -0.73
C ILE A 536 -13.22 -16.96 0.49
N ALA A 537 -13.07 -16.37 1.67
CA ALA A 537 -13.12 -17.14 2.90
C ALA A 537 -14.58 -17.41 3.27
N LEU A 538 -14.87 -18.66 3.63
CA LEU A 538 -16.10 -18.93 4.34
C LEU A 538 -16.12 -18.10 5.62
N PRO A 539 -17.29 -17.70 6.08
CA PRO A 539 -17.35 -16.87 7.30
C PRO A 539 -16.60 -17.47 8.47
N ALA A 540 -16.66 -18.79 8.66
CA ALA A 540 -15.95 -19.41 9.77
C ALA A 540 -14.44 -19.24 9.67
N GLU A 541 -13.91 -18.94 8.47
CA GLU A 541 -12.47 -18.94 8.23
C GLU A 541 -11.91 -17.54 8.08
N LEU A 542 -12.66 -16.51 8.47
CA LEU A 542 -12.21 -15.13 8.31
C LEU A 542 -10.85 -14.88 8.91
N PHE A 543 -10.51 -15.58 10.00
CA PHE A 543 -9.25 -15.34 10.68
C PHE A 543 -8.22 -16.43 10.39
N GLY A 544 -8.53 -17.33 9.47
CA GLY A 544 -7.56 -18.32 9.06
C GLY A 544 -7.09 -19.18 10.23
N ASP A 545 -5.78 -19.39 10.30
CA ASP A 545 -5.20 -20.27 11.31
C ASP A 545 -5.22 -19.68 12.71
N ALA A 546 -5.49 -18.38 12.86
CA ALA A 546 -5.42 -17.76 14.19
C ALA A 546 -6.52 -18.29 15.10
N ARG A 547 -7.74 -18.41 14.59
CA ARG A 547 -8.84 -18.91 15.40
C ARG A 547 -10.05 -19.06 14.48
N THR A 548 -11.03 -19.79 15.01
CA THR A 548 -12.28 -20.03 14.30
C THR A 548 -13.24 -18.90 14.63
N ASN A 549 -13.79 -18.29 13.58
CA ASN A 549 -14.79 -17.25 13.78
C ASN A 549 -16.02 -17.86 14.44
N SER A 550 -16.67 -17.07 15.29
CA SER A 550 -17.95 -17.51 15.83
C SER A 550 -18.98 -17.57 14.71
N ALA A 551 -19.97 -18.44 14.88
CA ALA A 551 -21.03 -18.61 13.90
C ALA A 551 -22.31 -17.97 14.41
N GLY A 552 -23.04 -17.33 13.51
CA GLY A 552 -24.32 -16.76 13.80
C GLY A 552 -25.44 -17.68 13.36
N LEU A 553 -26.61 -17.09 13.20
CA LEU A 553 -27.83 -17.80 12.81
C LEU A 553 -28.54 -16.94 11.79
N ASP A 554 -29.13 -17.58 10.79
CA ASP A 554 -29.79 -16.86 9.70
C ASP A 554 -31.26 -16.71 10.05
N LEU A 555 -31.65 -15.52 10.49
CA LEU A 555 -33.03 -15.29 10.87
C LEU A 555 -33.95 -15.07 9.67
N SER A 556 -33.44 -15.25 8.46
CA SER A 556 -34.30 -15.31 7.28
C SER A 556 -34.56 -16.74 6.82
N ASN A 557 -33.98 -17.74 7.49
CA ASN A 557 -34.09 -19.13 7.09
C ASN A 557 -35.22 -19.76 7.90
N GLU A 558 -36.26 -20.27 7.20
CA GLU A 558 -37.42 -20.80 7.92
C GLU A 558 -37.06 -21.99 8.79
N GLU A 559 -36.10 -22.82 8.35
CA GLU A 559 -35.67 -23.95 9.18
C GLU A 559 -35.04 -23.42 10.46
N THR A 560 -34.18 -22.41 10.33
CA THR A 560 -33.56 -21.82 11.51
C THR A 560 -34.59 -21.20 12.42
N LEU A 561 -35.56 -20.48 11.85
CA LEU A 561 -36.58 -19.86 12.68
C LEU A 561 -37.42 -20.90 13.40
N ALA A 562 -37.75 -22.00 12.72
CA ALA A 562 -38.56 -23.03 13.36
C ALA A 562 -37.78 -23.71 14.48
N SER A 563 -36.52 -24.04 14.23
CA SER A 563 -35.71 -24.67 15.26
CA SER A 563 -35.73 -24.68 15.28
C SER A 563 -35.44 -23.71 16.41
N LEU A 564 -35.17 -22.46 16.09
CA LEU A 564 -34.94 -21.46 17.14
C LEU A 564 -36.20 -21.24 17.97
N THR A 565 -37.37 -21.19 17.33
CA THR A 565 -38.61 -21.04 18.09
C THR A 565 -38.70 -22.10 19.18
N GLU A 566 -38.41 -23.35 18.84
CA GLU A 566 -38.53 -24.43 19.82
C GLU A 566 -37.48 -24.30 20.90
N ALA A 567 -36.24 -24.00 20.51
CA ALA A 567 -35.17 -23.86 21.49
C ALA A 567 -35.44 -22.66 22.41
N LEU A 568 -35.98 -21.58 21.86
CA LEU A 568 -36.30 -20.42 22.69
C LEU A 568 -37.41 -20.73 23.67
N ARG A 569 -38.49 -21.37 23.20
CA ARG A 569 -39.55 -21.80 24.10
C ARG A 569 -38.98 -22.71 25.19
N GLU A 570 -38.13 -23.67 24.79
CA GLU A 570 -37.55 -24.58 25.77
C GLU A 570 -36.69 -23.83 26.78
N SER A 571 -36.00 -22.78 26.33
CA SER A 571 -35.18 -22.02 27.26
C SER A 571 -36.03 -21.29 28.29
N ALA A 572 -37.25 -20.88 27.92
CA ALA A 572 -38.13 -20.18 28.84
C ALA A 572 -38.76 -21.11 29.87
N ALA A 573 -38.65 -22.42 29.68
CA ALA A 573 -39.12 -23.40 30.65
C ALA A 573 -38.03 -23.84 31.62
N MET A 574 -36.81 -23.35 31.45
CA MET A 574 -35.72 -23.73 32.33
C MET A 574 -35.78 -22.92 33.63
N LYS A 575 -35.28 -23.54 34.70
CA LYS A 575 -35.26 -22.91 36.03
C LYS A 575 -33.93 -22.22 36.26
N TRP A 576 -33.76 -21.10 35.57
CA TRP A 576 -32.51 -20.34 35.61
C TRP A 576 -32.27 -19.80 37.00
N THR A 577 -31.06 -20.01 37.52
CA THR A 577 -30.70 -19.43 38.80
C THR A 577 -29.29 -18.88 38.72
N ALA A 578 -29.00 -17.99 39.66
CA ALA A 578 -27.65 -17.48 39.87
C ALA A 578 -27.42 -17.48 41.37
N LEU A 579 -26.33 -18.11 41.78
CA LEU A 579 -26.00 -18.28 43.18
C LEU A 579 -24.59 -17.79 43.44
N PRO A 580 -24.27 -17.42 44.67
CA PRO A 580 -22.86 -17.17 45.02
C PRO A 580 -22.10 -18.48 44.96
N GLN A 581 -21.35 -18.69 43.88
CA GLN A 581 -20.60 -19.91 43.66
C GLN A 581 -19.18 -19.71 44.16
N LEU A 582 -19.01 -19.93 45.46
CA LEU A 582 -17.71 -19.85 46.09
C LEU A 582 -16.90 -21.10 45.75
N ALA A 583 -15.59 -21.03 46.01
CA ALA A 583 -14.74 -22.19 45.76
C ALA A 583 -15.22 -23.40 46.54
N THR A 584 -15.85 -23.16 47.68
CA THR A 584 -16.34 -24.22 48.57
C THR A 584 -17.72 -24.71 48.19
N GLY A 585 -18.34 -24.12 47.16
CA GLY A 585 -19.68 -24.51 46.77
C GLY A 585 -20.65 -23.34 46.86
N PRO A 586 -21.89 -23.55 46.43
CA PRO A 586 -22.88 -22.47 46.51
C PRO A 586 -23.09 -22.01 47.94
N ALA A 587 -23.27 -20.71 48.10
CA ALA A 587 -23.48 -20.08 49.40
C ALA A 587 -24.91 -19.58 49.51
N ALA A 588 -25.42 -19.52 50.73
CA ALA A 588 -26.75 -18.98 50.94
C ALA A 588 -26.72 -17.46 50.90
N GLY A 589 -27.89 -16.87 50.73
CA GLY A 589 -27.98 -15.42 50.71
C GLY A 589 -29.40 -14.98 50.43
N GLU A 590 -29.56 -13.68 50.24
CA GLU A 590 -30.87 -13.12 49.92
C GLU A 590 -31.25 -13.50 48.49
N THR A 591 -32.42 -14.12 48.33
CA THR A 591 -32.89 -14.61 47.05
C THR A 591 -34.06 -13.77 46.57
N ARG A 592 -34.06 -13.43 45.27
CA ARG A 592 -35.16 -12.71 44.67
C ARG A 592 -35.33 -13.18 43.23
N THR A 593 -36.50 -12.89 42.67
CA THR A 593 -36.72 -13.23 41.27
C THR A 593 -36.05 -12.23 40.34
N VAL A 594 -35.80 -12.69 39.12
CA VAL A 594 -35.32 -11.86 38.04
C VAL A 594 -36.46 -11.76 37.04
N LEU A 595 -36.89 -10.53 36.74
CA LEU A 595 -38.07 -10.31 35.90
C LEU A 595 -37.65 -9.80 34.53
N ASN A 596 -38.40 -10.21 33.52
CA ASN A 596 -38.20 -9.74 32.15
C ASN A 596 -38.45 -8.23 32.11
N PRO A 597 -37.48 -7.41 31.70
CA PRO A 597 -37.71 -5.96 31.67
C PRO A 597 -38.82 -5.55 30.72
N GLY A 598 -39.15 -6.39 29.74
CA GLY A 598 -40.22 -6.08 28.82
C GLY A 598 -41.58 -6.50 29.28
N ASP A 599 -41.67 -7.21 30.40
CA ASP A 599 -42.94 -7.68 30.93
C ASP A 599 -42.64 -8.29 32.29
N HIS A 600 -42.86 -7.52 33.34
CA HIS A 600 -42.49 -7.94 34.68
C HIS A 600 -43.26 -9.17 35.16
N ARG A 601 -44.35 -9.54 34.48
CA ARG A 601 -45.06 -10.77 34.79
C ARG A 601 -44.27 -12.01 34.39
N ASP A 602 -43.29 -11.87 33.50
CA ASP A 602 -42.48 -12.99 33.03
C ASP A 602 -41.29 -13.13 33.96
N VAL A 603 -41.36 -14.08 34.88
CA VAL A 603 -40.26 -14.37 35.78
C VAL A 603 -39.25 -15.23 35.03
N VAL A 604 -38.02 -14.74 34.92
CA VAL A 604 -37.01 -15.45 34.15
C VAL A 604 -36.24 -16.42 35.02
N GLY A 605 -36.01 -16.04 36.26
CA GLY A 605 -35.29 -16.93 37.15
C GLY A 605 -35.18 -16.33 38.52
N SER A 606 -34.19 -16.83 39.27
CA SER A 606 -33.99 -16.40 40.64
CA SER A 606 -33.99 -16.44 40.65
C SER A 606 -32.50 -16.21 40.89
N VAL A 607 -32.18 -15.16 41.61
CA VAL A 607 -30.79 -14.87 41.95
C VAL A 607 -30.68 -14.86 43.46
N THR A 608 -29.66 -15.54 43.96
CA THR A 608 -29.26 -15.44 45.37
C THR A 608 -28.03 -14.55 45.40
N GLU A 609 -28.13 -13.43 46.11
CA GLU A 609 -27.05 -12.47 46.12
C GLU A 609 -26.04 -12.74 47.23
N THR A 610 -24.83 -12.24 47.02
CA THR A 610 -23.70 -12.56 47.87
C THR A 610 -23.64 -11.58 49.03
N SER A 611 -23.49 -12.11 50.24
CA SER A 611 -23.24 -11.24 51.38
C SER A 611 -21.85 -10.64 51.26
N GLU A 612 -21.66 -9.47 51.88
CA GLU A 612 -20.35 -8.84 51.83
C GLU A 612 -19.31 -9.69 52.57
N GLU A 613 -19.74 -10.46 53.56
CA GLU A 613 -18.83 -11.39 54.22
C GLU A 613 -18.37 -12.50 53.27
N ASP A 614 -19.30 -13.06 52.50
CA ASP A 614 -18.92 -14.13 51.57
C ASP A 614 -18.10 -13.59 50.40
N ALA A 615 -18.31 -12.32 50.03
CA ALA A 615 -17.47 -11.73 49.00
C ALA A 615 -16.03 -11.66 49.47
N ARG A 616 -15.82 -11.19 50.70
CA ARG A 616 -14.47 -11.18 51.27
C ARG A 616 -13.92 -12.59 51.38
N ARG A 617 -14.75 -13.54 51.80
CA ARG A 617 -14.30 -14.93 51.87
C ARG A 617 -13.88 -15.44 50.50
N ALA A 618 -14.64 -15.08 49.46
CA ALA A 618 -14.30 -15.55 48.11
C ALA A 618 -12.92 -15.06 47.69
N VAL A 619 -12.59 -13.80 48.03
CA VAL A 619 -11.28 -13.30 47.66
C VAL A 619 -10.18 -14.07 48.37
N ARG A 620 -10.40 -14.40 49.65
CA ARG A 620 -9.40 -15.18 50.36
C ARG A 620 -9.26 -16.56 49.74
N LEU A 621 -10.37 -17.18 49.34
CA LEU A 621 -10.30 -18.48 48.68
C LEU A 621 -9.57 -18.37 47.35
N ALA A 622 -9.84 -17.30 46.59
CA ALA A 622 -9.12 -17.08 45.34
C ALA A 622 -7.62 -16.92 45.60
N ALA A 623 -7.25 -16.17 46.65
CA ALA A 623 -5.84 -16.00 46.95
C ALA A 623 -5.18 -17.32 47.31
N ASP A 624 -5.87 -18.16 48.06
CA ASP A 624 -5.31 -19.46 48.42
C ASP A 624 -5.17 -20.34 47.18
N ALA A 625 -6.09 -20.21 46.24
CA ALA A 625 -6.12 -21.01 45.02
C ALA A 625 -5.24 -20.45 43.92
N ALA A 626 -4.72 -19.25 44.09
CA ALA A 626 -3.97 -18.61 43.00
C ALA A 626 -2.78 -19.43 42.51
N PRO A 627 -1.94 -20.01 43.38
CA PRO A 627 -0.81 -20.79 42.83
C PRO A 627 -1.23 -21.97 41.99
N ASP A 628 -2.29 -22.68 42.39
CA ASP A 628 -2.70 -23.86 41.66
C ASP A 628 -3.21 -23.51 40.28
N TRP A 629 -3.79 -22.32 40.13
CA TRP A 629 -4.29 -21.93 38.82
C TRP A 629 -3.18 -21.35 37.96
N ALA A 630 -2.27 -20.58 38.57
CA ALA A 630 -1.12 -20.06 37.84
C ALA A 630 -0.25 -21.19 37.30
N ALA A 631 -0.27 -22.35 37.97
CA ALA A 631 0.55 -23.48 37.55
C ALA A 631 -0.05 -24.25 36.39
N VAL A 632 -1.31 -24.01 36.05
CA VAL A 632 -1.87 -24.63 34.84
C VAL A 632 -1.20 -23.91 33.68
N PRO A 633 -0.51 -24.62 32.78
CA PRO A 633 0.25 -23.94 31.74
C PRO A 633 -0.66 -23.08 30.89
N PRO A 634 -0.14 -21.97 30.36
CA PRO A 634 -0.98 -21.09 29.53
C PRO A 634 -1.71 -21.83 28.42
N SER A 635 -1.05 -22.79 27.76
CA SER A 635 -1.71 -23.51 26.66
C SER A 635 -2.94 -24.24 27.16
N GLU A 636 -2.88 -24.81 28.37
CA GLU A 636 -4.03 -25.51 28.91
C GLU A 636 -5.11 -24.54 29.39
N ARG A 637 -4.72 -23.40 29.97
CA ARG A 637 -5.72 -22.39 30.29
C ARG A 637 -6.45 -21.95 29.02
N ALA A 638 -5.69 -21.72 27.94
CA ALA A 638 -6.29 -21.33 26.68
C ALA A 638 -7.20 -22.43 26.14
N ALA A 639 -6.83 -23.68 26.37
CA ALA A 639 -7.70 -24.78 25.93
C ALA A 639 -9.03 -24.75 26.67
N CYS A 640 -9.03 -24.34 27.94
CA CYS A 640 -10.29 -24.17 28.65
C CYS A 640 -11.15 -23.12 27.98
N LEU A 641 -10.55 -22.00 27.60
CA LEU A 641 -11.30 -20.96 26.92
C LEU A 641 -11.85 -21.48 25.61
N ASP A 642 -11.03 -22.22 24.84
CA ASP A 642 -11.53 -22.73 23.57
C ASP A 642 -12.67 -23.72 23.78
N ARG A 643 -12.58 -24.56 24.82
CA ARG A 643 -13.70 -25.47 25.10
C ARG A 643 -14.94 -24.70 25.52
N ALA A 644 -14.77 -23.63 26.30
CA ALA A 644 -15.92 -22.83 26.67
C ALA A 644 -16.56 -22.21 25.44
N ALA A 645 -15.74 -21.79 24.47
CA ALA A 645 -16.29 -21.20 23.26
C ALA A 645 -17.11 -22.22 22.47
N GLU A 646 -16.59 -23.44 22.35
CA GLU A 646 -17.36 -24.50 21.71
C GLU A 646 -18.69 -24.74 22.43
N LEU A 647 -18.66 -24.77 23.76
CA LEU A 647 -19.89 -24.99 24.52
C LEU A 647 -20.87 -23.83 24.30
N MET A 648 -20.38 -22.60 24.28
CA MET A 648 -21.28 -21.47 24.05
C MET A 648 -21.86 -21.52 22.65
N GLN A 649 -21.04 -21.89 21.66
CA GLN A 649 -21.54 -21.99 20.30
C GLN A 649 -22.65 -23.04 20.21
N ALA A 650 -22.44 -24.20 20.83
CA ALA A 650 -23.45 -25.25 20.76
C ALA A 650 -24.71 -24.84 21.51
N ARG A 651 -24.57 -24.08 22.58
CA ARG A 651 -25.68 -23.69 23.44
C ARG A 651 -26.30 -22.37 23.02
N MET A 652 -25.84 -21.79 21.91
CA MET A 652 -26.30 -20.47 21.52
C MET A 652 -27.82 -20.32 21.54
N PRO A 653 -28.61 -21.22 20.96
CA PRO A 653 -30.06 -20.98 20.95
C PRO A 653 -30.64 -20.81 22.34
N THR A 654 -30.21 -21.64 23.28
CA THR A 654 -30.68 -21.51 24.66
C THR A 654 -30.18 -20.21 25.27
N LEU A 655 -28.91 -19.88 25.05
CA LEU A 655 -28.38 -18.62 25.55
C LEU A 655 -29.14 -17.43 24.99
N LEU A 656 -29.51 -17.48 23.70
CA LEU A 656 -30.30 -16.39 23.12
C LEU A 656 -31.57 -16.16 23.91
N GLY A 657 -32.30 -17.24 24.21
CA GLY A 657 -33.56 -17.10 24.90
C GLY A 657 -33.40 -16.45 26.25
N LEU A 658 -32.34 -16.81 26.96
CA LEU A 658 -32.12 -16.22 28.28
C LEU A 658 -31.78 -14.74 28.14
N ILE A 659 -30.89 -14.40 27.21
CA ILE A 659 -30.52 -13.00 27.01
C ILE A 659 -31.71 -12.18 26.56
N ILE A 660 -32.51 -12.73 25.65
CA ILE A 660 -33.72 -12.03 25.18
C ILE A 660 -34.61 -11.66 26.36
N ARG A 661 -34.86 -12.63 27.25
CA ARG A 661 -35.82 -12.40 28.32
C ARG A 661 -35.21 -11.66 29.50
N GLU A 662 -33.93 -11.89 29.79
CA GLU A 662 -33.34 -11.25 30.96
C GLU A 662 -32.92 -9.82 30.70
N ALA A 663 -32.40 -9.54 29.51
CA ALA A 663 -31.73 -8.27 29.25
C ALA A 663 -32.44 -7.40 28.23
N GLY A 664 -33.64 -7.79 27.80
CA GLY A 664 -34.39 -6.97 26.85
C GLY A 664 -33.80 -6.94 25.46
N LYS A 665 -33.07 -7.96 25.06
CA LYS A 665 -32.42 -7.94 23.76
C LYS A 665 -33.30 -8.59 22.71
N SER A 666 -33.20 -8.08 21.49
CA SER A 666 -33.80 -8.77 20.37
C SER A 666 -32.97 -10.00 20.03
N ALA A 667 -33.55 -10.90 19.21
CA ALA A 667 -32.81 -12.09 18.81
C ALA A 667 -31.52 -11.74 18.09
N LEU A 668 -31.58 -10.79 17.14
CA LEU A 668 -30.37 -10.38 16.43
C LEU A 668 -29.30 -9.90 17.40
N ASN A 669 -29.70 -9.10 18.38
CA ASN A 669 -28.70 -8.58 19.32
C ASN A 669 -28.20 -9.65 20.27
N ALA A 670 -29.05 -10.62 20.62
CA ALA A 670 -28.59 -11.73 21.44
C ALA A 670 -27.61 -12.62 20.69
N ILE A 671 -27.86 -12.84 19.39
CA ILE A 671 -26.89 -13.59 18.59
C ILE A 671 -25.54 -12.90 18.61
N ALA A 672 -25.54 -11.59 18.38
CA ALA A 672 -24.30 -10.84 18.40
C ALA A 672 -23.63 -10.93 19.76
N GLU A 673 -24.43 -10.92 20.83
CA GLU A 673 -23.88 -10.98 22.18
C GLU A 673 -23.16 -12.31 22.41
N VAL A 674 -23.79 -13.41 22.01
CA VAL A 674 -23.17 -14.72 22.20
C VAL A 674 -21.97 -14.88 21.29
N ARG A 675 -22.07 -14.41 20.05
CA ARG A 675 -20.92 -14.44 19.16
C ARG A 675 -19.76 -13.71 19.78
N GLU A 676 -20.00 -12.52 20.35
CA GLU A 676 -18.92 -11.75 20.94
C GLU A 676 -18.26 -12.52 22.07
N ALA A 677 -19.06 -13.19 22.90
CA ALA A 677 -18.49 -13.97 23.98
C ALA A 677 -17.60 -15.08 23.45
N ILE A 678 -18.09 -15.81 22.46
CA ILE A 678 -17.30 -16.85 21.81
C ILE A 678 -16.01 -16.29 21.26
N ASP A 679 -16.08 -15.12 20.62
CA ASP A 679 -14.92 -14.51 20.01
C ASP A 679 -13.92 -14.06 21.07
N PHE A 680 -14.40 -13.48 22.18
CA PHE A 680 -13.49 -13.15 23.27
C PHE A 680 -12.73 -14.39 23.74
N LEU A 681 -13.46 -15.46 24.00
CA LEU A 681 -12.82 -16.68 24.47
C LEU A 681 -11.75 -17.15 23.51
N ARG A 682 -12.07 -17.21 22.21
CA ARG A 682 -11.10 -17.72 21.25
C ARG A 682 -9.98 -16.73 21.00
N TYR A 683 -10.28 -15.43 21.07
CA TYR A 683 -9.24 -14.43 20.83
C TYR A 683 -8.25 -14.41 21.98
N TYR A 684 -8.73 -14.40 23.22
CA TYR A 684 -7.79 -14.41 24.33
C TYR A 684 -7.04 -15.73 24.42
N ALA A 685 -7.67 -16.84 24.04
CA ALA A 685 -6.94 -18.10 23.97
C ALA A 685 -5.79 -17.99 22.96
N GLU A 686 -6.08 -17.47 21.77
CA GLU A 686 -5.03 -17.37 20.77
C GLU A 686 -3.95 -16.38 21.19
N GLN A 687 -4.33 -15.24 21.76
CA GLN A 687 -3.34 -14.27 22.20
C GLN A 687 -2.46 -14.89 23.28
N THR A 688 -3.04 -15.73 24.13
CA THR A 688 -2.25 -16.42 25.14
C THR A 688 -1.23 -17.33 24.49
N ARG A 689 -1.67 -18.12 23.50
CA ARG A 689 -0.75 -19.03 22.83
C ARG A 689 0.35 -18.29 22.11
N ARG A 690 0.10 -17.04 21.72
CA ARG A 690 1.13 -16.25 21.08
C ARG A 690 2.11 -15.62 22.06
N THR A 691 1.76 -15.48 23.33
CA THR A 691 2.54 -14.60 24.20
C THR A 691 3.00 -15.14 25.54
N LEU A 692 2.13 -15.82 26.29
CA LEU A 692 2.40 -15.99 27.72
C LEU A 692 3.41 -17.10 27.99
N GLY A 693 4.41 -16.77 28.79
CA GLY A 693 5.43 -17.70 29.20
C GLY A 693 5.67 -17.62 30.70
N PRO A 694 6.66 -18.35 31.19
CA PRO A 694 6.88 -18.45 32.64
C PRO A 694 7.14 -17.12 33.32
N GLY A 695 7.76 -16.17 32.62
CA GLY A 695 8.07 -14.89 33.22
C GLY A 695 6.93 -13.90 33.29
N HIS A 696 5.77 -14.21 32.71
CA HIS A 696 4.62 -13.31 32.77
C HIS A 696 3.71 -13.84 33.86
N GLY A 697 4.08 -13.51 35.09
CA GLY A 697 3.37 -14.04 36.23
C GLY A 697 2.03 -13.35 36.41
N PRO A 698 1.04 -14.09 36.89
CA PRO A 698 -0.27 -13.46 37.12
C PRO A 698 -0.21 -12.43 38.22
N LEU A 699 -1.13 -11.48 38.17
CA LEU A 699 -1.27 -10.52 39.26
C LEU A 699 -1.72 -11.19 40.55
N GLY A 700 -2.66 -12.13 40.45
CA GLY A 700 -3.32 -12.68 41.61
C GLY A 700 -4.82 -12.57 41.41
N PRO A 701 -5.59 -12.64 42.50
CA PRO A 701 -7.05 -12.56 42.36
C PRO A 701 -7.47 -11.29 41.67
N ILE A 702 -8.28 -11.43 40.63
CA ILE A 702 -8.78 -10.29 39.87
CA ILE A 702 -8.78 -10.31 39.85
C ILE A 702 -10.29 -10.21 40.07
N VAL A 703 -10.76 -9.02 40.40
CA VAL A 703 -12.18 -8.76 40.55
C VAL A 703 -12.67 -8.28 39.20
N CYS A 704 -13.63 -8.99 38.61
CA CYS A 704 -14.21 -8.63 37.32
C CYS A 704 -15.62 -8.16 37.58
N ILE A 705 -15.86 -6.87 37.34
CA ILE A 705 -17.15 -6.25 37.55
C ILE A 705 -17.66 -5.81 36.18
N SER A 706 -18.87 -6.24 35.85
CA SER A 706 -19.35 -6.11 34.49
C SER A 706 -20.69 -5.40 34.47
N PRO A 707 -21.05 -4.83 33.33
CA PRO A 707 -22.30 -4.07 33.21
C PRO A 707 -23.45 -4.98 32.79
N TRP A 708 -24.66 -4.45 32.92
CA TRP A 708 -25.82 -5.27 32.56
C TRP A 708 -26.02 -5.37 31.05
N ASN A 709 -25.53 -4.41 30.28
CA ASN A 709 -26.07 -4.23 28.94
C ASN A 709 -25.48 -5.18 27.91
N PHE A 710 -24.28 -5.70 28.15
CA PHE A 710 -23.70 -6.78 27.38
C PHE A 710 -23.46 -7.89 28.39
N PRO A 711 -24.53 -8.53 28.86
CA PRO A 711 -24.46 -9.31 30.10
C PRO A 711 -23.73 -10.64 29.96
N LEU A 712 -23.50 -11.11 28.74
CA LEU A 712 -22.66 -12.27 28.54
C LEU A 712 -21.32 -11.92 27.93
N ALA A 713 -21.30 -11.02 26.95
CA ALA A 713 -20.06 -10.82 26.20
C ALA A 713 -18.99 -10.14 27.03
N ILE A 714 -19.31 -8.98 27.63
CA ILE A 714 -18.29 -8.29 28.41
C ILE A 714 -17.97 -9.09 29.66
N PHE A 715 -19.00 -9.64 30.28
CA PHE A 715 -18.80 -10.53 31.41
C PHE A 715 -17.78 -11.61 31.09
N THR A 716 -18.00 -12.31 29.97
CA THR A 716 -17.10 -13.40 29.60
C THR A 716 -15.73 -12.88 29.21
N GLY A 717 -15.69 -11.77 28.50
CA GLY A 717 -14.42 -11.24 28.04
C GLY A 717 -13.48 -10.93 29.18
N GLN A 718 -13.95 -10.18 30.18
CA GLN A 718 -13.07 -9.82 31.28
C GLN A 718 -12.59 -11.05 32.02
N ILE A 719 -13.52 -11.94 32.33
CA ILE A 719 -13.17 -13.13 33.10
C ILE A 719 -12.22 -14.03 32.31
N ALA A 720 -12.49 -14.21 31.01
CA ALA A 720 -11.66 -15.10 30.22
C ALA A 720 -10.23 -14.57 30.16
N ALA A 721 -10.09 -13.27 29.95
CA ALA A 721 -8.77 -12.67 29.89
C ALA A 721 -8.02 -12.85 31.20
N ALA A 722 -8.69 -12.55 32.32
CA ALA A 722 -8.03 -12.68 33.61
C ALA A 722 -7.63 -14.13 33.88
N LEU A 723 -8.56 -15.05 33.63
CA LEU A 723 -8.28 -16.46 33.85
C LEU A 723 -7.13 -16.95 32.99
N VAL A 724 -7.16 -16.60 31.70
CA VAL A 724 -6.16 -17.19 30.83
C VAL A 724 -4.79 -16.60 31.13
N ALA A 725 -4.75 -15.39 31.66
CA ALA A 725 -3.50 -14.80 32.13
C ALA A 725 -3.01 -15.45 33.41
N GLY A 726 -3.72 -16.43 33.94
CA GLY A 726 -3.29 -17.14 35.13
C GLY A 726 -3.83 -16.64 36.44
N ASN A 727 -4.82 -15.75 36.43
CA ASN A 727 -5.37 -15.17 37.64
C ASN A 727 -6.68 -15.85 38.01
N PRO A 728 -6.89 -16.17 39.27
CA PRO A 728 -8.23 -16.58 39.69
C PRO A 728 -9.13 -15.36 39.73
N VAL A 729 -10.41 -15.58 39.50
CA VAL A 729 -11.35 -14.50 39.22
C VAL A 729 -12.50 -14.53 40.21
N LEU A 730 -12.86 -13.34 40.69
CA LEU A 730 -14.11 -13.11 41.38
C LEU A 730 -14.98 -12.36 40.39
N ALA A 731 -16.05 -13.01 39.94
CA ALA A 731 -16.89 -12.49 38.87
C ALA A 731 -18.13 -11.88 39.51
N LYS A 732 -18.27 -10.56 39.40
CA LYS A 732 -19.40 -9.85 39.99
C LYS A 732 -20.23 -9.29 38.84
N PRO A 733 -21.27 -9.99 38.40
CA PRO A 733 -22.08 -9.49 37.29
C PRO A 733 -23.03 -8.42 37.79
N ALA A 734 -23.51 -7.62 36.84
CA ALA A 734 -24.46 -6.57 37.16
C ALA A 734 -25.69 -7.18 37.84
N GLU A 735 -26.26 -6.42 38.79
CA GLU A 735 -27.41 -6.94 39.52
C GLU A 735 -28.61 -7.20 38.62
N GLU A 736 -28.69 -6.52 37.47
CA GLU A 736 -29.85 -6.69 36.62
C GLU A 736 -29.81 -8.01 35.85
N THR A 737 -28.63 -8.53 35.56
CA THR A 737 -28.47 -9.65 34.63
C THR A 737 -27.60 -10.77 35.21
N PRO A 738 -27.95 -11.30 36.37
CA PRO A 738 -27.12 -12.37 36.96
C PRO A 738 -27.29 -13.73 36.31
N LEU A 739 -28.42 -14.01 35.65
CA LEU A 739 -28.69 -15.37 35.21
C LEU A 739 -27.77 -15.77 34.07
N ILE A 740 -27.65 -14.92 33.05
CA ILE A 740 -26.79 -15.27 31.94
C ILE A 740 -25.35 -15.33 32.38
N ALA A 741 -24.99 -14.52 33.39
CA ALA A 741 -23.65 -14.58 33.95
C ALA A 741 -23.43 -15.91 34.65
N ALA A 742 -24.41 -16.38 35.42
CA ALA A 742 -24.27 -17.68 36.07
C ALA A 742 -24.14 -18.79 35.04
N GLU A 743 -24.87 -18.68 33.93
CA GLU A 743 -24.75 -19.68 32.89
C GLU A 743 -23.36 -19.63 32.23
N GLY A 744 -22.83 -18.42 32.01
CA GLY A 744 -21.48 -18.30 31.49
C GLY A 744 -20.46 -18.91 32.42
N VAL A 745 -20.60 -18.68 33.73
CA VAL A 745 -19.71 -19.31 34.71
C VAL A 745 -19.88 -20.83 34.68
N ARG A 746 -21.13 -21.31 34.58
CA ARG A 746 -21.34 -22.75 34.50
C ARG A 746 -20.62 -23.34 33.28
N ILE A 747 -20.68 -22.64 32.15
CA ILE A 747 -20.02 -23.12 30.94
C ILE A 747 -18.50 -23.12 31.10
N LEU A 748 -17.95 -22.04 31.67
CA LEU A 748 -16.51 -21.98 31.89
C LEU A 748 -16.04 -23.09 32.82
N ARG A 749 -16.81 -23.34 33.87
CA ARG A 749 -16.47 -24.44 34.77
C ARG A 749 -16.57 -25.78 34.07
N GLU A 750 -17.61 -25.98 33.26
CA GLU A 750 -17.70 -27.23 32.49
C GLU A 750 -16.50 -27.38 31.56
N ALA A 751 -16.02 -26.28 31.00
CA ALA A 751 -14.89 -26.30 30.08
C ALA A 751 -13.57 -26.59 30.78
N GLY A 752 -13.56 -26.62 32.10
CA GLY A 752 -12.39 -27.02 32.84
C GLY A 752 -11.84 -25.97 33.78
N ILE A 753 -12.44 -24.78 33.88
CA ILE A 753 -11.96 -23.79 34.84
C ILE A 753 -12.34 -24.30 36.23
N PRO A 754 -11.38 -24.52 37.12
CA PRO A 754 -11.72 -25.00 38.46
C PRO A 754 -12.58 -23.99 39.22
N ALA A 755 -13.42 -24.51 40.11
CA ALA A 755 -14.26 -23.65 40.94
C ALA A 755 -13.44 -22.66 41.76
N SER A 756 -12.23 -23.06 42.17
CA SER A 756 -11.40 -22.16 42.95
C SER A 756 -10.89 -21.00 42.11
N ALA A 757 -10.78 -21.20 40.78
CA ALA A 757 -10.28 -20.16 39.90
C ALA A 757 -11.36 -19.24 39.39
N LEU A 758 -12.64 -19.63 39.51
CA LEU A 758 -13.72 -18.81 38.98
C LEU A 758 -14.90 -18.89 39.93
N GLN A 759 -15.08 -17.82 40.70
CA GLN A 759 -16.17 -17.73 41.66
C GLN A 759 -17.14 -16.66 41.19
N LEU A 760 -18.42 -17.01 41.19
CA LEU A 760 -19.47 -16.10 40.77
C LEU A 760 -20.08 -15.48 42.02
N LEU A 761 -20.14 -14.16 42.06
CA LEU A 761 -20.66 -13.44 43.23
CA LEU A 761 -20.66 -13.44 43.23
C LEU A 761 -21.76 -12.49 42.78
N PRO A 762 -22.97 -12.98 42.63
CA PRO A 762 -24.08 -12.10 42.23
C PRO A 762 -24.36 -11.07 43.32
N GLY A 763 -24.89 -9.95 42.90
CA GLY A 763 -25.28 -8.91 43.84
C GLY A 763 -25.09 -7.55 43.22
N ASP A 764 -25.30 -6.53 44.05
CA ASP A 764 -25.30 -5.16 43.57
C ASP A 764 -23.91 -4.54 43.75
N GLY A 765 -23.84 -3.22 43.68
CA GLY A 765 -22.56 -2.53 43.76
C GLY A 765 -21.85 -2.74 45.07
N ARG A 766 -22.59 -3.09 46.13
CA ARG A 766 -21.96 -3.37 47.42
C ARG A 766 -21.06 -4.60 47.33
N VAL A 767 -21.49 -5.61 46.57
CA VAL A 767 -20.65 -6.78 46.40
C VAL A 767 -19.42 -6.44 45.59
N GLY A 768 -19.60 -5.64 44.53
CA GLY A 768 -18.45 -5.16 43.77
C GLY A 768 -17.49 -4.40 44.65
N ALA A 769 -18.00 -3.49 45.48
CA ALA A 769 -17.13 -2.66 46.31
C ALA A 769 -16.41 -3.51 47.35
N ALA A 770 -17.11 -4.48 47.93
CA ALA A 770 -16.48 -5.34 48.93
C ALA A 770 -15.34 -6.12 48.31
N LEU A 771 -15.52 -6.55 47.05
CA LEU A 771 -14.48 -7.28 46.35
C LEU A 771 -13.29 -6.37 46.05
N VAL A 772 -13.56 -5.15 45.56
CA VAL A 772 -12.50 -4.20 45.26
C VAL A 772 -11.68 -3.91 46.51
N ALA A 773 -12.35 -3.75 47.66
CA ALA A 773 -11.67 -3.38 48.90
C ALA A 773 -10.94 -4.54 49.56
N ALA A 774 -11.17 -5.77 49.10
CA ALA A 774 -10.60 -6.93 49.78
C ALA A 774 -9.08 -6.92 49.66
N ALA A 775 -8.40 -7.31 50.73
CA ALA A 775 -6.97 -7.10 50.80
C ALA A 775 -6.21 -7.88 49.75
N GLU A 776 -6.69 -9.07 49.38
CA GLU A 776 -5.95 -9.90 48.44
C GLU A 776 -6.29 -9.60 46.99
N THR A 777 -7.17 -8.65 46.73
CA THR A 777 -7.51 -8.31 45.37
C THR A 777 -6.31 -7.66 44.70
N ALA A 778 -5.86 -8.27 43.61
CA ALA A 778 -4.61 -7.88 42.97
C ALA A 778 -4.84 -7.08 41.70
N GLY A 779 -6.08 -6.98 41.24
CA GLY A 779 -6.38 -6.22 40.06
C GLY A 779 -7.88 -6.17 39.89
N VAL A 780 -8.34 -5.15 39.19
CA VAL A 780 -9.76 -4.92 39.00
C VAL A 780 -10.00 -4.67 37.52
N MET A 781 -10.95 -5.39 36.94
CA MET A 781 -11.40 -5.15 35.58
C MET A 781 -12.84 -4.69 35.71
N PHE A 782 -13.07 -3.43 35.37
CA PHE A 782 -14.37 -2.81 35.50
C PHE A 782 -14.84 -2.35 34.13
N THR A 783 -16.06 -2.71 33.78
CA THR A 783 -16.76 -2.08 32.67
C THR A 783 -18.09 -1.62 33.20
N GLY A 784 -18.41 -0.35 32.99
CA GLY A 784 -19.59 0.23 33.59
C GLY A 784 -19.55 1.73 33.43
N SER A 785 -20.31 2.41 34.27
CA SER A 785 -20.39 3.86 34.13
C SER A 785 -19.13 4.55 34.66
N THR A 786 -18.84 5.71 34.08
CA THR A 786 -17.70 6.49 34.52
C THR A 786 -17.79 6.85 36.00
N GLU A 787 -19.00 7.16 36.48
CA GLU A 787 -19.16 7.57 37.87
C GLU A 787 -18.84 6.43 38.83
N VAL A 788 -19.24 5.20 38.48
CA VAL A 788 -18.89 4.07 39.33
C VAL A 788 -17.40 3.77 39.25
N ALA A 789 -16.82 3.86 38.05
CA ALA A 789 -15.38 3.66 37.92
C ALA A 789 -14.63 4.63 38.81
N ARG A 790 -15.12 5.86 38.93
CA ARG A 790 -14.46 6.86 39.76
C ARG A 790 -14.51 6.47 41.24
N LEU A 791 -15.62 5.85 41.68
CA LEU A 791 -15.69 5.35 43.04
C LEU A 791 -14.69 4.22 43.26
N ILE A 792 -14.55 3.34 42.28
CA ILE A 792 -13.56 2.26 42.37
C ILE A 792 -12.14 2.83 42.37
N GLN A 793 -11.86 3.80 41.50
CA GLN A 793 -10.58 4.47 41.51
C GLN A 793 -10.25 5.02 42.89
N ALA A 794 -11.25 5.62 43.55
CA ALA A 794 -11.02 6.15 44.90
C ALA A 794 -10.71 5.04 45.89
N GLN A 795 -11.45 3.93 45.82
CA GLN A 795 -11.18 2.79 46.71
C GLN A 795 -9.76 2.28 46.53
N LEU A 796 -9.34 2.14 45.28
CA LEU A 796 -8.03 1.56 45.01
C LEU A 796 -6.90 2.51 45.36
N ALA A 797 -7.15 3.81 45.40
CA ALA A 797 -6.08 4.74 45.73
C ALA A 797 -5.57 4.54 47.15
N ASP A 798 -6.39 3.93 48.02
CA ASP A 798 -5.95 3.60 49.37
C ASP A 798 -4.96 2.46 49.38
N ARG A 799 -4.87 1.71 48.29
CA ARG A 799 -4.33 0.36 48.31
C ARG A 799 -3.01 0.28 47.55
N LEU A 800 -2.12 -0.57 48.05
CA LEU A 800 -0.93 -0.98 47.33
C LEU A 800 -0.83 -2.50 47.38
N SER A 801 -0.20 -3.06 46.36
CA SER A 801 0.12 -4.47 46.34
C SER A 801 1.13 -4.80 47.43
N PRO A 802 1.34 -6.07 47.74
CA PRO A 802 2.40 -6.44 48.68
C PRO A 802 3.78 -5.96 48.26
N ALA A 803 4.00 -5.74 46.96
CA ALA A 803 5.23 -5.14 46.48
C ALA A 803 5.21 -3.61 46.61
N GLY A 804 4.13 -3.03 47.12
CA GLY A 804 4.05 -1.59 47.27
C GLY A 804 3.77 -0.81 46.00
N ARG A 805 2.99 -1.36 45.08
CA ARG A 805 2.68 -0.70 43.82
C ARG A 805 1.18 -0.65 43.62
N PRO A 806 0.69 0.27 42.77
CA PRO A 806 -0.77 0.41 42.61
C PRO A 806 -1.40 -0.86 42.07
N ILE A 807 -2.62 -1.12 42.52
CA ILE A 807 -3.42 -2.24 42.04
C ILE A 807 -3.94 -1.90 40.65
N PRO A 808 -3.60 -2.67 39.63
CA PRO A 808 -4.03 -2.33 38.27
C PRO A 808 -5.55 -2.30 38.14
N LEU A 809 -6.04 -1.28 37.45
CA LEU A 809 -7.46 -1.11 37.18
C LEU A 809 -7.62 -0.90 35.69
N ILE A 810 -8.40 -1.77 35.04
CA ILE A 810 -8.93 -1.50 33.71
C ILE A 810 -10.34 -1.02 33.92
N ALA A 811 -10.63 0.20 33.48
CA ALA A 811 -11.95 0.80 33.69
C ALA A 811 -12.44 1.30 32.34
N GLU A 812 -13.38 0.58 31.76
CA GLU A 812 -13.91 0.86 30.43
C GLU A 812 -15.31 1.41 30.66
N THR A 813 -15.52 2.67 30.29
CA THR A 813 -16.61 3.45 30.81
C THR A 813 -17.47 4.01 29.66
N GLY A 814 -18.21 5.08 29.95
CA GLY A 814 -19.26 5.52 29.05
C GLY A 814 -18.79 6.32 27.86
N GLY A 815 -19.74 6.70 27.02
CA GLY A 815 -19.44 7.46 25.83
C GLY A 815 -20.45 8.58 25.66
N GLN A 816 -20.06 9.55 24.85
CA GLN A 816 -20.98 10.58 24.36
C GLN A 816 -20.74 10.63 22.85
N ASN A 817 -21.16 9.57 22.18
CA ASN A 817 -20.62 9.25 20.87
C ASN A 817 -21.32 10.05 19.78
N ALA A 818 -20.53 10.63 18.90
CA ALA A 818 -21.04 11.46 17.82
C ALA A 818 -20.82 10.79 16.47
N MET A 819 -21.66 11.19 15.52
CA MET A 819 -21.47 10.87 14.12
C MET A 819 -21.60 12.17 13.35
N ILE A 820 -20.62 12.44 12.49
CA ILE A 820 -20.63 13.63 11.66
C ILE A 820 -21.00 13.20 10.25
N VAL A 821 -21.97 13.89 9.66
CA VAL A 821 -22.46 13.57 8.32
C VAL A 821 -22.33 14.83 7.50
N ASP A 822 -21.70 14.72 6.34
CA ASP A 822 -21.58 15.88 5.49
C ASP A 822 -22.51 15.75 4.30
N SER A 823 -22.50 16.76 3.42
CA SER A 823 -23.44 16.74 2.30
C SER A 823 -23.09 15.73 1.22
N SER A 824 -21.96 15.02 1.30
CA SER A 824 -21.64 14.01 0.31
C SER A 824 -22.17 12.63 0.69
N ALA A 825 -22.61 12.45 1.92
CA ALA A 825 -23.10 11.15 2.38
C ALA A 825 -24.44 10.84 1.74
N LEU A 826 -24.73 9.55 1.61
CA LEU A 826 -26.00 9.11 1.05
C LEU A 826 -27.02 9.02 2.18
N ALA A 827 -28.11 9.78 2.05
CA ALA A 827 -29.04 9.93 3.17
C ALA A 827 -29.59 8.59 3.64
N GLU A 828 -29.98 7.71 2.70
CA GLU A 828 -30.55 6.42 3.10
C GLU A 828 -29.55 5.60 3.91
N GLN A 829 -28.28 5.65 3.51
CA GLN A 829 -27.25 4.93 4.24
C GLN A 829 -27.06 5.53 5.63
N VAL A 830 -26.97 6.85 5.71
CA VAL A 830 -26.87 7.52 7.00
C VAL A 830 -28.02 7.12 7.89
N VAL A 831 -29.24 7.19 7.38
CA VAL A 831 -30.40 6.96 8.24
C VAL A 831 -30.37 5.53 8.76
N GLY A 832 -30.07 4.56 7.90
CA GLY A 832 -29.97 3.19 8.38
C GLY A 832 -28.93 3.04 9.48
N ASP A 833 -27.77 3.66 9.30
CA ASP A 833 -26.72 3.52 10.31
C ASP A 833 -27.05 4.29 11.57
N VAL A 834 -27.78 5.39 11.45
CA VAL A 834 -28.19 6.15 12.62
C VAL A 834 -29.25 5.40 13.43
N ILE A 835 -30.27 4.89 12.73
CA ILE A 835 -31.32 4.13 13.39
C ILE A 835 -30.73 2.96 14.14
N THR A 836 -29.81 2.24 13.50
CA THR A 836 -29.15 1.13 14.15
C THR A 836 -28.30 1.62 15.31
N SER A 837 -27.45 2.62 15.08
CA SER A 837 -26.50 3.00 16.11
C SER A 837 -27.19 3.63 17.31
N ALA A 838 -28.26 4.38 17.09
CA ALA A 838 -28.87 5.11 18.19
C ALA A 838 -29.90 4.28 18.95
N PHE A 839 -30.62 3.41 18.25
CA PHE A 839 -31.81 2.82 18.84
C PHE A 839 -31.78 1.31 18.98
N ASP A 840 -30.87 0.62 18.29
CA ASP A 840 -30.65 -0.79 18.57
C ASP A 840 -30.43 -0.97 20.06
N SER A 841 -31.05 -2.01 20.62
CA SER A 841 -30.95 -2.30 22.05
C SER A 841 -31.47 -1.14 22.88
N ALA A 842 -32.38 -0.34 22.32
CA ALA A 842 -32.90 0.84 22.96
C ALA A 842 -31.78 1.80 23.40
N GLY A 843 -30.75 1.91 22.56
CA GLY A 843 -29.65 2.79 22.87
C GLY A 843 -28.81 2.35 24.05
N GLN A 844 -28.99 1.13 24.51
CA GLN A 844 -28.27 0.64 25.68
C GLN A 844 -27.02 -0.12 25.26
N ARG A 845 -26.24 0.53 24.41
CA ARG A 845 -24.90 0.10 24.08
C ARG A 845 -23.98 1.25 24.45
N CYS A 846 -22.83 0.94 25.03
CA CYS A 846 -21.90 2.01 25.34
C CYS A 846 -21.47 2.75 24.09
N SER A 847 -21.44 2.05 22.96
CA SER A 847 -21.06 2.59 21.66
C SER A 847 -22.18 3.34 20.95
N ALA A 848 -23.37 3.40 21.55
CA ALA A 848 -24.53 3.91 20.83
C ALA A 848 -24.33 5.36 20.40
N LEU A 849 -24.92 5.69 19.28
CA LEU A 849 -24.85 7.05 18.77
C LEU A 849 -25.71 7.95 19.63
N ARG A 850 -25.09 8.98 20.21
CA ARG A 850 -25.79 9.93 21.07
C ARG A 850 -26.01 11.27 20.41
N VAL A 851 -25.11 11.68 19.52
CA VAL A 851 -25.14 13.02 18.93
C VAL A 851 -24.89 12.87 17.44
N LEU A 852 -25.91 13.11 16.64
CA LEU A 852 -25.78 13.13 15.18
C LEU A 852 -25.58 14.57 14.75
N CYS A 853 -24.51 14.81 13.99
CA CYS A 853 -24.14 16.16 13.56
C CYS A 853 -24.29 16.22 12.05
N LEU A 854 -25.21 17.05 11.59
CA LEU A 854 -25.62 17.09 10.20
C LEU A 854 -25.19 18.41 9.58
N GLN A 855 -24.50 18.33 8.45
CA GLN A 855 -24.16 19.55 7.74
C GLN A 855 -25.45 20.27 7.34
N GLU A 856 -25.44 21.59 7.52
CA GLU A 856 -26.68 22.37 7.47
C GLU A 856 -27.45 22.15 6.18
N ASP A 857 -26.74 22.07 5.04
CA ASP A 857 -27.39 21.97 3.73
C ASP A 857 -28.21 20.70 3.56
N VAL A 858 -27.88 19.62 4.29
CA VAL A 858 -28.60 18.37 4.14
C VAL A 858 -29.38 18.00 5.38
N ALA A 859 -29.33 18.83 6.43
CA ALA A 859 -29.87 18.43 7.73
C ALA A 859 -31.38 18.21 7.66
N ASP A 860 -32.11 19.10 6.99
CA ASP A 860 -33.56 18.95 6.95
C ASP A 860 -33.98 17.68 6.23
N ARG A 861 -33.36 17.40 5.09
CA ARG A 861 -33.72 16.20 4.35
C ARG A 861 -33.40 14.95 5.14
N ILE A 862 -32.23 14.91 5.80
CA ILE A 862 -31.86 13.73 6.56
C ILE A 862 -32.75 13.59 7.78
N LEU A 863 -33.06 14.69 8.45
CA LEU A 863 -33.92 14.65 9.62
CA LEU A 863 -33.92 14.65 9.62
C LEU A 863 -35.31 14.15 9.26
N THR A 864 -35.86 14.64 8.15
CA THR A 864 -37.16 14.14 7.72
C THR A 864 -37.11 12.63 7.49
N MET A 865 -36.08 12.17 6.78
CA MET A 865 -35.97 10.74 6.53
C MET A 865 -35.78 9.98 7.83
N LEU A 866 -34.98 10.53 8.74
CA LEU A 866 -34.73 9.84 10.00
C LEU A 866 -36.01 9.72 10.81
N LYS A 867 -36.79 10.80 10.88
CA LYS A 867 -38.05 10.71 11.62
C LYS A 867 -39.00 9.71 10.96
N GLY A 868 -39.03 9.67 9.63
CA GLY A 868 -39.88 8.69 8.96
C GLY A 868 -39.44 7.28 9.29
N ALA A 869 -38.14 7.04 9.32
CA ALA A 869 -37.63 5.72 9.64
C ALA A 869 -37.91 5.37 11.10
N LEU A 870 -37.79 6.35 11.99
CA LEU A 870 -38.08 6.14 13.41
C LEU A 870 -39.47 5.56 13.58
N HIS A 871 -40.43 6.08 12.82
CA HIS A 871 -41.81 5.66 13.04
C HIS A 871 -42.11 4.27 12.49
N GLU A 872 -41.16 3.65 11.83
CA GLU A 872 -41.33 2.28 11.36
C GLU A 872 -40.81 1.26 12.34
N LEU A 873 -40.27 1.69 13.48
CA LEU A 873 -39.72 0.76 14.45
C LEU A 873 -40.83 0.17 15.32
N HIS A 874 -40.70 -1.11 15.63
CA HIS A 874 -41.62 -1.82 16.50
C HIS A 874 -40.95 -1.98 17.86
N ILE A 875 -41.56 -1.40 18.88
CA ILE A 875 -41.07 -1.45 20.25
C ILE A 875 -41.96 -2.41 21.01
N GLY A 876 -41.34 -3.36 21.71
CA GLY A 876 -42.13 -4.27 22.50
C GLY A 876 -41.28 -5.32 23.17
N ARG A 877 -41.96 -6.26 23.81
CA ARG A 877 -41.28 -7.39 24.42
C ARG A 877 -40.55 -8.17 23.33
N THR A 878 -39.30 -8.54 23.59
CA THR A 878 -38.38 -8.92 22.53
C THR A 878 -38.45 -10.38 22.14
N ASP A 879 -39.41 -11.13 22.66
CA ASP A 879 -39.59 -12.52 22.24
C ASP A 879 -40.41 -12.65 20.96
N ARG A 880 -40.44 -11.61 20.14
CA ARG A 880 -41.02 -11.65 18.82
C ARG A 880 -39.98 -11.12 17.85
N LEU A 881 -39.76 -11.85 16.76
CA LEU A 881 -38.80 -11.43 15.74
C LEU A 881 -39.13 -10.04 15.19
N SER A 882 -40.41 -9.67 15.17
CA SER A 882 -40.79 -8.39 14.58
C SER A 882 -40.44 -7.21 15.47
N VAL A 883 -39.94 -7.43 16.68
CA VAL A 883 -39.62 -6.32 17.56
C VAL A 883 -38.22 -5.80 17.24
N ASP A 884 -38.13 -4.49 17.03
CA ASP A 884 -36.87 -3.84 16.73
C ASP A 884 -36.19 -3.28 17.96
N VAL A 885 -36.98 -2.74 18.88
CA VAL A 885 -36.46 -2.02 20.04
C VAL A 885 -37.13 -2.62 21.27
N GLY A 886 -36.33 -3.13 22.19
CA GLY A 886 -36.84 -3.65 23.42
C GLY A 886 -36.93 -2.65 24.54
N PRO A 887 -37.06 -3.15 25.76
CA PRO A 887 -37.26 -2.26 26.91
C PRO A 887 -35.93 -1.70 27.38
N VAL A 888 -36.03 -0.69 28.22
CA VAL A 888 -34.90 -0.32 29.06
C VAL A 888 -34.87 -1.22 30.28
N ILE A 889 -33.70 -1.34 30.90
CA ILE A 889 -33.45 -2.47 31.78
C ILE A 889 -34.28 -2.38 33.07
N THR A 890 -34.53 -1.18 33.58
CA THR A 890 -35.24 -1.05 34.85
C THR A 890 -36.09 0.20 34.84
N SER A 891 -37.00 0.27 35.81
CA SER A 891 -37.79 1.48 36.00
CA SER A 891 -37.79 1.49 35.97
C SER A 891 -36.91 2.67 36.33
N GLU A 892 -35.83 2.45 37.08
CA GLU A 892 -34.94 3.55 37.43
C GLU A 892 -34.25 4.09 36.19
N ALA A 893 -33.80 3.20 35.31
CA ALA A 893 -33.21 3.63 34.05
C ALA A 893 -34.22 4.41 33.23
N LYS A 894 -35.46 3.89 33.14
CA LYS A 894 -36.53 4.59 32.44
C LYS A 894 -36.75 5.98 33.02
N ASP A 895 -36.82 6.09 34.35
CA ASP A 895 -37.03 7.39 34.98
C ASP A 895 -35.89 8.35 34.66
N ASN A 896 -34.65 7.85 34.68
CA ASN A 896 -33.52 8.71 34.41
C ASN A 896 -33.54 9.22 32.98
N ILE A 897 -33.85 8.33 32.03
CA ILE A 897 -33.91 8.73 30.63
C ILE A 897 -35.05 9.72 30.43
N GLU A 898 -36.22 9.43 31.00
CA GLU A 898 -37.36 10.31 30.78
C GLU A 898 -37.15 11.68 31.40
N LYS A 899 -36.46 11.76 32.54
CA LYS A 899 -36.16 13.05 33.14
C LYS A 899 -35.30 13.88 32.19
N HIS A 900 -34.36 13.24 31.50
CA HIS A 900 -33.56 13.95 30.52
C HIS A 900 -34.42 14.42 29.35
N ILE A 901 -35.26 13.54 28.82
CA ILE A 901 -36.13 13.92 27.71
C ILE A 901 -36.99 15.11 28.08
N GLU A 902 -37.49 15.13 29.32
CA GLU A 902 -38.39 16.20 29.74
C GLU A 902 -37.64 17.52 29.99
N ARG A 903 -36.42 17.44 30.54
CA ARG A 903 -35.60 18.64 30.66
C ARG A 903 -35.37 19.26 29.28
N MET A 904 -35.00 18.44 28.29
CA MET A 904 -34.83 18.94 26.93
C MET A 904 -36.12 19.51 26.39
N ARG A 905 -37.23 18.78 26.56
CA ARG A 905 -38.51 19.27 26.09
C ARG A 905 -38.88 20.58 26.77
N GLY A 906 -38.56 20.71 28.07
CA GLY A 906 -38.86 21.93 28.77
C GLY A 906 -38.06 23.12 28.28
N LEU A 907 -36.88 22.87 27.72
CA LEU A 907 -36.04 23.94 27.17
C LEU A 907 -36.48 24.37 25.78
N GLY A 908 -37.57 23.83 25.25
CA GLY A 908 -38.04 24.19 23.93
C GLY A 908 -37.50 23.36 22.79
N ARG A 909 -36.67 22.35 23.06
CA ARG A 909 -36.08 21.56 22.00
C ARG A 909 -37.14 20.67 21.35
N LYS A 910 -37.04 20.53 20.03
CA LYS A 910 -37.95 19.70 19.27
C LYS A 910 -37.69 18.23 19.59
N VAL A 911 -38.75 17.51 19.97
CA VAL A 911 -38.65 16.13 20.44
C VAL A 911 -39.61 15.28 19.61
N GLU A 912 -39.06 14.30 18.89
CA GLU A 912 -39.82 13.34 18.11
C GLU A 912 -39.79 12.02 18.84
N GLN A 913 -40.98 11.43 19.07
CA GLN A 913 -41.06 10.16 19.79
C GLN A 913 -42.03 9.23 19.11
N ILE A 914 -41.66 7.95 19.06
CA ILE A 914 -42.56 6.88 18.65
C ILE A 914 -43.67 6.72 19.67
N GLY A 915 -44.87 6.41 19.20
CA GLY A 915 -45.95 6.06 20.11
C GLY A 915 -45.81 4.61 20.53
N LEU A 916 -45.93 4.37 21.84
CA LEU A 916 -45.74 3.04 22.38
C LEU A 916 -47.08 2.31 22.49
N ALA A 917 -47.07 1.02 22.15
CA ALA A 917 -48.27 0.22 22.25
C ALA A 917 -48.66 0.03 23.72
N SER A 918 -49.94 -0.25 23.94
CA SER A 918 -50.43 -0.48 25.30
C SER A 918 -49.72 -1.66 25.97
N GLU A 919 -49.29 -2.65 25.17
CA GLU A 919 -48.63 -3.84 25.70
C GLU A 919 -47.33 -3.52 26.43
N THR A 920 -46.74 -2.35 26.19
CA THR A 920 -45.49 -2.01 26.84
C THR A 920 -45.67 -1.69 28.31
N GLY A 921 -46.89 -1.39 28.76
CA GLY A 921 -47.12 -0.99 30.14
C GLY A 921 -46.70 -2.01 31.18
N VAL A 922 -46.65 -3.29 30.81
CA VAL A 922 -46.20 -4.32 31.75
C VAL A 922 -44.69 -4.35 31.91
N GLY A 923 -43.95 -3.65 31.05
CA GLY A 923 -42.51 -3.56 31.16
C GLY A 923 -42.05 -2.13 31.31
N THR A 924 -40.75 -1.89 31.14
CA THR A 924 -40.19 -0.54 31.27
C THR A 924 -39.62 -0.14 29.92
N PHE A 925 -40.37 0.65 29.18
CA PHE A 925 -40.00 1.05 27.83
C PHE A 925 -39.89 2.55 27.74
N VAL A 926 -38.91 3.00 26.95
CA VAL A 926 -38.78 4.39 26.55
C VAL A 926 -38.85 4.40 25.02
N PRO A 927 -39.70 5.19 24.41
CA PRO A 927 -39.76 5.20 22.96
C PRO A 927 -38.50 5.81 22.38
N PRO A 928 -38.01 5.26 21.28
CA PRO A 928 -36.95 5.94 20.53
C PRO A 928 -37.31 7.39 20.34
N THR A 929 -36.35 8.26 20.61
CA THR A 929 -36.55 9.69 20.75
C THR A 929 -35.46 10.39 19.96
N ILE A 930 -35.86 11.42 19.22
CA ILE A 930 -34.91 12.30 18.55
C ILE A 930 -35.10 13.69 19.15
N ILE A 931 -34.01 14.29 19.62
CA ILE A 931 -34.01 15.60 20.25
C ILE A 931 -33.09 16.50 19.44
N GLU A 932 -33.62 17.60 18.95
CA GLU A 932 -32.81 18.52 18.16
C GLU A 932 -32.21 19.56 19.10
N LEU A 933 -30.88 19.59 19.17
CA LEU A 933 -30.17 20.49 20.06
C LEU A 933 -29.62 21.69 19.29
N GLU A 934 -29.34 22.76 20.04
CA GLU A 934 -28.67 23.95 19.54
C GLU A 934 -27.15 23.80 19.52
N LYS A 935 -26.56 23.39 20.64
CA LYS A 935 -25.12 23.20 20.75
C LYS A 935 -24.83 21.86 21.42
N LEU A 936 -23.64 21.33 21.17
CA LEU A 936 -23.26 20.07 21.80
C LEU A 936 -23.10 20.23 23.31
N SER A 937 -22.82 21.45 23.76
CA SER A 937 -22.74 21.73 25.20
C SER A 937 -24.09 21.59 25.89
N ASP A 938 -25.19 21.45 25.14
CA ASP A 938 -26.48 21.20 25.77
C ASP A 938 -26.54 19.85 26.47
N LEU A 939 -25.58 18.97 26.19
CA LEU A 939 -25.51 17.66 26.84
C LEU A 939 -24.53 17.71 28.00
N GLN A 940 -24.90 17.08 29.11
CA GLN A 940 -24.03 17.02 30.27
C GLN A 940 -23.34 15.67 30.35
N ARG A 941 -24.08 14.63 30.72
CA ARG A 941 -23.52 13.29 30.88
C ARG A 941 -24.19 12.33 29.90
N GLU A 942 -23.59 11.13 29.78
CA GLU A 942 -24.15 10.07 28.95
C GLU A 942 -25.57 9.76 29.41
N VAL A 943 -26.48 9.66 28.45
CA VAL A 943 -27.87 9.27 28.70
C VAL A 943 -28.06 7.91 28.05
N PHE A 944 -28.13 6.86 28.88
CA PHE A 944 -27.98 5.50 28.40
C PHE A 944 -29.37 4.96 28.05
N GLY A 945 -29.87 5.42 26.90
CA GLY A 945 -31.20 5.04 26.48
C GLY A 945 -31.40 5.43 25.03
N PRO A 946 -32.62 5.26 24.55
CA PRO A 946 -32.87 5.43 23.11
C PRO A 946 -33.12 6.90 22.75
N VAL A 947 -32.13 7.74 22.98
CA VAL A 947 -32.27 9.19 22.86
C VAL A 947 -31.16 9.70 21.97
N LEU A 948 -31.52 10.07 20.75
CA LEU A 948 -30.59 10.61 19.77
C LEU A 948 -30.71 12.13 19.78
N HIS A 949 -29.59 12.81 19.89
CA HIS A 949 -29.55 14.25 19.80
C HIS A 949 -29.00 14.64 18.44
N VAL A 950 -29.55 15.70 17.86
CA VAL A 950 -29.20 16.12 16.52
C VAL A 950 -28.76 17.57 16.58
N ILE A 951 -27.56 17.83 16.07
CA ILE A 951 -27.08 19.19 15.92
C ILE A 951 -26.72 19.41 14.45
N ARG A 952 -26.74 20.68 14.06
CA ARG A 952 -26.47 21.05 12.69
C ARG A 952 -25.20 21.89 12.68
N TYR A 953 -24.45 21.80 11.58
CA TYR A 953 -23.22 22.58 11.50
C TYR A 953 -23.00 23.07 10.08
N ARG A 954 -22.37 24.23 9.97
CA ARG A 954 -21.95 24.75 8.68
C ARG A 954 -20.59 24.15 8.34
N ARG A 955 -20.40 23.83 7.05
CA ARG A 955 -19.21 23.10 6.62
C ARG A 955 -17.93 23.77 7.09
N ASP A 956 -17.87 25.10 7.05
CA ASP A 956 -16.63 25.76 7.46
C ASP A 956 -16.36 25.59 8.94
N ASP A 957 -17.36 25.20 9.72
CA ASP A 957 -17.22 25.01 11.16
C ASP A 957 -16.93 23.56 11.52
N LEU A 958 -16.57 22.74 10.54
CA LEU A 958 -16.35 21.32 10.83
C LEU A 958 -15.24 21.12 11.85
N ASP A 959 -14.14 21.88 11.74
CA ASP A 959 -13.06 21.71 12.69
C ASP A 959 -13.48 22.11 14.09
N ARG A 960 -14.24 23.20 14.20
CA ARG A 960 -14.78 23.60 15.51
C ARG A 960 -15.68 22.52 16.06
N LEU A 961 -16.49 21.90 15.20
CA LEU A 961 -17.39 20.84 15.62
C LEU A 961 -16.61 19.66 16.19
N VAL A 962 -15.54 19.24 15.50
CA VAL A 962 -14.71 18.16 16.04
C VAL A 962 -14.17 18.54 17.42
N ASP A 963 -13.73 19.79 17.59
CA ASP A 963 -13.33 20.26 18.91
C ASP A 963 -14.47 20.10 19.91
N ASP A 964 -15.69 20.47 19.51
CA ASP A 964 -16.83 20.35 20.41
C ASP A 964 -17.07 18.89 20.81
N VAL A 965 -16.92 17.97 19.87
CA VAL A 965 -17.07 16.55 20.21
C VAL A 965 -16.02 16.13 21.21
N ASN A 966 -14.77 16.53 20.95
CA ASN A 966 -13.68 16.19 21.86
C ASN A 966 -13.89 16.84 23.23
N ALA A 967 -14.53 18.00 23.25
CA ALA A 967 -14.62 18.80 24.49
C ALA A 967 -15.49 18.15 25.55
N THR A 968 -16.31 17.16 25.20
CA THR A 968 -17.10 16.47 26.23
C THR A 968 -16.21 15.72 27.21
N GLY A 969 -14.98 15.37 26.80
CA GLY A 969 -14.11 14.55 27.62
C GLY A 969 -14.25 13.06 27.37
N TYR A 970 -15.33 12.65 26.71
CA TYR A 970 -15.48 11.26 26.32
C TYR A 970 -14.66 10.99 25.07
N GLY A 971 -14.60 9.73 24.69
CA GLY A 971 -13.78 9.36 23.57
C GLY A 971 -13.92 7.89 23.24
N LEU A 972 -15.16 7.44 23.08
CA LEU A 972 -15.42 6.02 22.88
C LEU A 972 -15.59 5.72 21.40
N THR A 973 -16.80 5.81 20.86
CA THR A 973 -17.01 5.59 19.44
C THR A 973 -17.28 6.90 18.73
N PHE A 974 -16.97 6.92 17.44
CA PHE A 974 -17.18 8.09 16.62
C PHE A 974 -17.41 7.64 15.19
N GLY A 975 -18.39 8.23 14.54
CA GLY A 975 -18.69 7.91 13.16
C GLY A 975 -18.57 9.11 12.24
N LEU A 976 -18.20 8.84 11.01
CA LEU A 976 -18.13 9.88 10.00
C LEU A 976 -18.70 9.30 8.72
N HIS A 977 -19.66 10.01 8.14
CA HIS A 977 -20.24 9.65 6.85
C HIS A 977 -19.87 10.74 5.87
N THR A 978 -19.00 10.38 4.94
CA THR A 978 -18.56 11.28 3.88
C THR A 978 -17.94 10.43 2.80
N ARG A 979 -17.97 10.94 1.59
CA ARG A 979 -17.25 10.32 0.49
C ARG A 979 -15.92 10.98 0.23
N LEU A 980 -15.57 12.02 0.97
CA LEU A 980 -14.49 12.91 0.58
C LEU A 980 -13.23 12.64 1.41
N ASP A 981 -12.15 12.27 0.72
CA ASP A 981 -10.90 11.95 1.42
C ASP A 981 -10.40 13.10 2.25
N GLU A 982 -10.53 14.35 1.79
CA GLU A 982 -10.02 15.46 2.58
C GLU A 982 -10.75 15.52 3.91
N THR A 983 -12.06 15.27 3.89
CA THR A 983 -12.84 15.34 5.11
C THR A 983 -12.50 14.18 6.02
N ILE A 984 -12.30 12.99 5.44
CA ILE A 984 -11.87 11.83 6.23
C ILE A 984 -10.54 12.12 6.92
N ALA A 985 -9.57 12.63 6.15
CA ALA A 985 -8.26 12.87 6.72
C ALA A 985 -8.33 13.91 7.82
N HIS A 986 -9.05 15.00 7.57
CA HIS A 986 -9.20 16.05 8.57
C HIS A 986 -9.85 15.52 9.83
N VAL A 987 -11.04 14.95 9.69
CA VAL A 987 -11.80 14.56 10.88
C VAL A 987 -11.09 13.46 11.64
N THR A 988 -10.56 12.45 10.95
CA THR A 988 -9.95 11.35 11.70
C THR A 988 -8.63 11.76 12.35
N SER A 989 -7.98 12.77 11.80
CA SER A 989 -6.75 13.24 12.43
C SER A 989 -7.02 14.09 13.65
N ARG A 990 -8.21 14.69 13.76
CA ARG A 990 -8.51 15.62 14.83
C ARG A 990 -9.40 15.04 15.92
N ILE A 991 -10.24 14.06 15.59
CA ILE A 991 -11.08 13.44 16.60
C ILE A 991 -10.20 12.64 17.55
N LYS A 992 -10.61 12.60 18.82
CA LYS A 992 -9.92 11.84 19.85
C LYS A 992 -10.87 10.81 20.42
N ALA A 993 -10.96 9.66 19.77
CA ALA A 993 -11.83 8.59 20.21
C ALA A 993 -11.17 7.26 19.88
N GLY A 994 -11.55 6.23 20.64
CA GLY A 994 -10.85 4.97 20.50
C GLY A 994 -11.34 4.10 19.37
N ASN A 995 -12.58 4.29 18.93
CA ASN A 995 -13.16 3.45 17.88
C ASN A 995 -13.82 4.36 16.87
N LEU A 996 -13.24 4.42 15.69
CA LEU A 996 -13.76 5.26 14.62
C LEU A 996 -14.40 4.38 13.57
N TYR A 997 -15.43 4.92 12.93
CA TYR A 997 -16.18 4.17 11.93
C TYR A 997 -16.49 5.12 10.79
N ILE A 998 -16.17 4.69 9.58
CA ILE A 998 -16.34 5.53 8.40
CA ILE A 998 -16.34 5.52 8.41
C ILE A 998 -17.38 4.87 7.51
N ASN A 999 -18.46 5.58 7.25
CA ASN A 999 -19.51 5.16 6.33
C ASN A 999 -20.20 3.86 6.74
N ARG A 1000 -20.39 3.71 8.05
CA ARG A 1000 -21.04 2.54 8.59
C ARG A 1000 -21.59 2.91 9.96
N ASN A 1001 -22.25 1.96 10.61
CA ASN A 1001 -22.72 2.26 11.95
C ASN A 1001 -21.52 2.29 12.91
N ILE A 1002 -21.77 2.75 14.13
N ILE A 1002 -21.78 2.69 14.14
CA ILE A 1002 -20.70 3.00 15.09
CA ILE A 1002 -20.71 2.81 15.12
C ILE A 1002 -20.74 2.04 16.26
C ILE A 1002 -20.81 1.74 16.21
N ILE A 1003 -21.35 0.86 16.10
N ILE A 1003 -21.56 0.67 15.96
CA ILE A 1003 -21.52 -0.08 17.20
CA ILE A 1003 -21.86 -0.31 17.01
C ILE A 1003 -20.64 -1.30 17.04
C ILE A 1003 -21.46 -1.70 16.55
N GLY A 1004 -19.68 -1.27 16.12
N GLY A 1004 -21.51 -2.64 17.49
CA GLY A 1004 -18.85 -2.43 15.85
CA GLY A 1004 -21.15 -4.01 17.19
C GLY A 1004 -17.82 -2.66 16.95
C GLY A 1004 -19.69 -4.25 16.87
N ALA A 1005 -17.81 -3.87 17.48
N ALA A 1005 -18.79 -3.63 17.62
CA ALA A 1005 -16.81 -4.24 18.47
CA ALA A 1005 -17.36 -3.85 17.40
C ALA A 1005 -16.32 -5.64 18.21
C ALA A 1005 -17.03 -5.33 17.53
N VAL A 1006 -16.21 -6.00 16.92
N VAL A 1006 -16.14 -5.81 16.66
CA VAL A 1006 -15.81 -7.34 16.52
CA VAL A 1006 -15.81 -7.23 16.55
C VAL A 1006 -14.44 -7.63 17.08
C VAL A 1006 -14.48 -7.49 17.24
N VAL A 1007 -14.39 -8.58 18.01
CA VAL A 1007 -13.18 -8.89 18.73
C VAL A 1007 -12.05 -9.14 17.75
N GLY A 1008 -10.89 -8.53 18.02
CA GLY A 1008 -9.71 -8.71 17.18
C GLY A 1008 -9.82 -8.07 15.81
N VAL A 1009 -10.91 -7.36 15.54
CA VAL A 1009 -11.12 -6.69 14.26
C VAL A 1009 -11.35 -5.21 14.48
N GLN A 1010 -12.26 -4.87 15.39
CA GLN A 1010 -12.32 -3.54 15.99
C GLN A 1010 -12.09 -3.73 17.48
N PRO A 1011 -10.84 -3.93 17.89
CA PRO A 1011 -10.53 -3.88 19.34
C PRO A 1011 -11.19 -2.64 19.92
N PHE A 1012 -11.88 -2.82 21.04
CA PHE A 1012 -12.86 -1.84 21.47
C PHE A 1012 -12.43 -1.20 22.77
N GLY A 1013 -12.51 0.12 22.82
CA GLY A 1013 -12.28 0.81 24.06
C GLY A 1013 -11.84 2.22 23.77
N GLY A 1014 -12.20 3.15 24.65
CA GLY A 1014 -11.92 4.53 24.41
C GLY A 1014 -10.99 5.17 25.42
N ARG A 1015 -10.98 6.49 25.38
CA ARG A 1015 -10.03 7.29 26.14
C ARG A 1015 -10.79 8.36 26.90
N GLY A 1016 -10.05 9.15 27.68
CA GLY A 1016 -10.71 10.19 28.43
C GLY A 1016 -11.67 9.58 29.42
N LEU A 1017 -12.87 10.16 29.51
CA LEU A 1017 -13.91 9.65 30.40
C LEU A 1017 -14.43 8.30 29.96
N SER A 1018 -14.00 7.80 28.81
CA SER A 1018 -14.50 6.55 28.26
C SER A 1018 -13.64 5.34 28.59
N GLY A 1019 -12.44 5.54 29.13
CA GLY A 1019 -11.65 4.36 29.40
C GLY A 1019 -10.23 4.64 29.82
N THR A 1020 -9.64 3.70 30.52
CA THR A 1020 -8.22 3.70 30.79
C THR A 1020 -7.48 2.92 29.72
N GLY A 1021 -8.15 1.99 29.06
CA GLY A 1021 -7.48 0.99 28.28
C GLY A 1021 -6.73 0.04 29.19
N PRO A 1022 -6.06 -0.94 28.61
CA PRO A 1022 -6.01 -1.26 27.17
C PRO A 1022 -7.35 -1.76 26.65
N LYS A 1023 -7.47 -1.81 25.33
CA LYS A 1023 -8.74 -2.22 24.72
C LYS A 1023 -9.02 -3.69 24.93
N ALA A 1024 -10.25 -3.98 25.35
CA ALA A 1024 -10.77 -5.33 25.25
C ALA A 1024 -10.78 -5.77 23.79
N GLY A 1025 -10.51 -7.06 23.58
CA GLY A 1025 -10.54 -7.58 22.23
C GLY A 1025 -9.36 -7.12 21.40
N GLY A 1026 -8.32 -6.63 22.07
CA GLY A 1026 -7.12 -6.17 21.42
C GLY A 1026 -5.90 -6.80 22.05
N PRO A 1027 -4.74 -6.55 21.43
CA PRO A 1027 -3.54 -7.33 21.76
C PRO A 1027 -2.80 -6.86 22.99
N LEU A 1028 -3.15 -5.71 23.55
CA LEU A 1028 -2.49 -5.23 24.76
C LEU A 1028 -3.22 -5.65 26.03
N TYR A 1029 -4.36 -6.30 25.89
CA TYR A 1029 -5.24 -6.53 27.03
C TYR A 1029 -4.62 -7.51 28.01
N LEU A 1030 -4.20 -8.68 27.53
CA LEU A 1030 -3.72 -9.68 28.47
C LEU A 1030 -2.49 -9.19 29.21
N GLY A 1031 -1.68 -8.35 28.55
CA GLY A 1031 -0.46 -7.88 29.19
C GLY A 1031 -0.69 -7.07 30.44
N ARG A 1032 -1.89 -6.50 30.60
CA ARG A 1032 -2.21 -5.74 31.79
C ARG A 1032 -2.53 -6.64 32.97
N LEU A 1033 -2.77 -7.92 32.71
CA LEU A 1033 -3.24 -8.86 33.71
C LEU A 1033 -2.12 -9.75 34.23
N VAL A 1034 -0.87 -9.42 33.91
CA VAL A 1034 0.31 -10.11 34.40
C VAL A 1034 1.25 -9.06 34.94
N THR A 1035 2.21 -9.51 35.76
CA THR A 1035 3.11 -8.56 36.40
C THR A 1035 4.13 -8.00 35.44
N THR A 1036 4.58 -8.80 34.47
CA THR A 1036 5.51 -8.36 33.43
C THR A 1036 4.82 -8.60 32.10
N ALA A 1037 4.58 -7.52 31.36
CA ALA A 1037 3.79 -7.64 30.15
C ALA A 1037 4.60 -8.31 29.05
N PRO A 1038 4.01 -9.26 28.32
CA PRO A 1038 4.69 -9.83 27.16
C PRO A 1038 4.67 -8.84 26.01
N VAL A 1039 5.41 -9.18 24.97
CA VAL A 1039 5.38 -8.42 23.71
C VAL A 1039 4.22 -8.95 22.89
N PRO A 1040 3.17 -8.15 22.65
CA PRO A 1040 2.04 -8.65 21.88
C PRO A 1040 2.45 -8.98 20.46
N PRO A 1041 1.69 -9.85 19.79
CA PRO A 1041 1.93 -10.08 18.37
C PRO A 1041 1.87 -8.77 17.61
N GLN A 1042 2.79 -8.61 16.65
CA GLN A 1042 2.83 -7.50 15.72
C GLN A 1042 3.11 -6.16 16.40
N HIS A 1043 3.50 -6.17 17.66
CA HIS A 1043 3.62 -4.94 18.45
C HIS A 1043 5.05 -4.43 18.37
N SER A 1044 5.28 -3.49 17.47
CA SER A 1044 6.57 -2.82 17.33
C SER A 1044 6.34 -1.63 16.41
N SER A 1045 7.33 -0.75 16.34
CA SER A 1045 7.25 0.35 15.41
C SER A 1045 8.66 0.72 14.99
N VAL A 1046 8.86 0.97 13.69
CA VAL A 1046 10.16 1.43 13.23
C VAL A 1046 10.35 2.91 13.41
N HIS A 1047 9.35 3.61 13.88
CA HIS A 1047 9.41 5.06 13.99
C HIS A 1047 9.89 5.47 15.36
N THR A 1048 10.68 6.52 15.41
CA THR A 1048 11.21 7.04 16.66
C THR A 1048 10.71 8.45 16.84
N ASP A 1049 10.16 8.73 18.00
CA ASP A 1049 9.64 10.05 18.26
C ASP A 1049 10.80 11.06 18.19
N PRO A 1050 10.65 12.14 17.43
CA PRO A 1050 11.79 13.05 17.25
C PRO A 1050 12.07 13.90 18.47
N VAL A 1051 11.06 14.14 19.31
CA VAL A 1051 11.30 14.88 20.52
C VAL A 1051 12.05 14.02 21.52
N LEU A 1052 11.71 12.73 21.56
CA LEU A 1052 12.54 11.80 22.32
C LEU A 1052 13.98 11.87 21.86
N LEU A 1053 14.22 11.82 20.54
CA LEU A 1053 15.58 11.92 20.04
C LEU A 1053 16.25 13.20 20.47
N ASP A 1054 15.53 14.33 20.41
CA ASP A 1054 16.13 15.60 20.84
C ASP A 1054 16.43 15.56 22.33
N PHE A 1055 15.54 14.94 23.12
CA PHE A 1055 15.79 14.83 24.55
C PHE A 1055 17.03 13.98 24.83
N ALA A 1056 17.16 12.87 24.12
CA ALA A 1056 18.34 12.02 24.30
C ALA A 1056 19.62 12.80 24.01
N LYS A 1057 19.62 13.62 22.96
CA LYS A 1057 20.81 14.42 22.68
C LYS A 1057 21.05 15.46 23.76
N TRP A 1058 19.98 16.06 24.27
CA TRP A 1058 20.10 17.01 25.38
C TRP A 1058 20.67 16.32 26.61
N LEU A 1059 20.20 15.10 26.91
CA LEU A 1059 20.73 14.37 28.05
C LEU A 1059 22.23 14.13 27.90
N ASP A 1060 22.65 13.71 26.71
CA ASP A 1060 24.08 13.53 26.48
C ASP A 1060 24.84 14.83 26.64
N GLY A 1061 24.30 15.93 26.14
CA GLY A 1061 24.99 17.22 26.31
C GLY A 1061 25.08 17.64 27.76
N LYS A 1062 24.12 17.23 28.59
CA LYS A 1062 24.15 17.50 30.02
C LYS A 1062 25.07 16.56 30.77
N GLY A 1063 25.60 15.53 30.12
CA GLY A 1063 26.40 14.52 30.76
C GLY A 1063 25.62 13.38 31.38
N ALA A 1064 24.31 13.31 31.18
CA ALA A 1064 23.49 12.22 31.71
C ALA A 1064 23.55 11.03 30.75
N ARG A 1065 24.73 10.42 30.69
CA ARG A 1065 25.00 9.44 29.64
C ARG A 1065 24.12 8.21 29.77
N ALA A 1066 23.98 7.67 30.98
CA ALA A 1066 23.13 6.48 31.15
C ALA A 1066 21.67 6.80 30.82
N GLU A 1067 21.19 7.99 31.23
CA GLU A 1067 19.82 8.36 30.91
C GLU A 1067 19.62 8.58 29.42
N ALA A 1068 20.63 9.13 28.74
CA ALA A 1068 20.52 9.29 27.29
C ALA A 1068 20.41 7.95 26.59
N GLU A 1069 21.17 6.96 27.06
CA GLU A 1069 21.07 5.62 26.51
C GLU A 1069 19.71 5.03 26.79
N ALA A 1070 19.20 5.21 28.01
CA ALA A 1070 17.86 4.72 28.34
C ALA A 1070 16.82 5.41 27.48
N ALA A 1071 17.03 6.69 27.20
CA ALA A 1071 16.11 7.42 26.35
C ALA A 1071 16.11 6.86 24.94
N ARG A 1072 17.30 6.63 24.36
CA ARG A 1072 17.35 6.01 23.05
C ARG A 1072 16.69 4.63 23.05
N ASN A 1073 16.90 3.85 24.10
CA ASN A 1073 16.27 2.54 24.20
C ASN A 1073 14.76 2.67 24.24
N ALA A 1074 14.25 3.66 25.00
CA ALA A 1074 12.82 3.89 25.03
C ALA A 1074 12.31 4.28 23.66
N GLY A 1075 13.07 5.09 22.93
CA GLY A 1075 12.65 5.48 21.60
C GLY A 1075 12.47 4.29 20.69
N SER A 1076 13.38 3.32 20.79
CA SER A 1076 13.29 2.12 19.97
C SER A 1076 12.20 1.19 20.45
N SER A 1077 12.07 1.04 21.77
CA SER A 1077 11.11 0.09 22.32
CA SER A 1077 11.12 0.10 22.35
C SER A 1077 9.67 0.55 22.17
N SER A 1078 9.46 1.85 22.07
CA SER A 1078 8.11 2.38 21.90
C SER A 1078 7.46 1.82 20.65
N ALA A 1079 6.19 1.48 20.74
CA ALA A 1079 5.44 1.05 19.58
C ALA A 1079 4.59 2.18 19.01
N LEU A 1080 4.80 3.40 19.47
CA LEU A 1080 4.15 4.56 18.86
C LEU A 1080 4.33 4.53 17.35
N GLY A 1081 3.24 4.68 16.62
CA GLY A 1081 3.33 4.66 15.17
C GLY A 1081 3.00 3.32 14.55
N LEU A 1082 2.81 2.28 15.36
CA LEU A 1082 2.29 1.02 14.84
CA LEU A 1082 2.29 1.01 14.85
C LEU A 1082 1.02 1.30 14.06
N ASP A 1083 0.90 0.65 12.90
CA ASP A 1083 -0.22 0.93 12.01
C ASP A 1083 -0.51 -0.35 11.24
N LEU A 1084 -1.55 -1.07 11.64
CA LEU A 1084 -1.82 -2.40 11.13
C LEU A 1084 -3.21 -2.45 10.53
N GLU A 1085 -3.37 -3.35 9.57
CA GLU A 1085 -4.70 -3.71 9.10
C GLU A 1085 -5.02 -5.09 9.64
N LEU A 1086 -6.16 -5.22 10.28
CA LEU A 1086 -6.57 -6.47 10.90
C LEU A 1086 -7.46 -7.27 9.97
N PRO A 1087 -7.25 -8.58 9.89
CA PRO A 1087 -8.09 -9.43 9.03
C PRO A 1087 -9.55 -9.30 9.44
N GLY A 1088 -10.41 -9.26 8.43
CA GLY A 1088 -11.83 -9.18 8.67
C GLY A 1088 -12.61 -9.48 7.42
N PRO A 1089 -13.86 -9.07 7.41
CA PRO A 1089 -14.72 -9.36 6.27
C PRO A 1089 -14.31 -8.54 5.07
N VAL A 1090 -14.70 -9.03 3.89
CA VAL A 1090 -14.56 -8.25 2.67
C VAL A 1090 -15.39 -6.97 2.78
N GLY A 1091 -15.00 -5.99 1.98
CA GLY A 1091 -15.79 -4.76 1.93
C GLY A 1091 -15.62 -3.88 3.14
N GLU A 1092 -14.58 -4.13 3.92
CA GLU A 1092 -14.29 -3.31 5.07
C GLU A 1092 -12.79 -3.31 5.25
N ARG A 1093 -12.26 -2.19 5.73
CA ARG A 1093 -10.86 -2.11 6.14
C ARG A 1093 -10.84 -1.76 7.61
N ASN A 1094 -10.16 -2.58 8.39
CA ASN A 1094 -10.17 -2.45 9.83
C ASN A 1094 -8.73 -2.21 10.26
N LEU A 1095 -8.51 -1.02 10.80
CA LEU A 1095 -7.16 -0.54 11.06
C LEU A 1095 -6.96 -0.39 12.55
N TYR A 1096 -5.71 -0.55 12.97
CA TYR A 1096 -5.37 -0.52 14.38
C TYR A 1096 -4.06 0.22 14.48
N THR A 1097 -4.03 1.29 15.27
CA THR A 1097 -2.88 2.16 15.31
C THR A 1097 -2.59 2.55 16.75
N LEU A 1098 -1.33 2.85 17.03
CA LEU A 1098 -0.91 3.31 18.35
C LEU A 1098 -0.48 4.75 18.26
N HIS A 1099 -1.11 5.59 19.07
CA HIS A 1099 -0.86 7.01 19.12
C HIS A 1099 -0.40 7.39 20.50
N ALA A 1100 0.00 8.65 20.64
CA ALA A 1100 0.24 9.17 21.97
C ALA A 1100 -1.06 9.22 22.75
N ARG A 1101 -0.94 9.09 24.07
CA ARG A 1101 -2.11 9.24 24.93
CA ARG A 1101 -2.11 9.24 24.94
C ARG A 1101 -2.50 10.70 25.10
N GLY A 1102 -1.53 11.59 25.23
CA GLY A 1102 -1.84 12.98 25.43
C GLY A 1102 -0.84 13.59 26.37
N ARG A 1103 -1.29 14.21 27.45
CA ARG A 1103 -0.38 14.80 28.42
C ARG A 1103 -0.30 13.90 29.63
N ILE A 1104 0.91 13.45 29.92
CA ILE A 1104 1.15 12.54 31.04
C ILE A 1104 1.61 13.36 32.22
N LEU A 1105 0.99 13.14 33.38
CA LEU A 1105 1.46 13.74 34.62
C LEU A 1105 2.69 13.00 35.10
N LEU A 1106 3.79 13.71 35.29
CA LEU A 1106 5.01 13.12 35.85
C LEU A 1106 5.16 13.59 37.28
N VAL A 1107 5.31 12.63 38.18
CA VAL A 1107 5.52 12.94 39.59
C VAL A 1107 6.86 12.33 39.96
N PRO A 1108 7.97 12.99 39.67
CA PRO A 1108 9.28 12.41 39.96
C PRO A 1108 9.70 12.72 41.38
N ALA A 1109 10.72 11.98 41.82
CA ALA A 1109 11.40 12.24 43.08
C ALA A 1109 12.85 12.61 42.92
N THR A 1110 13.53 12.08 41.90
CA THR A 1110 14.95 12.30 41.68
C THR A 1110 15.16 12.75 40.25
N GLU A 1111 16.29 13.40 40.03
CA GLU A 1111 16.64 13.84 38.68
C GLU A 1111 16.67 12.66 37.71
N SER A 1112 17.34 11.57 38.09
CA SER A 1112 17.39 10.41 37.19
C SER A 1112 16.01 9.85 36.95
N GLY A 1113 15.18 9.80 38.00
CA GLY A 1113 13.81 9.36 37.83
C GLY A 1113 13.06 10.24 36.86
N LEU A 1114 13.21 11.56 36.99
CA LEU A 1114 12.57 12.48 36.06
C LEU A 1114 13.02 12.23 34.64
N TYR A 1115 14.32 12.03 34.42
CA TYR A 1115 14.81 11.80 33.07
C TYR A 1115 14.24 10.50 32.50
N HIS A 1116 14.13 9.46 33.32
CA HIS A 1116 13.54 8.21 32.85
C HIS A 1116 12.06 8.38 32.57
N GLN A 1117 11.33 9.11 33.42
CA GLN A 1117 9.91 9.32 33.18
C GLN A 1117 9.73 10.11 31.90
N LEU A 1118 10.53 11.16 31.70
CA LEU A 1118 10.39 11.97 30.51
CA LEU A 1118 10.41 11.98 30.51
C LEU A 1118 10.71 11.17 29.26
N ALA A 1119 11.75 10.33 29.33
CA ALA A 1119 12.09 9.51 28.18
C ALA A 1119 10.94 8.59 27.82
N ALA A 1120 10.33 7.95 28.83
CA ALA A 1120 9.23 7.05 28.57
C ALA A 1120 8.07 7.77 27.92
N ALA A 1121 7.72 8.94 28.46
CA ALA A 1121 6.59 9.69 27.95
C ALA A 1121 6.86 10.25 26.56
N LEU A 1122 8.06 10.80 26.35
CA LEU A 1122 8.38 11.38 25.04
C LEU A 1122 8.48 10.30 23.97
N ALA A 1123 9.06 9.15 24.33
CA ALA A 1123 9.22 8.06 23.37
C ALA A 1123 7.88 7.57 22.87
N THR A 1124 6.83 7.76 23.64
CA THR A 1124 5.48 7.35 23.27
C THR A 1124 4.66 8.52 22.77
N GLY A 1125 5.31 9.64 22.43
CA GLY A 1125 4.70 10.74 21.72
C GLY A 1125 3.95 11.73 22.58
N ASN A 1126 4.02 11.58 23.90
CA ASN A 1126 3.20 12.40 24.79
C ASN A 1126 3.88 13.70 25.13
N SER A 1127 3.06 14.65 25.56
CA SER A 1127 3.57 15.78 26.32
C SER A 1127 3.49 15.42 27.79
N VAL A 1128 4.04 16.29 28.63
CA VAL A 1128 4.08 16.00 30.06
C VAL A 1128 3.76 17.26 30.86
N ALA A 1129 3.20 17.05 32.03
CA ALA A 1129 3.13 18.05 33.07
C ALA A 1129 3.90 17.50 34.26
N ILE A 1130 4.96 18.18 34.65
CA ILE A 1130 5.83 17.70 35.71
C ILE A 1130 5.42 18.38 37.01
N ASP A 1131 5.27 17.57 38.06
CA ASP A 1131 4.95 18.10 39.38
C ASP A 1131 5.99 19.13 39.82
N ALA A 1132 5.56 20.39 39.96
CA ALA A 1132 6.49 21.43 40.39
C ALA A 1132 6.92 21.25 41.83
N ALA A 1133 6.13 20.56 42.65
CA ALA A 1133 6.50 20.34 44.04
C ALA A 1133 7.68 19.38 44.18
N SER A 1134 8.10 18.74 43.09
CA SER A 1134 9.28 17.89 43.14
C SER A 1134 10.55 18.68 43.35
N GLY A 1135 10.53 19.98 43.06
CA GLY A 1135 11.71 20.79 43.18
C GLY A 1135 12.79 20.49 42.17
N LEU A 1136 12.46 19.81 41.07
CA LEU A 1136 13.46 19.37 40.12
C LEU A 1136 13.59 20.30 38.92
N GLN A 1137 13.05 21.53 39.02
CA GLN A 1137 13.10 22.46 37.90
C GLN A 1137 14.52 22.64 37.35
N ALA A 1138 15.52 22.72 38.24
CA ALA A 1138 16.89 22.94 37.78
C ALA A 1138 17.47 21.77 37.01
N SER A 1139 16.81 20.61 37.01
CA SER A 1139 17.29 19.47 36.26
C SER A 1139 16.95 19.55 34.77
N LEU A 1140 16.09 20.47 34.38
CA LEU A 1140 15.62 20.58 33.00
C LEU A 1140 15.95 21.93 32.40
N LYS A 1141 17.14 22.44 32.68
CA LYS A 1141 17.55 23.73 32.14
C LYS A 1141 17.98 23.60 30.68
N ASN A 1142 17.63 24.61 29.89
CA ASN A 1142 18.13 24.74 28.52
C ASN A 1142 17.62 23.63 27.59
N LEU A 1143 16.39 23.17 27.80
CA LEU A 1143 15.85 22.17 26.89
C LEU A 1143 15.80 22.70 25.47
N PRO A 1144 16.02 21.84 24.48
CA PRO A 1144 15.71 22.23 23.10
C PRO A 1144 14.26 22.65 23.00
N GLN A 1145 13.98 23.61 22.13
CA GLN A 1145 12.61 24.10 21.98
C GLN A 1145 11.64 22.98 21.67
N THR A 1146 12.05 21.97 20.89
CA THR A 1146 11.13 20.88 20.56
C THR A 1146 10.68 20.16 21.81
N VAL A 1147 11.60 19.96 22.77
CA VAL A 1147 11.24 19.29 24.01
C VAL A 1147 10.48 20.24 24.93
N GLY A 1148 10.94 21.49 25.04
CA GLY A 1148 10.21 22.46 25.83
C GLY A 1148 8.75 22.58 25.46
N LEU A 1149 8.43 22.44 24.16
CA LEU A 1149 7.04 22.53 23.73
C LEU A 1149 6.20 21.42 24.33
N ARG A 1150 6.82 20.28 24.66
CA ARG A 1150 6.12 19.15 25.24
C ARG A 1150 6.11 19.18 26.77
N VAL A 1151 6.85 20.09 27.39
CA VAL A 1151 7.08 20.06 28.83
C VAL A 1151 6.36 21.26 29.47
N SER A 1152 5.55 20.98 30.47
CA SER A 1152 5.04 22.03 31.34
C SER A 1152 5.28 21.58 32.77
N TRP A 1153 5.26 22.55 33.68
CA TRP A 1153 5.37 22.28 35.10
C TRP A 1153 4.06 22.62 35.76
N SER A 1154 3.62 21.79 36.70
CA SER A 1154 2.29 21.92 37.27
C SER A 1154 2.38 22.00 38.78
N LYS A 1155 1.95 23.12 39.34
CA LYS A 1155 1.80 23.24 40.77
C LYS A 1155 0.43 22.78 41.25
N ASP A 1156 -0.60 22.95 40.43
CA ASP A 1156 -1.97 22.57 40.76
C ASP A 1156 -2.39 21.57 39.69
N TRP A 1157 -2.22 20.28 39.98
CA TRP A 1157 -2.47 19.27 38.96
C TRP A 1157 -3.91 19.32 38.46
N ALA A 1158 -4.86 19.63 39.34
CA ALA A 1158 -6.26 19.64 38.94
C ALA A 1158 -6.57 20.75 37.95
N ALA A 1159 -5.78 21.82 37.97
CA ALA A 1159 -5.99 22.92 37.04
C ALA A 1159 -5.42 22.65 35.66
N ASP A 1160 -4.42 21.76 35.55
CA ASP A 1160 -3.64 21.60 34.34
C ASP A 1160 -3.99 20.33 33.57
N GLY A 1161 -5.02 19.62 33.97
CA GLY A 1161 -5.46 18.45 33.24
C GLY A 1161 -6.42 18.84 32.13
N PRO A 1162 -7.10 17.85 31.53
CA PRO A 1162 -7.05 16.43 31.86
C PRO A 1162 -5.74 15.80 31.43
N PHE A 1163 -5.27 14.86 32.22
CA PHE A 1163 -4.11 14.08 31.83
C PHE A 1163 -4.60 12.78 31.21
N ALA A 1164 -3.66 12.07 30.57
CA ALA A 1164 -3.99 10.81 29.92
C ALA A 1164 -3.25 9.65 30.55
N GLY A 1165 -2.52 9.90 31.62
CA GLY A 1165 -1.80 8.87 32.35
C GLY A 1165 -0.88 9.57 33.32
N ALA A 1166 -0.19 8.77 34.12
CA ALA A 1166 0.73 9.35 35.09
C ALA A 1166 1.89 8.41 35.31
N LEU A 1167 3.05 8.98 35.58
CA LEU A 1167 4.23 8.25 35.99
C LEU A 1167 4.67 8.80 37.34
N VAL A 1168 4.88 7.91 38.30
CA VAL A 1168 5.15 8.30 39.67
C VAL A 1168 6.43 7.61 40.12
N GLU A 1169 7.28 8.36 40.81
CA GLU A 1169 8.49 7.82 41.42
C GLU A 1169 8.41 8.06 42.92
N GLY A 1170 8.68 7.03 43.71
CA GLY A 1170 8.76 7.24 45.14
C GLY A 1170 8.76 5.93 45.87
N ASP A 1171 8.94 6.02 47.18
CA ASP A 1171 8.75 4.85 48.02
C ASP A 1171 7.26 4.55 48.14
N ALA A 1172 6.94 3.44 48.83
CA ALA A 1172 5.57 2.97 48.84
C ALA A 1172 4.60 4.02 49.37
N GLU A 1173 4.97 4.70 50.44
CA GLU A 1173 4.02 5.66 51.01
C GLU A 1173 3.90 6.91 50.15
N ARG A 1174 4.99 7.32 49.49
CA ARG A 1174 4.90 8.39 48.50
C ARG A 1174 3.98 7.99 47.36
N ILE A 1175 4.12 6.76 46.86
CA ILE A 1175 3.25 6.29 45.79
C ILE A 1175 1.80 6.30 46.24
N ARG A 1176 1.54 5.84 47.46
CA ARG A 1176 0.16 5.81 47.95
C ARG A 1176 -0.42 7.21 48.02
N ALA A 1177 0.36 8.15 48.55
CA ALA A 1177 -0.12 9.53 48.67
C ALA A 1177 -0.37 10.14 47.31
N VAL A 1178 0.55 9.94 46.37
CA VAL A 1178 0.37 10.48 45.03
C VAL A 1178 -0.85 9.86 44.36
N ASN A 1179 -1.04 8.55 44.56
CA ASN A 1179 -2.17 7.86 43.94
C ASN A 1179 -3.48 8.44 44.44
N LYS A 1180 -3.54 8.79 45.73
CA LYS A 1180 -4.72 9.44 46.28
C LYS A 1180 -4.92 10.83 45.65
N ALA A 1181 -3.84 11.59 45.51
CA ALA A 1181 -3.95 12.91 44.90
C ALA A 1181 -4.38 12.80 43.45
N ILE A 1182 -3.88 11.79 42.74
CA ILE A 1182 -4.25 11.62 41.34
C ILE A 1182 -5.70 11.21 41.22
N ALA A 1183 -6.17 10.31 42.08
CA ALA A 1183 -7.56 9.88 42.01
C ALA A 1183 -8.49 11.05 42.27
N ALA A 1184 -8.04 12.07 43.01
CA ALA A 1184 -8.88 13.22 43.32
C ALA A 1184 -8.96 14.20 42.16
N LEU A 1185 -8.13 14.04 41.14
CA LEU A 1185 -8.19 14.96 40.01
C LEU A 1185 -9.55 14.82 39.30
N PRO A 1186 -10.13 15.92 38.86
CA PRO A 1186 -11.41 15.82 38.14
C PRO A 1186 -11.23 15.12 36.81
N GLY A 1187 -12.31 14.49 36.36
CA GLY A 1187 -12.36 14.00 35.01
C GLY A 1187 -11.95 12.55 34.88
N PRO A 1188 -11.08 12.26 33.92
CA PRO A 1188 -10.84 10.87 33.53
C PRO A 1188 -10.05 10.13 34.57
N LEU A 1189 -10.30 8.83 34.66
CA LEU A 1189 -9.42 7.96 35.42
C LEU A 1189 -8.08 7.92 34.72
N LEU A 1190 -7.00 8.03 35.49
CA LEU A 1190 -5.66 8.00 34.91
C LEU A 1190 -5.04 6.64 35.13
N LEU A 1191 -4.46 6.10 34.07
CA LEU A 1191 -3.62 4.90 34.20
C LEU A 1191 -2.29 5.35 34.76
N VAL A 1192 -2.05 5.02 36.02
CA VAL A 1192 -0.87 5.43 36.76
C VAL A 1192 0.11 4.27 36.79
N GLN A 1193 1.38 4.58 36.55
CA GLN A 1193 2.45 3.62 36.76
C GLN A 1193 3.41 4.21 37.77
N ALA A 1194 3.80 3.42 38.75
CA ALA A 1194 4.67 3.89 39.80
C ALA A 1194 5.89 3.00 39.88
N ALA A 1195 6.99 3.57 40.36
CA ALA A 1195 8.20 2.81 40.58
C ALA A 1195 9.01 3.52 41.64
N SER A 1196 9.80 2.75 42.38
CA SER A 1196 10.75 3.37 43.28
C SER A 1196 11.98 3.84 42.50
N SER A 1197 12.77 4.69 43.13
CA SER A 1197 14.01 5.11 42.49
C SER A 1197 14.91 3.90 42.20
N GLY A 1198 14.96 2.96 43.14
CA GLY A 1198 15.76 1.76 42.93
C GLY A 1198 15.24 0.89 41.79
N GLU A 1199 13.91 0.80 41.67
CA GLU A 1199 13.32 0.06 40.55
C GLU A 1199 13.68 0.72 39.23
N ILE A 1200 13.63 2.05 39.17
CA ILE A 1200 14.02 2.75 37.95
C ILE A 1200 15.47 2.41 37.60
N ALA A 1201 16.34 2.33 38.60
CA ALA A 1201 17.75 2.01 38.35
C ALA A 1201 17.92 0.57 37.91
N ARG A 1202 17.13 -0.35 38.47
CA ARG A 1202 17.34 -1.76 38.20
C ARG A 1202 16.62 -2.25 36.96
N ASN A 1203 15.46 -1.68 36.65
CA ASN A 1203 14.58 -2.26 35.64
C ASN A 1203 14.33 -1.27 34.52
N PRO A 1204 14.89 -1.50 33.32
CA PRO A 1204 14.63 -0.57 32.22
C PRO A 1204 13.17 -0.44 31.86
N ASP A 1205 12.35 -1.44 32.19
CA ASP A 1205 10.92 -1.41 31.93
C ASP A 1205 10.11 -1.06 33.17
N ALA A 1206 10.73 -0.39 34.14
CA ALA A 1206 10.01 0.04 35.34
C ALA A 1206 8.71 0.72 34.97
N TYR A 1207 8.74 1.59 33.97
CA TYR A 1207 7.53 2.14 33.38
C TYR A 1207 7.31 1.46 32.03
N CYS A 1208 6.18 0.81 31.89
CA CYS A 1208 5.91 0.03 30.70
C CYS A 1208 5.36 0.94 29.60
N LEU A 1209 5.98 0.88 28.43
CA LEU A 1209 5.56 1.76 27.34
C LEU A 1209 4.22 1.34 26.75
N ASN A 1210 3.77 0.10 27.00
CA ASN A 1210 2.47 -0.33 26.52
C ASN A 1210 1.37 0.61 26.99
N TRP A 1211 1.48 1.13 28.21
CA TRP A 1211 0.40 1.92 28.81
C TRP A 1211 0.57 3.40 28.59
N LEU A 1212 1.56 3.81 27.80
CA LEU A 1212 1.80 5.21 27.49
C LEU A 1212 1.42 5.55 26.06
N VAL A 1213 0.91 4.59 25.31
CA VAL A 1213 0.32 4.81 24.01
C VAL A 1213 -1.17 4.58 24.12
N GLU A 1214 -1.88 5.07 23.12
CA GLU A 1214 -3.32 4.96 23.05
C GLU A 1214 -3.65 4.18 21.78
N GLU A 1215 -4.45 3.15 21.92
CA GLU A 1215 -4.90 2.38 20.77
C GLU A 1215 -6.08 3.08 20.10
N VAL A 1216 -6.06 3.10 18.78
CA VAL A 1216 -7.19 3.59 18.00
C VAL A 1216 -7.54 2.55 16.97
N SER A 1217 -8.81 2.18 16.91
CA SER A 1217 -9.35 1.28 15.90
C SER A 1217 -10.19 2.10 14.95
N ALA A 1218 -10.05 1.84 13.67
CA ALA A 1218 -10.86 2.52 12.65
C ALA A 1218 -11.39 1.47 11.70
N SER A 1219 -12.70 1.48 11.51
CA SER A 1219 -13.37 0.54 10.62
C SER A 1219 -14.00 1.33 9.50
N ILE A 1220 -13.57 1.04 8.27
CA ILE A 1220 -13.98 1.78 7.09
C ILE A 1220 -14.79 0.83 6.22
N ASN A 1221 -16.03 1.21 5.92
CA ASN A 1221 -16.87 0.46 5.00
C ASN A 1221 -16.43 0.82 3.59
N THR A 1222 -15.72 -0.09 2.93
CA THR A 1222 -15.20 0.20 1.60
C THR A 1222 -16.17 -0.23 0.51
N ALA A 1223 -17.32 -0.78 0.90
CA ALA A 1223 -18.40 -1.07 -0.03
C ALA A 1223 -19.43 0.05 -0.08
N ALA A 1224 -19.20 1.16 0.64
CA ALA A 1224 -20.24 2.18 0.81
C ALA A 1224 -20.61 2.85 -0.50
N ALA A 1225 -19.70 2.88 -1.47
CA ALA A 1225 -20.01 3.51 -2.75
C ALA A 1225 -20.96 2.68 -3.59
N GLY A 1226 -21.23 1.44 -3.20
CA GLY A 1226 -22.18 0.60 -3.91
C GLY A 1226 -21.60 -0.70 -4.42
N GLY A 1227 -20.30 -0.93 -4.27
CA GLY A 1227 -19.70 -2.16 -4.71
C GLY A 1227 -18.36 -2.34 -4.04
N ASN A 1228 -17.75 -3.49 -4.30
CA ASN A 1228 -16.49 -3.88 -3.68
C ASN A 1228 -15.45 -3.95 -4.79
N ALA A 1229 -14.50 -3.01 -4.76
CA ALA A 1229 -13.49 -2.95 -5.82
C ALA A 1229 -12.65 -4.21 -5.86
N SER A 1230 -12.17 -4.66 -4.69
CA SER A 1230 -11.31 -5.84 -4.66
C SER A 1230 -12.02 -7.07 -5.20
N LEU A 1231 -13.31 -7.23 -4.87
CA LEU A 1231 -14.05 -8.38 -5.36
C LEU A 1231 -14.39 -8.29 -6.85
N MET A 1232 -14.25 -7.12 -7.47
CA MET A 1232 -14.36 -7.06 -8.92
C MET A 1232 -13.30 -7.91 -9.62
N ALA A 1233 -12.20 -8.21 -8.93
CA ALA A 1233 -11.14 -9.07 -9.46
C ALA A 1233 -11.32 -10.53 -9.09
N ILE A 1234 -12.35 -10.88 -8.33
CA ILE A 1234 -12.59 -12.25 -7.91
C ILE A 1234 -13.73 -12.83 -8.73
N GLY A 1235 -13.39 -13.72 -9.65
CA GLY A 1235 -14.36 -14.44 -10.44
C GLY A 1235 -13.98 -15.90 -10.48
N ALA B 16 51.24 12.85 -29.50
CA ALA B 16 49.97 12.57 -28.81
C ALA B 16 49.16 11.55 -29.60
N PRO B 17 48.67 10.53 -28.91
CA PRO B 17 47.84 9.52 -29.58
C PRO B 17 46.60 10.14 -30.21
N ALA B 18 46.27 9.67 -31.40
CA ALA B 18 45.10 10.18 -32.10
C ALA B 18 43.85 9.90 -31.27
N PRO B 19 42.91 10.84 -31.21
CA PRO B 19 41.70 10.62 -30.38
C PRO B 19 40.96 9.38 -30.81
N PHE B 20 40.63 8.54 -29.82
CA PHE B 20 39.81 7.35 -29.98
C PHE B 20 40.45 6.27 -30.83
N ALA B 21 41.76 6.38 -31.12
CA ALA B 21 42.43 5.38 -31.94
C ALA B 21 42.52 4.02 -31.26
N ASP B 22 42.36 4.00 -29.94
CA ASP B 22 42.40 2.74 -29.20
C ASP B 22 41.21 2.66 -28.28
N PHE B 23 40.05 3.10 -28.77
CA PHE B 23 38.91 3.26 -27.88
C PHE B 23 38.48 1.93 -27.27
N ALA B 24 38.19 0.94 -28.10
CA ALA B 24 37.72 -0.34 -27.58
C ALA B 24 37.95 -1.47 -28.58
N PRO B 25 39.19 -1.72 -28.98
CA PRO B 25 39.44 -2.76 -29.97
C PRO B 25 39.03 -4.11 -29.42
N PRO B 26 38.38 -4.95 -30.22
CA PRO B 26 37.97 -6.26 -29.73
C PRO B 26 39.17 -7.14 -29.46
N VAL B 27 38.96 -8.13 -28.60
CA VAL B 27 40.02 -9.09 -28.29
C VAL B 27 40.50 -9.79 -29.55
N ARG B 28 39.59 -10.10 -30.45
CA ARG B 28 39.95 -10.79 -31.67
C ARG B 28 38.95 -10.38 -32.75
N PRO B 29 39.31 -10.54 -34.02
CA PRO B 29 38.33 -10.30 -35.08
C PRO B 29 37.14 -11.21 -34.90
N GLN B 30 35.95 -10.65 -35.08
CA GLN B 30 34.72 -11.38 -34.79
C GLN B 30 34.36 -12.27 -35.97
N SER B 31 34.33 -13.58 -35.74
CA SER B 31 33.98 -14.55 -36.76
C SER B 31 32.49 -14.44 -37.09
N THR B 32 32.10 -15.12 -38.16
CA THR B 32 30.68 -15.21 -38.51
C THR B 32 29.86 -15.72 -37.34
N LEU B 33 30.33 -16.78 -36.67
CA LEU B 33 29.57 -17.31 -35.54
C LEU B 33 29.54 -16.33 -34.38
N ARG B 34 30.65 -15.64 -34.10
CA ARG B 34 30.61 -14.65 -33.03
C ARG B 34 29.68 -13.50 -33.37
N ARG B 35 29.67 -13.10 -34.64
CA ARG B 35 28.80 -12.00 -35.04
C ARG B 35 27.34 -12.38 -34.91
N ALA B 36 27.01 -13.65 -35.19
CA ALA B 36 25.63 -14.09 -35.04
C ALA B 36 25.20 -14.07 -33.58
N ILE B 37 26.12 -14.33 -32.65
CA ILE B 37 25.82 -14.16 -31.24
C ILE B 37 25.49 -12.70 -30.94
N THR B 38 26.39 -11.80 -31.32
CA THR B 38 26.19 -10.39 -30.98
C THR B 38 24.90 -9.86 -31.60
N ALA B 39 24.58 -10.31 -32.82
CA ALA B 39 23.39 -9.83 -33.50
C ALA B 39 22.13 -10.16 -32.73
N ALA B 40 22.15 -11.21 -31.91
CA ALA B 40 20.98 -11.67 -31.19
C ALA B 40 20.85 -11.02 -29.82
N TYR B 41 21.82 -10.21 -29.42
CA TYR B 41 21.95 -9.77 -28.03
C TYR B 41 20.61 -9.27 -27.46
N ARG B 42 19.94 -8.37 -28.19
CA ARG B 42 18.70 -7.77 -27.71
C ARG B 42 17.60 -7.93 -28.73
N ARG B 43 17.62 -9.05 -29.44
CA ARG B 43 16.65 -9.30 -30.49
C ARG B 43 15.24 -9.29 -29.91
N PRO B 44 14.28 -8.71 -30.60
CA PRO B 44 12.91 -8.70 -30.07
C PRO B 44 12.44 -10.10 -29.74
N GLU B 45 11.71 -10.19 -28.63
CA GLU B 45 11.24 -11.48 -28.17
C GLU B 45 10.38 -12.17 -29.21
N THR B 46 9.57 -11.41 -29.96
CA THR B 46 8.74 -11.97 -31.01
C THR B 46 9.56 -12.54 -32.17
N GLU B 47 10.79 -12.07 -32.35
CA GLU B 47 11.67 -12.68 -33.36
C GLU B 47 12.40 -13.89 -32.82
N CYS B 48 12.69 -13.91 -31.52
CA CYS B 48 13.45 -15.02 -30.95
C CYS B 48 12.62 -16.29 -30.88
N LEU B 49 11.35 -16.16 -30.53
CA LEU B 49 10.57 -17.33 -30.17
C LEU B 49 10.24 -18.29 -31.30
N PRO B 50 9.83 -17.84 -32.48
CA PRO B 50 9.40 -18.81 -33.51
C PRO B 50 10.46 -19.85 -33.85
N PRO B 51 11.74 -19.48 -34.06
CA PRO B 51 12.71 -20.55 -34.33
C PRO B 51 12.92 -21.49 -33.16
N LEU B 52 12.79 -20.99 -31.92
CA LEU B 52 12.92 -21.86 -30.76
C LEU B 52 11.74 -22.82 -30.66
N VAL B 53 10.52 -22.34 -30.92
CA VAL B 53 9.36 -23.22 -30.94
C VAL B 53 9.57 -24.34 -31.96
N GLU B 54 10.05 -23.98 -33.15
CA GLU B 54 10.31 -24.98 -34.18
C GLU B 54 11.34 -25.99 -33.71
N ALA B 55 12.46 -25.51 -33.15
CA ALA B 55 13.51 -26.42 -32.71
C ALA B 55 13.06 -27.30 -31.53
N ALA B 56 12.16 -26.79 -30.70
CA ALA B 56 11.69 -27.52 -29.52
C ALA B 56 10.52 -28.45 -29.80
N THR B 57 10.02 -28.47 -31.04
CA THR B 57 8.86 -29.28 -31.35
C THR B 57 9.20 -30.76 -31.28
N GLN B 58 8.31 -31.53 -30.65
CA GLN B 58 8.42 -32.98 -30.57
C GLN B 58 7.11 -33.61 -31.01
N SER B 59 7.20 -34.86 -31.45
CA SER B 59 6.03 -35.59 -31.93
C SER B 59 5.01 -35.78 -30.82
N LYS B 60 3.77 -36.09 -31.22
CA LYS B 60 2.73 -36.34 -30.23
C LYS B 60 3.12 -37.49 -29.32
N GLU B 61 3.74 -38.52 -29.88
CA GLU B 61 4.11 -39.69 -29.07
C GLU B 61 5.08 -39.29 -27.97
N ILE B 62 6.13 -38.56 -28.34
CA ILE B 62 7.13 -38.14 -27.35
C ILE B 62 6.53 -37.19 -26.34
N ARG B 63 5.65 -36.29 -26.78
CA ARG B 63 5.02 -35.35 -25.86
C ARG B 63 4.14 -36.06 -24.85
N ASP B 64 3.35 -37.05 -25.29
CA ASP B 64 2.56 -37.82 -24.33
C ASP B 64 3.47 -38.59 -23.39
N ALA B 65 4.52 -39.21 -23.91
CA ALA B 65 5.43 -39.98 -23.07
C ALA B 65 6.12 -39.07 -22.05
N ALA B 66 6.55 -37.89 -22.48
CA ALA B 66 7.19 -36.94 -21.57
C ALA B 66 6.20 -36.45 -20.52
N ALA B 67 4.95 -36.21 -20.91
CA ALA B 67 3.96 -35.76 -19.95
C ALA B 67 3.71 -36.81 -18.88
N SER B 68 3.74 -38.10 -19.26
CA SER B 68 3.56 -39.17 -18.28
CA SER B 68 3.56 -39.17 -18.28
C SER B 68 4.79 -39.32 -17.40
N THR B 69 5.98 -39.19 -17.97
CA THR B 69 7.20 -39.24 -17.17
C THR B 69 7.24 -38.09 -16.19
N ALA B 70 6.88 -36.88 -16.64
CA ALA B 70 6.82 -35.73 -15.74
C ALA B 70 5.80 -35.96 -14.64
N ARG B 71 4.64 -36.55 -14.97
CA ARG B 71 3.64 -36.84 -13.95
CA ARG B 71 3.64 -36.83 -13.94
C ARG B 71 4.19 -37.79 -12.90
N LYS B 72 4.86 -38.85 -13.34
CA LYS B 72 5.44 -39.81 -12.41
C LYS B 72 6.45 -39.13 -11.49
N LEU B 73 7.29 -38.25 -12.04
CA LEU B 73 8.27 -37.57 -11.21
C LEU B 73 7.61 -36.67 -10.18
N ILE B 74 6.57 -35.93 -10.60
CA ILE B 74 5.95 -34.93 -9.73
C ILE B 74 5.17 -35.61 -8.61
N GLU B 75 4.39 -36.63 -8.94
CA GLU B 75 3.71 -37.41 -7.91
C GLU B 75 4.71 -37.99 -6.91
N ALA B 76 5.84 -38.51 -7.41
CA ALA B 76 6.91 -38.97 -6.52
C ALA B 76 7.43 -37.84 -5.64
N LEU B 77 7.59 -36.65 -6.19
CA LEU B 77 8.04 -35.51 -5.40
C LEU B 77 7.02 -35.11 -4.35
N ARG B 78 5.76 -34.95 -4.75
CA ARG B 78 4.74 -34.50 -3.81
C ARG B 78 4.33 -35.57 -2.81
N GLY B 79 4.69 -36.82 -3.07
CA GLY B 79 4.34 -37.89 -2.15
C GLY B 79 5.25 -38.05 -0.96
N LYS B 80 6.37 -37.31 -0.94
CA LYS B 80 7.37 -37.52 0.11
C LYS B 80 7.78 -36.23 0.83
N GLY B 85 12.42 -28.91 7.42
CA GLY B 85 12.85 -28.86 8.81
C GLY B 85 12.41 -27.59 9.50
N VAL B 86 12.53 -26.46 8.79
CA VAL B 86 12.07 -25.19 9.34
C VAL B 86 10.57 -25.21 9.59
N GLU B 87 9.80 -25.77 8.65
CA GLU B 87 8.36 -25.86 8.82
C GLU B 87 8.00 -26.63 10.08
N GLY B 88 8.71 -27.73 10.34
CA GLY B 88 8.45 -28.50 11.55
C GLY B 88 8.78 -27.74 12.80
N LEU B 89 9.84 -26.93 12.77
CA LEU B 89 10.20 -26.11 13.91
C LEU B 89 9.13 -25.04 14.16
N VAL B 90 8.68 -24.38 13.10
CA VAL B 90 7.62 -23.39 13.20
C VAL B 90 6.35 -24.02 13.76
N GLN B 91 6.02 -25.22 13.30
CA GLN B 91 4.82 -25.88 13.79
C GLN B 91 4.95 -26.27 15.27
N GLU B 92 6.11 -26.80 15.66
CA GLU B 92 6.25 -27.32 17.03
C GLU B 92 6.16 -26.20 18.06
N TYR B 93 6.74 -25.04 17.76
CA TYR B 93 6.75 -23.94 18.73
C TYR B 93 5.74 -22.86 18.39
N SER B 94 4.85 -23.12 17.43
CA SER B 94 3.80 -22.18 17.06
C SER B 94 4.38 -20.81 16.76
N LEU B 95 5.43 -20.81 15.95
CA LEU B 95 6.11 -19.58 15.62
C LEU B 95 5.35 -18.83 14.54
N SER B 96 5.29 -17.51 14.68
CA SER B 96 4.92 -16.68 13.55
C SER B 96 6.09 -16.63 12.58
N SER B 97 5.84 -16.11 11.38
CA SER B 97 6.91 -15.98 10.41
C SER B 97 8.05 -15.14 10.95
N GLN B 98 7.72 -13.98 11.54
CA GLN B 98 8.77 -13.11 12.08
C GLN B 98 9.53 -13.81 13.20
N GLU B 99 8.83 -14.60 14.01
CA GLU B 99 9.52 -15.35 15.06
C GLU B 99 10.45 -16.40 14.46
N GLY B 100 10.00 -17.08 13.40
CA GLY B 100 10.88 -18.01 12.73
C GLY B 100 12.12 -17.34 12.18
N VAL B 101 11.95 -16.17 11.55
CA VAL B 101 13.10 -15.46 11.01
C VAL B 101 14.02 -15.02 12.14
N ALA B 102 13.43 -14.43 13.18
CA ALA B 102 14.25 -13.92 14.29
C ALA B 102 15.02 -15.05 14.93
N LEU B 103 14.38 -16.20 15.09
CA LEU B 103 15.04 -17.34 15.71
C LEU B 103 16.22 -17.80 14.86
N MET B 104 16.04 -17.87 13.55
CA MET B 104 17.14 -18.29 12.69
C MET B 104 18.28 -17.29 12.72
N CYS B 105 17.96 -16.00 12.80
CA CYS B 105 19.01 -15.00 12.97
C CYS B 105 19.76 -15.20 14.27
N LEU B 106 19.02 -15.43 15.36
CA LEU B 106 19.68 -15.73 16.62
C LEU B 106 20.53 -16.98 16.50
N ALA B 107 20.01 -18.02 15.85
CA ALA B 107 20.78 -19.26 15.69
C ALA B 107 22.04 -18.99 14.88
N GLU B 108 21.94 -18.24 13.78
CA GLU B 108 23.11 -17.88 12.98
C GLU B 108 24.17 -17.20 13.84
N ALA B 109 23.75 -16.26 14.68
CA ALA B 109 24.70 -15.55 15.53
C ALA B 109 25.34 -16.51 16.54
N LEU B 110 24.53 -17.38 17.14
CA LEU B 110 25.08 -18.32 18.11
C LEU B 110 26.07 -19.28 17.46
N LEU B 111 25.87 -19.61 16.19
CA LEU B 111 26.78 -20.50 15.48
C LEU B 111 28.09 -19.82 15.11
N ARG B 112 28.17 -18.50 15.18
CA ARG B 112 29.45 -17.83 15.06
C ARG B 112 30.33 -18.04 16.28
N ILE B 113 29.77 -18.51 17.39
CA ILE B 113 30.57 -18.91 18.54
C ILE B 113 31.10 -20.31 18.23
N PRO B 114 32.40 -20.49 17.98
CA PRO B 114 32.88 -21.81 17.55
C PRO B 114 32.88 -22.85 18.65
N ASP B 115 33.09 -22.46 19.90
CA ASP B 115 33.17 -23.42 21.00
C ASP B 115 31.77 -23.82 21.45
N THR B 116 31.44 -25.10 21.32
CA THR B 116 30.12 -25.59 21.72
C THR B 116 29.81 -25.27 23.17
N ALA B 117 30.78 -25.45 24.07
CA ALA B 117 30.49 -25.23 25.48
C ALA B 117 30.24 -23.77 25.78
N THR B 118 31.01 -22.87 25.17
CA THR B 118 30.77 -21.44 25.36
C THR B 118 29.40 -21.06 24.80
N ARG B 119 29.05 -21.61 23.65
CA ARG B 119 27.76 -21.30 23.03
C ARG B 119 26.61 -21.83 23.87
N ASP B 120 26.71 -23.09 24.30
CA ASP B 120 25.67 -23.68 25.12
C ASP B 120 25.53 -22.96 26.46
N ALA B 121 26.65 -22.51 27.03
CA ALA B 121 26.57 -21.79 28.29
C ALA B 121 25.89 -20.45 28.11
N LEU B 122 26.19 -19.75 27.01
CA LEU B 122 25.54 -18.47 26.75
C LEU B 122 24.04 -18.64 26.57
N ILE B 123 23.63 -19.71 25.89
CA ILE B 123 22.21 -19.98 25.68
C ILE B 123 21.51 -20.20 27.02
N ARG B 124 22.06 -21.10 27.85
CA ARG B 124 21.40 -21.46 29.10
C ARG B 124 21.46 -20.32 30.11
N ASP B 125 22.57 -19.59 30.17
CA ASP B 125 22.79 -18.59 31.20
C ASP B 125 22.40 -17.17 30.79
N LYS B 126 22.36 -16.86 29.52
CA LYS B 126 22.10 -15.46 29.14
C LYS B 126 20.97 -15.30 28.14
N ILE B 127 20.85 -16.20 27.16
CA ILE B 127 19.88 -15.98 26.09
C ILE B 127 18.49 -16.48 26.50
N ALA B 128 18.42 -17.66 27.12
CA ALA B 128 17.13 -18.23 27.51
C ALA B 128 16.42 -17.36 28.53
N ASP B 129 17.16 -16.52 29.25
CA ASP B 129 16.59 -15.57 30.18
C ASP B 129 16.28 -14.22 29.55
N GLY B 130 16.08 -14.20 28.23
CA GLY B 130 15.58 -13.01 27.55
C GLY B 130 16.58 -11.91 27.29
N ASN B 131 17.63 -11.81 28.11
CA ASN B 131 18.58 -10.70 27.98
C ASN B 131 19.44 -10.84 26.73
N TRP B 132 18.82 -11.23 25.60
CA TRP B 132 19.59 -11.49 24.39
C TRP B 132 20.14 -10.21 23.77
N LYS B 133 19.47 -9.08 23.99
CA LYS B 133 19.87 -7.84 23.33
C LYS B 133 21.24 -7.36 23.79
N SER B 134 21.69 -7.81 24.96
CA SER B 134 22.95 -7.37 25.55
C SER B 134 24.00 -8.48 25.53
N HIS B 135 24.08 -9.22 24.42
CA HIS B 135 25.00 -10.35 24.35
C HIS B 135 25.52 -10.62 22.95
N LEU B 136 24.68 -10.42 21.93
CA LEU B 136 25.07 -10.74 20.57
C LEU B 136 24.87 -9.55 19.64
N ARG B 140 26.78 -5.06 15.91
CA ARG B 140 26.14 -5.50 14.67
C ARG B 140 24.81 -6.18 14.96
N SER B 141 23.78 -5.78 14.22
CA SER B 141 22.44 -6.29 14.45
C SER B 141 22.42 -7.80 14.31
N LEU B 142 21.68 -8.46 15.20
CA LEU B 142 21.39 -9.87 15.02
C LEU B 142 20.70 -10.14 13.68
N PHE B 143 20.04 -9.13 13.12
CA PHE B 143 19.12 -9.34 12.01
C PHE B 143 19.71 -8.93 10.67
N VAL B 144 21.04 -8.77 10.58
CA VAL B 144 21.70 -8.35 9.34
C VAL B 144 21.29 -9.24 8.17
N ASN B 145 21.20 -10.56 8.38
CA ASN B 145 20.86 -11.48 7.30
C ASN B 145 19.41 -11.93 7.34
N ALA B 146 18.54 -11.14 7.97
CA ALA B 146 17.15 -11.56 8.12
C ALA B 146 16.42 -11.63 6.78
N ALA B 147 16.83 -10.88 5.78
CA ALA B 147 16.17 -11.02 4.48
C ALA B 147 16.39 -12.42 3.92
N THR B 148 17.58 -12.95 4.13
CA THR B 148 17.87 -14.31 3.69
C THR B 148 17.06 -15.33 4.50
N TRP B 149 17.03 -15.18 5.82
CA TRP B 149 16.21 -16.08 6.61
C TRP B 149 14.73 -15.90 6.33
N GLY B 150 14.31 -14.69 6.00
CA GLY B 150 12.93 -14.48 5.58
C GLY B 150 12.60 -15.32 4.36
N LEU B 151 13.51 -15.39 3.41
CA LEU B 151 13.30 -16.27 2.25
CA LEU B 151 13.30 -16.26 2.26
C LEU B 151 13.18 -17.71 2.68
N VAL B 152 14.05 -18.15 3.59
CA VAL B 152 14.00 -19.54 4.06
C VAL B 152 12.68 -19.83 4.75
N VAL B 153 12.23 -18.92 5.62
CA VAL B 153 11.08 -19.18 6.46
C VAL B 153 9.78 -18.99 5.69
N THR B 154 9.67 -17.91 4.91
CA THR B 154 8.41 -17.54 4.29
C THR B 154 8.38 -17.74 2.79
N GLY B 155 9.54 -17.92 2.15
CA GLY B 155 9.57 -17.99 0.70
C GLY B 155 9.47 -16.65 0.01
N LYS B 156 9.48 -15.55 0.77
CA LYS B 156 9.36 -14.21 0.23
C LYS B 156 10.61 -13.42 0.57
N LEU B 157 11.05 -12.57 -0.34
CA LEU B 157 12.23 -11.75 -0.13
C LEU B 157 11.79 -10.31 0.12
N THR B 158 12.35 -9.71 1.16
CA THR B 158 12.27 -8.28 1.35
C THR B 158 13.66 -7.69 1.15
N SER B 159 13.72 -6.43 0.75
CA SER B 159 15.02 -5.82 0.52
C SER B 159 15.64 -5.38 1.84
N THR B 160 14.83 -4.93 2.78
CA THR B 160 15.30 -4.50 4.09
C THR B 160 14.51 -5.22 5.16
N VAL B 161 14.97 -5.03 6.39
CA VAL B 161 14.63 -5.87 7.54
C VAL B 161 13.89 -5.00 8.52
N ASN B 162 12.72 -5.44 8.98
CA ASN B 162 12.06 -4.71 10.06
C ASN B 162 12.66 -5.20 11.37
N ASP B 163 13.73 -4.55 11.78
CA ASP B 163 14.46 -4.99 12.95
C ASP B 163 13.69 -4.78 14.23
N ARG B 164 12.77 -3.82 14.29
CA ARG B 164 11.96 -3.70 15.49
C ARG B 164 10.97 -4.84 15.61
N SER B 165 10.38 -5.24 14.47
CA SER B 165 9.47 -6.38 14.48
C SER B 165 10.22 -7.65 14.85
N LEU B 166 11.42 -7.83 14.30
CA LEU B 166 12.21 -9.01 14.60
C LEU B 166 12.64 -9.04 16.05
N ALA B 167 13.06 -7.89 16.59
CA ALA B 167 13.43 -7.83 18.00
C ALA B 167 12.26 -8.19 18.89
N ALA B 168 11.07 -7.64 18.58
CA ALA B 168 9.88 -7.99 19.33
C ALA B 168 9.59 -9.48 19.22
N ALA B 169 9.72 -10.03 18.02
CA ALA B 169 9.41 -11.44 17.81
C ALA B 169 10.39 -12.33 18.56
N LEU B 170 11.68 -11.95 18.59
CA LEU B 170 12.65 -12.76 19.30
C LEU B 170 12.40 -12.73 20.80
N THR B 171 12.17 -11.54 21.34
CA THR B 171 11.81 -11.45 22.75
C THR B 171 10.58 -12.30 23.04
N ARG B 172 9.57 -12.20 22.17
CA ARG B 172 8.33 -12.92 22.44
C ARG B 172 8.58 -14.42 22.43
N LEU B 173 9.30 -14.91 21.41
CA LEU B 173 9.46 -16.37 21.33
C LEU B 173 10.33 -16.91 22.45
N ILE B 174 11.37 -16.17 22.85
CA ILE B 174 12.21 -16.66 23.93
C ILE B 174 11.45 -16.63 25.25
N SER B 175 10.71 -15.55 25.50
CA SER B 175 9.94 -15.48 26.74
C SER B 175 8.84 -16.52 26.78
N ARG B 176 8.35 -16.95 25.61
CA ARG B 176 7.28 -17.94 25.57
C ARG B 176 7.85 -19.35 25.67
N CYS B 177 8.94 -19.64 24.96
CA CYS B 177 9.39 -21.01 24.79
C CYS B 177 10.77 -21.30 25.36
N GLY B 178 11.56 -20.28 25.65
CA GLY B 178 12.75 -20.54 26.46
C GLY B 178 13.86 -21.27 25.71
N GLU B 179 14.74 -21.88 26.50
CA GLU B 179 15.88 -22.57 25.91
C GLU B 179 15.52 -23.65 24.91
N PRO B 180 14.46 -24.45 25.09
CA PRO B 180 14.17 -25.49 24.08
C PRO B 180 14.02 -24.96 22.66
N VAL B 181 13.40 -23.80 22.47
CA VAL B 181 13.28 -23.33 21.09
C VAL B 181 14.60 -22.80 20.57
N ILE B 182 15.42 -22.20 21.43
CA ILE B 182 16.74 -21.75 21.01
C ILE B 182 17.59 -22.94 20.58
N ARG B 183 17.56 -24.01 21.37
CA ARG B 183 18.30 -25.22 21.03
C ARG B 183 17.85 -25.78 19.68
N ARG B 184 16.53 -25.89 19.47
CA ARG B 184 16.02 -26.37 18.20
C ARG B 184 16.44 -25.47 17.05
N GLY B 185 16.38 -24.15 17.24
CA GLY B 185 16.80 -23.26 16.18
C GLY B 185 18.27 -23.39 15.85
N VAL B 186 19.11 -23.50 16.87
CA VAL B 186 20.55 -23.64 16.65
C VAL B 186 20.85 -24.93 15.88
N ASP B 187 20.26 -26.04 16.33
CA ASP B 187 20.47 -27.30 15.64
C ASP B 187 19.96 -27.24 14.20
N MET B 188 18.83 -26.56 14.00
CA MET B 188 18.29 -26.43 12.66
C MET B 188 19.21 -25.61 11.77
N ALA B 189 19.65 -24.46 12.25
CA ALA B 189 20.53 -23.62 11.42
C ALA B 189 21.86 -24.32 11.16
N MET B 190 22.38 -25.04 12.16
CA MET B 190 23.61 -25.79 11.97
C MET B 190 23.47 -26.80 10.83
N ARG B 191 22.36 -27.55 10.81
CA ARG B 191 22.13 -28.51 9.75
C ARG B 191 21.96 -27.80 8.41
N MET B 192 21.15 -26.76 8.38
CA MET B 192 20.92 -26.05 7.12
C MET B 192 22.21 -25.47 6.57
N MET B 193 22.95 -24.75 7.39
CA MET B 193 24.15 -24.07 6.92
CA MET B 193 24.14 -24.07 6.88
C MET B 193 25.34 -25.01 6.73
N GLY B 194 25.31 -26.17 7.36
CA GLY B 194 26.45 -27.07 7.30
C GLY B 194 26.27 -28.21 6.34
N GLU B 195 25.01 -28.56 6.03
CA GLU B 195 24.74 -29.77 5.27
C GLU B 195 23.78 -29.57 4.11
N GLN B 196 22.98 -28.51 4.11
CA GLN B 196 21.99 -28.30 3.06
C GLN B 196 22.40 -27.19 2.11
N PHE B 197 22.74 -26.01 2.63
CA PHE B 197 23.18 -24.92 1.77
C PHE B 197 24.55 -25.22 1.17
N VAL B 198 25.35 -26.02 1.86
CA VAL B 198 26.64 -26.47 1.34
C VAL B 198 26.74 -27.96 1.55
N THR B 199 27.53 -28.60 0.71
CA THR B 199 27.84 -30.01 0.90
CA THR B 199 27.83 -30.00 0.91
C THR B 199 28.84 -30.22 2.03
N GLY B 200 29.62 -29.21 2.35
CA GLY B 200 30.55 -29.30 3.45
C GLY B 200 31.20 -27.94 3.63
N GLU B 201 31.80 -27.76 4.80
CA GLU B 201 32.52 -26.51 5.08
C GLU B 201 33.87 -26.47 4.40
N THR B 202 34.51 -27.63 4.20
CA THR B 202 35.79 -27.73 3.52
C THR B 202 35.66 -28.74 2.40
N ILE B 203 36.61 -28.69 1.46
CA ILE B 203 36.57 -29.62 0.34
C ILE B 203 36.74 -31.05 0.83
N ARG B 204 37.56 -31.23 1.86
CA ARG B 204 37.73 -32.54 2.50
C ARG B 204 36.40 -33.12 2.94
N GLU B 205 35.61 -32.32 3.67
CA GLU B 205 34.33 -32.78 4.18
C GLU B 205 33.35 -33.02 3.04
N ALA B 206 33.34 -32.11 2.07
CA ALA B 206 32.45 -32.25 0.92
C ALA B 206 32.74 -33.53 0.17
N LEU B 207 34.02 -33.81 -0.09
CA LEU B 207 34.40 -35.04 -0.78
C LEU B 207 33.98 -36.28 0.01
N LYS B 208 34.17 -36.25 1.33
CA LYS B 208 33.75 -37.40 2.14
C LYS B 208 32.25 -37.61 2.07
N ARG B 209 31.48 -36.53 2.10
CA ARG B 209 30.03 -36.63 2.06
C ARG B 209 29.50 -37.00 0.69
N SER B 210 30.33 -36.93 -0.34
CA SER B 210 29.87 -37.20 -1.69
C SER B 210 29.82 -38.69 -2.01
N LYS B 211 30.48 -39.52 -1.20
CA LYS B 211 30.58 -40.93 -1.54
C LYS B 211 29.21 -41.60 -1.59
N GLU B 212 28.30 -41.19 -0.71
CA GLU B 212 27.00 -41.86 -0.60
C GLU B 212 26.24 -41.80 -1.93
N LEU B 213 26.11 -40.60 -2.51
CA LEU B 213 25.39 -40.46 -3.76
C LEU B 213 26.22 -40.89 -4.97
N GLU B 214 27.55 -40.78 -4.90
CA GLU B 214 28.37 -41.29 -5.98
C GLU B 214 28.17 -42.79 -6.15
N GLU B 215 28.09 -43.52 -5.04
CA GLU B 215 27.82 -44.96 -5.12
C GLU B 215 26.47 -45.27 -5.78
N LYS B 216 25.53 -44.32 -5.75
CA LYS B 216 24.24 -44.51 -6.41
C LYS B 216 24.26 -44.10 -7.88
N GLY B 217 25.32 -43.44 -8.33
CA GLY B 217 25.43 -43.04 -9.72
C GLY B 217 25.40 -41.55 -9.93
N PHE B 218 25.35 -40.75 -8.86
CA PHE B 218 25.52 -39.33 -9.01
C PHE B 218 27.00 -39.01 -9.17
N SER B 219 27.27 -37.84 -9.73
CA SER B 219 28.60 -37.26 -9.73
C SER B 219 28.51 -35.87 -9.12
N TYR B 220 29.65 -35.19 -9.03
CA TYR B 220 29.69 -33.90 -8.35
C TYR B 220 30.49 -32.88 -9.14
N SER B 221 30.13 -31.62 -8.95
CA SER B 221 30.92 -30.47 -9.38
C SER B 221 30.97 -29.51 -8.21
N TYR B 222 32.16 -29.25 -7.68
CA TYR B 222 32.29 -28.46 -6.47
C TYR B 222 32.45 -26.97 -6.76
N ASP B 223 31.77 -26.17 -5.95
CA ASP B 223 31.78 -24.72 -6.05
C ASP B 223 32.36 -24.17 -4.77
N MET B 224 33.57 -23.61 -4.84
CA MET B 224 34.25 -23.08 -3.66
C MET B 224 33.77 -21.69 -3.29
N LEU B 225 32.72 -21.21 -3.92
CA LEU B 225 31.95 -20.02 -3.57
C LEU B 225 32.60 -18.70 -4.00
N GLY B 226 33.78 -18.72 -4.61
CA GLY B 226 34.39 -17.46 -5.04
C GLY B 226 33.56 -16.79 -6.12
N GLU B 227 33.43 -15.46 -6.02
CA GLU B 227 32.66 -14.73 -7.00
C GLU B 227 32.93 -13.25 -6.81
N ALA B 228 32.94 -12.50 -7.91
CA ALA B 228 32.92 -11.04 -7.86
C ALA B 228 34.01 -10.49 -6.95
N ALA B 229 35.25 -10.88 -7.25
CA ALA B 229 36.39 -10.27 -6.56
C ALA B 229 36.29 -8.76 -6.65
N THR B 230 36.52 -8.09 -5.51
CA THR B 230 36.54 -6.64 -5.43
C THR B 230 37.95 -6.09 -5.48
N THR B 231 38.91 -6.85 -4.97
CA THR B 231 40.29 -6.42 -4.89
C THR B 231 41.18 -7.49 -5.48
N ALA B 232 42.43 -7.10 -5.74
CA ALA B 232 43.42 -8.07 -6.19
C ALA B 232 43.59 -9.18 -5.16
N ALA B 233 43.57 -8.85 -3.87
CA ALA B 233 43.72 -9.86 -2.85
C ALA B 233 42.57 -10.85 -2.88
N ASP B 234 41.34 -10.38 -3.16
CA ASP B 234 40.22 -11.30 -3.28
C ASP B 234 40.47 -12.29 -4.40
N ALA B 235 40.86 -11.77 -5.56
CA ALA B 235 41.04 -12.63 -6.73
C ALA B 235 42.17 -13.62 -6.49
N GLU B 236 43.24 -13.17 -5.84
CA GLU B 236 44.35 -14.08 -5.57
C GLU B 236 43.92 -15.18 -4.61
N ARG B 237 43.14 -14.82 -3.60
CA ARG B 237 42.65 -15.82 -2.66
C ARG B 237 41.73 -16.82 -3.35
N TYR B 238 40.80 -16.32 -4.16
CA TYR B 238 39.88 -17.24 -4.84
C TYR B 238 40.65 -18.16 -5.78
N TYR B 239 41.66 -17.64 -6.46
CA TYR B 239 42.50 -18.48 -7.29
C TYR B 239 43.13 -19.60 -6.47
N ARG B 240 43.75 -19.23 -5.34
CA ARG B 240 44.41 -20.23 -4.53
C ARG B 240 43.42 -21.23 -3.98
N ASP B 241 42.20 -20.78 -3.67
CA ASP B 241 41.19 -21.68 -3.17
C ASP B 241 40.77 -22.68 -4.25
N TYR B 242 40.61 -22.22 -5.49
CA TYR B 242 40.33 -23.15 -6.57
C TYR B 242 41.48 -24.12 -6.79
N GLU B 243 42.71 -23.61 -6.73
CA GLU B 243 43.87 -24.46 -6.96
C GLU B 243 43.94 -25.57 -5.92
N SER B 244 43.76 -25.21 -4.65
CA SER B 244 43.77 -26.19 -3.58
CA SER B 244 43.77 -26.21 -3.59
C SER B 244 42.63 -27.19 -3.76
N ALA B 245 41.45 -26.70 -4.12
CA ALA B 245 40.31 -27.59 -4.33
C ALA B 245 40.59 -28.54 -5.48
N ILE B 246 41.19 -28.05 -6.57
CA ILE B 246 41.48 -28.95 -7.68
C ILE B 246 42.38 -30.09 -7.25
N HIS B 247 43.40 -29.80 -6.45
CA HIS B 247 44.25 -30.88 -5.98
C HIS B 247 43.45 -31.89 -5.18
N ALA B 248 42.56 -31.41 -4.30
CA ALA B 248 41.79 -32.33 -3.48
C ALA B 248 40.81 -33.13 -4.33
N ILE B 249 40.10 -32.43 -5.22
CA ILE B 249 39.12 -33.11 -6.08
C ILE B 249 39.81 -34.06 -7.02
N GLY B 250 40.95 -33.64 -7.58
CA GLY B 250 41.66 -34.48 -8.53
C GLY B 250 42.21 -35.73 -7.87
N LYS B 251 42.74 -35.60 -6.66
CA LYS B 251 43.21 -36.79 -5.95
C LYS B 251 42.04 -37.71 -5.62
N ALA B 252 40.91 -37.13 -5.20
CA ALA B 252 39.73 -37.94 -4.87
C ALA B 252 39.16 -38.59 -6.12
N SER B 253 39.20 -37.90 -7.26
CA SER B 253 38.72 -38.50 -8.50
C SER B 253 39.45 -39.81 -8.78
N ALA B 254 40.76 -39.82 -8.57
CA ALA B 254 41.57 -41.04 -8.63
C ALA B 254 41.42 -41.75 -9.98
N GLY B 255 41.42 -40.97 -11.06
CA GLY B 255 41.34 -41.53 -12.38
C GLY B 255 39.96 -41.94 -12.84
N ARG B 256 38.91 -41.53 -12.14
CA ARG B 256 37.57 -41.90 -12.59
C ARG B 256 37.17 -41.18 -13.87
N GLY B 257 37.91 -40.15 -14.28
CA GLY B 257 37.58 -39.45 -15.49
C GLY B 257 36.54 -38.36 -15.28
N ILE B 258 36.26 -37.65 -16.37
CA ILE B 258 35.45 -36.46 -16.28
C ILE B 258 33.95 -36.73 -16.15
N TYR B 259 33.50 -37.94 -16.47
CA TYR B 259 32.07 -38.25 -16.41
C TYR B 259 31.66 -38.86 -15.07
N GLU B 260 32.30 -39.97 -14.69
CA GLU B 260 31.99 -40.57 -13.40
C GLU B 260 32.56 -39.75 -12.26
N GLY B 261 33.74 -39.18 -12.46
CA GLY B 261 34.47 -38.54 -11.40
C GLY B 261 34.05 -37.10 -11.21
N PRO B 262 34.43 -36.52 -10.07
CA PRO B 262 34.01 -35.16 -9.74
C PRO B 262 34.75 -34.12 -10.55
N GLY B 263 34.15 -32.94 -10.60
CA GLY B 263 34.82 -31.81 -11.19
C GLY B 263 34.68 -30.57 -10.34
N ILE B 264 35.09 -29.44 -10.90
CA ILE B 264 35.03 -28.17 -10.19
C ILE B 264 34.35 -27.15 -11.11
N SER B 265 33.67 -26.19 -10.49
CA SER B 265 33.08 -25.08 -11.21
C SER B 265 33.72 -23.80 -10.70
N ILE B 266 34.03 -22.88 -11.62
CA ILE B 266 34.65 -21.61 -11.25
C ILE B 266 33.83 -20.48 -11.85
N LYS B 267 34.03 -19.29 -11.31
CA LYS B 267 33.45 -18.08 -11.86
C LYS B 267 34.59 -17.17 -12.25
N LEU B 268 34.59 -16.73 -13.51
CA LEU B 268 35.64 -15.82 -13.94
C LEU B 268 35.68 -14.54 -13.11
N SER B 269 34.52 -14.07 -12.61
CA SER B 269 34.54 -12.86 -11.80
C SER B 269 35.28 -13.06 -10.50
N ALA B 270 35.45 -14.31 -10.05
CA ALA B 270 36.24 -14.54 -8.86
C ALA B 270 37.72 -14.31 -9.10
N LEU B 271 38.16 -14.36 -10.35
CA LEU B 271 39.58 -14.44 -10.65
C LEU B 271 40.19 -13.11 -11.06
N HIS B 272 39.38 -12.06 -11.14
CA HIS B 272 39.94 -10.76 -11.44
C HIS B 272 38.98 -9.70 -10.94
N PRO B 273 39.45 -8.60 -10.34
CA PRO B 273 38.53 -7.57 -9.85
C PRO B 273 37.94 -6.70 -10.94
N ARG B 274 38.42 -6.79 -12.18
CA ARG B 274 37.93 -5.98 -13.28
C ARG B 274 37.56 -6.88 -14.44
N TYR B 275 36.75 -7.89 -14.15
CA TYR B 275 36.28 -8.80 -15.19
C TYR B 275 35.13 -8.13 -15.93
N SER B 276 35.47 -7.44 -17.02
CA SER B 276 34.45 -6.72 -17.78
C SER B 276 34.99 -6.44 -19.15
N ARG B 277 34.07 -6.24 -20.10
CA ARG B 277 34.48 -5.90 -21.46
C ARG B 277 35.30 -4.61 -21.48
N ALA B 278 34.98 -3.66 -20.60
CA ALA B 278 35.73 -2.41 -20.57
C ALA B 278 37.19 -2.65 -20.26
N GLN B 279 37.50 -3.73 -19.55
CA GLN B 279 38.87 -4.08 -19.19
C GLN B 279 39.34 -5.35 -19.89
N ALA B 280 38.90 -5.56 -21.13
CA ALA B 280 39.17 -6.82 -21.81
C ALA B 280 40.67 -7.10 -21.90
N ALA B 281 41.48 -6.07 -22.11
CA ALA B 281 42.92 -6.30 -22.20
C ALA B 281 43.47 -6.88 -20.89
N ARG B 282 43.02 -6.35 -19.77
CA ARG B 282 43.46 -6.89 -18.48
C ARG B 282 42.90 -8.28 -18.26
N VAL B 283 41.67 -8.53 -18.71
CA VAL B 283 41.09 -9.87 -18.59
C VAL B 283 41.94 -10.88 -19.35
N MET B 284 42.28 -10.57 -20.61
CA MET B 284 43.06 -11.51 -21.38
C MET B 284 44.48 -11.63 -20.85
N GLY B 285 45.03 -10.53 -20.35
CA GLY B 285 46.42 -10.55 -19.90
C GLY B 285 46.61 -11.13 -18.53
N GLU B 286 45.63 -10.99 -17.65
CA GLU B 286 45.76 -11.32 -16.23
C GLU B 286 44.81 -12.40 -15.77
N LEU B 287 43.55 -12.36 -16.20
CA LEU B 287 42.60 -13.38 -15.80
C LEU B 287 42.84 -14.68 -16.55
N LEU B 288 42.96 -14.61 -17.87
CA LEU B 288 43.15 -15.81 -18.67
C LEU B 288 44.29 -16.70 -18.19
N PRO B 289 45.49 -16.19 -17.90
CA PRO B 289 46.54 -17.09 -17.41
C PRO B 289 46.16 -17.83 -16.14
N ARG B 290 45.36 -17.22 -15.28
CA ARG B 290 44.89 -17.91 -14.08
CA ARG B 290 44.88 -17.92 -14.08
C ARG B 290 43.96 -19.07 -14.44
N VAL B 291 43.02 -18.84 -15.36
CA VAL B 291 42.15 -19.93 -15.75
C VAL B 291 42.96 -21.03 -16.41
N LYS B 292 43.92 -20.65 -17.26
CA LYS B 292 44.74 -21.67 -17.90
CA LYS B 292 44.75 -21.65 -17.91
C LYS B 292 45.46 -22.52 -16.88
N ALA B 293 46.01 -21.88 -15.85
CA ALA B 293 46.72 -22.67 -14.84
C ALA B 293 45.79 -23.64 -14.14
N LEU B 294 44.59 -23.18 -13.80
CA LEU B 294 43.63 -24.07 -13.15
C LEU B 294 43.21 -25.19 -14.11
N ALA B 295 42.98 -24.86 -15.37
CA ALA B 295 42.61 -25.87 -16.34
C ALA B 295 43.70 -26.90 -16.51
N LEU B 296 44.97 -26.45 -16.51
CA LEU B 296 46.06 -27.39 -16.63
C LEU B 296 46.10 -28.35 -15.45
N LEU B 297 45.86 -27.84 -14.25
CA LEU B 297 45.75 -28.73 -13.10
C LEU B 297 44.61 -29.72 -13.27
N ALA B 298 43.44 -29.23 -13.70
CA ALA B 298 42.31 -30.13 -13.89
C ALA B 298 42.62 -31.17 -14.95
N LYS B 299 43.26 -30.75 -16.03
CA LYS B 299 43.66 -31.69 -17.06
CA LYS B 299 43.66 -31.69 -17.06
C LYS B 299 44.59 -32.76 -16.50
N ASN B 300 45.55 -32.36 -15.67
CA ASN B 300 46.51 -33.32 -15.16
C ASN B 300 45.84 -34.38 -14.30
N TYR B 301 44.78 -34.02 -13.60
CA TYR B 301 44.00 -34.98 -12.82
C TYR B 301 42.87 -35.60 -13.63
N ASP B 302 42.66 -35.14 -14.86
CA ASP B 302 41.53 -35.54 -15.70
C ASP B 302 40.20 -35.40 -14.99
N ILE B 303 39.94 -34.18 -14.52
CA ILE B 303 38.64 -33.82 -13.97
C ILE B 303 38.04 -32.73 -14.85
N GLY B 304 36.73 -32.54 -14.68
CA GLY B 304 36.06 -31.44 -15.35
C GLY B 304 36.31 -30.11 -14.63
N LEU B 305 36.47 -29.06 -15.43
CA LEU B 305 36.54 -27.70 -14.90
C LEU B 305 35.56 -26.88 -15.70
N ASN B 306 34.55 -26.36 -15.03
CA ASN B 306 33.43 -25.69 -15.66
C ASN B 306 33.47 -24.20 -15.34
N ILE B 307 33.24 -23.40 -16.37
CA ILE B 307 33.11 -21.95 -16.20
C ILE B 307 31.63 -21.62 -16.08
N ASP B 308 31.23 -21.19 -14.89
CA ASP B 308 29.85 -20.79 -14.66
C ASP B 308 29.55 -19.53 -15.46
N ALA B 309 28.28 -19.36 -15.82
CA ALA B 309 27.87 -18.21 -16.60
C ALA B 309 27.32 -17.14 -15.68
N GLU B 310 27.70 -15.90 -15.92
CA GLU B 310 27.34 -14.82 -15.02
C GLU B 310 26.43 -13.80 -15.72
N GLU B 311 26.70 -12.51 -15.56
CA GLU B 311 25.79 -11.52 -16.13
C GLU B 311 25.88 -11.51 -17.65
N ALA B 312 24.80 -11.02 -18.28
CA ALA B 312 24.74 -11.04 -19.74
C ALA B 312 25.88 -10.28 -20.37
N ASP B 313 26.37 -9.21 -19.73
CA ASP B 313 27.46 -8.45 -20.33
C ASP B 313 28.82 -9.10 -20.19
N ARG B 314 28.88 -10.29 -19.60
CA ARG B 314 30.12 -11.05 -19.53
C ARG B 314 30.11 -12.26 -20.44
N LEU B 315 28.99 -12.56 -21.07
CA LEU B 315 28.88 -13.77 -21.87
C LEU B 315 29.92 -13.78 -22.99
N GLU B 316 29.89 -12.76 -23.86
CA GLU B 316 30.76 -12.82 -25.02
C GLU B 316 32.24 -12.69 -24.64
N LEU B 317 32.54 -11.89 -23.63
CA LEU B 317 33.91 -11.82 -23.12
C LEU B 317 34.39 -13.20 -22.69
N SER B 318 33.54 -13.98 -22.01
CA SER B 318 33.96 -15.30 -21.58
C SER B 318 34.30 -16.21 -22.76
N LEU B 319 33.63 -16.01 -23.91
CA LEU B 319 33.94 -16.82 -25.07
C LEU B 319 35.35 -16.61 -25.58
N ASP B 320 35.89 -15.40 -25.40
CA ASP B 320 37.26 -15.17 -25.81
C ASP B 320 38.23 -15.99 -24.98
N LEU B 321 37.92 -16.23 -23.71
CA LEU B 321 38.76 -17.11 -22.92
C LEU B 321 38.57 -18.56 -23.32
N LEU B 322 37.32 -18.98 -23.51
CA LEU B 322 37.07 -20.35 -23.91
C LEU B 322 37.81 -20.69 -25.19
N GLU B 323 37.82 -19.75 -26.14
CA GLU B 323 38.51 -19.96 -27.41
C GLU B 323 39.99 -20.25 -27.20
N VAL B 324 40.66 -19.42 -26.40
CA VAL B 324 42.09 -19.63 -26.15
C VAL B 324 42.31 -20.98 -25.49
N LEU B 325 41.51 -21.30 -24.47
CA LEU B 325 41.74 -22.55 -23.74
C LEU B 325 41.56 -23.76 -24.65
N CYS B 326 40.56 -23.73 -25.53
CA CYS B 326 40.33 -24.87 -26.41
C CYS B 326 41.41 -25.02 -27.47
N LEU B 327 42.14 -23.95 -27.78
CA LEU B 327 43.23 -24.00 -28.75
C LEU B 327 44.60 -24.16 -28.11
N ASP B 328 44.66 -24.23 -26.78
CA ASP B 328 45.93 -24.28 -26.07
C ASP B 328 46.41 -25.72 -26.03
N GLY B 329 47.53 -26.00 -26.73
CA GLY B 329 48.06 -27.36 -26.79
C GLY B 329 48.46 -27.94 -25.45
N ASP B 330 48.72 -27.10 -24.44
CA ASP B 330 48.99 -27.63 -23.12
C ASP B 330 47.82 -28.43 -22.58
N LEU B 331 46.60 -28.19 -23.08
CA LEU B 331 45.41 -28.90 -22.65
C LEU B 331 45.01 -29.98 -23.63
N SER B 332 45.94 -30.41 -24.49
CA SER B 332 45.67 -31.37 -25.55
C SER B 332 44.93 -32.61 -25.06
N GLY B 333 43.84 -32.95 -25.76
CA GLY B 333 43.12 -34.17 -25.49
C GLY B 333 42.24 -34.16 -24.26
N TRP B 334 42.20 -33.06 -23.52
CA TRP B 334 41.38 -32.97 -22.32
C TRP B 334 39.96 -32.59 -22.70
N ASN B 335 39.01 -33.44 -22.34
CA ASN B 335 37.62 -33.18 -22.68
C ASN B 335 36.85 -32.62 -21.50
N GLY B 336 37.56 -32.16 -20.48
CA GLY B 336 36.92 -31.68 -19.28
C GLY B 336 36.64 -30.20 -19.22
N MET B 337 36.95 -29.42 -20.26
CA MET B 337 36.59 -28.02 -20.21
C MET B 337 35.07 -27.90 -20.28
N GLY B 338 34.50 -27.20 -19.31
CA GLY B 338 33.05 -27.04 -19.21
C GLY B 338 32.67 -25.58 -19.32
N PHE B 339 31.49 -25.35 -19.88
CA PHE B 339 31.07 -23.97 -20.11
C PHE B 339 29.55 -23.93 -20.02
N VAL B 340 29.05 -23.02 -19.22
CA VAL B 340 27.61 -22.87 -19.02
C VAL B 340 27.05 -21.95 -20.08
N VAL B 341 25.88 -22.28 -20.59
CA VAL B 341 25.11 -21.38 -21.44
CA VAL B 341 25.11 -21.39 -21.44
C VAL B 341 23.72 -21.23 -20.85
N GLN B 342 23.24 -20.00 -20.80
CA GLN B 342 21.99 -19.65 -20.13
C GLN B 342 20.85 -19.56 -21.15
N ALA B 343 19.90 -20.49 -21.05
CA ALA B 343 18.80 -20.52 -21.99
C ALA B 343 17.82 -19.38 -21.81
N TYR B 344 17.85 -18.66 -20.68
CA TYR B 344 17.04 -17.47 -20.62
C TYR B 344 17.59 -16.35 -21.49
N GLY B 345 18.76 -16.54 -22.08
CA GLY B 345 19.39 -15.51 -22.88
C GLY B 345 19.05 -15.70 -24.34
N LYS B 346 18.85 -14.57 -25.02
CA LYS B 346 18.48 -14.59 -26.43
C LYS B 346 19.61 -15.11 -27.31
N ARG B 347 20.84 -15.04 -26.85
CA ARG B 347 21.95 -15.49 -27.66
C ARG B 347 22.21 -16.97 -27.53
N CYS B 348 21.51 -17.65 -26.62
CA CYS B 348 21.84 -19.03 -26.25
C CYS B 348 22.06 -19.96 -27.45
N PRO B 349 21.13 -20.08 -28.40
CA PRO B 349 21.38 -21.02 -29.51
C PRO B 349 22.57 -20.64 -30.36
N PHE B 350 22.82 -19.34 -30.51
CA PHE B 350 23.97 -18.88 -31.30
C PHE B 350 25.27 -19.14 -30.55
N VAL B 351 25.25 -18.99 -29.22
CA VAL B 351 26.41 -19.36 -28.42
C VAL B 351 26.69 -20.84 -28.55
N LEU B 352 25.64 -21.66 -28.51
CA LEU B 352 25.81 -23.08 -28.68
C LEU B 352 26.42 -23.41 -30.04
N ASP B 353 25.94 -22.75 -31.10
CA ASP B 353 26.53 -22.97 -32.42
C ASP B 353 28.01 -22.65 -32.39
N PHE B 354 28.38 -21.55 -31.73
CA PHE B 354 29.78 -21.18 -31.62
C PHE B 354 30.58 -22.24 -30.86
N ILE B 355 30.03 -22.75 -29.76
CA ILE B 355 30.75 -23.73 -28.94
C ILE B 355 30.88 -25.05 -29.69
N ILE B 356 29.81 -25.49 -30.35
CA ILE B 356 29.87 -26.73 -31.09
C ILE B 356 30.91 -26.64 -32.19
N ASP B 357 30.96 -25.51 -32.88
CA ASP B 357 31.96 -25.34 -33.92
C ASP B 357 33.37 -25.30 -33.33
N LEU B 358 33.54 -24.58 -32.21
CA LEU B 358 34.84 -24.55 -31.55
C LEU B 358 35.27 -25.95 -31.16
N ALA B 359 34.34 -26.74 -30.63
CA ALA B 359 34.69 -28.11 -30.26
C ALA B 359 35.15 -28.90 -31.48
N ARG B 360 34.41 -28.76 -32.59
CA ARG B 360 34.75 -29.49 -33.80
CA ARG B 360 34.75 -29.50 -33.80
C ARG B 360 36.12 -29.11 -34.34
N ARG B 361 36.41 -27.82 -34.39
CA ARG B 361 37.67 -27.42 -34.98
C ARG B 361 38.87 -27.57 -34.07
N SER B 362 38.66 -27.65 -32.75
CA SER B 362 39.74 -27.76 -31.80
C SER B 362 40.02 -29.20 -31.38
N GLY B 363 39.16 -30.14 -31.73
CA GLY B 363 39.38 -31.51 -31.29
C GLY B 363 39.19 -31.68 -29.80
N ARG B 364 38.25 -30.95 -29.21
CA ARG B 364 37.96 -31.00 -27.79
C ARG B 364 36.48 -31.27 -27.67
N ARG B 365 36.11 -32.27 -26.88
CA ARG B 365 34.72 -32.33 -26.48
C ARG B 365 34.56 -31.34 -25.36
N ILE B 366 33.61 -30.43 -25.50
CA ILE B 366 33.38 -29.40 -24.50
C ILE B 366 32.15 -29.82 -23.72
N MET B 367 32.24 -29.76 -22.39
CA MET B 367 31.10 -30.06 -21.55
C MET B 367 30.28 -28.79 -21.50
N VAL B 368 29.01 -28.89 -21.87
CA VAL B 368 28.16 -27.71 -21.97
C VAL B 368 27.04 -27.86 -20.98
N ARG B 369 27.03 -27.02 -19.95
CA ARG B 369 25.94 -27.03 -18.98
C ARG B 369 24.88 -26.07 -19.49
N LEU B 370 23.73 -26.61 -19.84
CA LEU B 370 22.59 -25.79 -20.21
C LEU B 370 21.81 -25.49 -18.93
N VAL B 371 21.68 -24.22 -18.60
CA VAL B 371 20.90 -23.76 -17.47
C VAL B 371 19.86 -22.82 -18.03
N LYS B 372 18.90 -22.46 -17.18
CA LYS B 372 18.03 -21.36 -17.54
C LYS B 372 18.71 -20.02 -17.27
N GLY B 373 19.02 -19.73 -16.02
CA GLY B 373 19.83 -18.55 -15.74
C GLY B 373 19.51 -17.94 -14.40
N ALA B 374 20.52 -17.42 -13.69
CA ALA B 374 20.38 -17.05 -12.30
C ALA B 374 20.25 -15.56 -12.05
N TYR B 375 20.29 -14.72 -13.10
CA TYR B 375 20.35 -13.28 -12.88
C TYR B 375 19.15 -12.56 -13.44
N TRP B 376 18.01 -13.23 -13.57
CA TRP B 376 16.92 -12.69 -14.37
C TRP B 376 16.49 -11.29 -13.91
N ASP B 377 16.12 -11.15 -12.62
CA ASP B 377 15.64 -9.87 -12.14
C ASP B 377 16.66 -8.78 -12.38
N ALA B 378 17.94 -9.09 -12.17
CA ALA B 378 18.97 -8.09 -12.31
C ALA B 378 19.15 -7.70 -13.77
N GLU B 379 18.96 -8.63 -14.68
CA GLU B 379 19.08 -8.29 -16.10
C GLU B 379 17.93 -7.39 -16.54
N ILE B 380 16.73 -7.62 -16.01
CA ILE B 380 15.63 -6.72 -16.34
C ILE B 380 15.94 -5.32 -15.85
N LYS B 381 16.36 -5.20 -14.59
CA LYS B 381 16.64 -3.90 -14.02
C LYS B 381 17.76 -3.21 -14.80
N ARG B 382 18.81 -3.93 -15.12
CA ARG B 382 19.96 -3.30 -15.74
C ARG B 382 19.62 -2.76 -17.12
N ALA B 383 18.88 -3.52 -17.92
CA ALA B 383 18.52 -3.04 -19.24
C ALA B 383 17.63 -1.81 -19.14
N GLN B 384 16.73 -1.78 -18.16
CA GLN B 384 15.89 -0.62 -17.95
C GLN B 384 16.71 0.59 -17.52
N LEU B 385 17.61 0.40 -16.55
CA LEU B 385 18.45 1.50 -16.11
C LEU B 385 19.27 2.07 -17.27
N ASP B 386 19.76 1.19 -18.14
CA ASP B 386 20.67 1.61 -19.20
C ASP B 386 19.95 2.09 -20.44
N GLY B 387 18.63 2.03 -20.46
CA GLY B 387 17.88 2.50 -21.60
C GLY B 387 18.19 1.76 -22.88
N LEU B 388 18.44 0.45 -22.78
CA LEU B 388 18.88 -0.27 -23.96
C LEU B 388 17.68 -0.76 -24.78
N ALA B 389 17.98 -1.27 -25.98
CA ALA B 389 16.91 -1.48 -26.94
C ALA B 389 15.91 -2.53 -26.48
N ASP B 390 16.39 -3.54 -25.77
CA ASP B 390 15.55 -4.63 -25.30
C ASP B 390 16.35 -5.34 -24.24
N PHE B 391 15.75 -6.37 -23.67
CA PHE B 391 16.43 -7.18 -22.69
C PHE B 391 17.31 -8.22 -23.37
N PRO B 392 18.37 -8.67 -22.70
CA PRO B 392 19.19 -9.77 -23.23
C PRO B 392 18.69 -11.11 -22.77
N VAL B 393 17.58 -11.12 -22.05
CA VAL B 393 16.93 -12.33 -21.57
C VAL B 393 15.46 -12.24 -21.96
N PHE B 394 14.79 -13.39 -21.93
CA PHE B 394 13.35 -13.40 -22.13
C PHE B 394 12.64 -12.78 -20.94
N THR B 395 11.39 -12.38 -21.17
CA THR B 395 10.58 -11.75 -20.13
C THR B 395 9.39 -12.59 -19.69
N ARG B 396 9.05 -13.65 -20.42
CA ARG B 396 8.07 -14.62 -19.95
C ARG B 396 8.82 -15.90 -19.62
N LYS B 397 8.49 -16.48 -18.47
CA LYS B 397 9.21 -17.65 -18.00
C LYS B 397 9.04 -18.80 -18.99
N ILE B 398 7.86 -18.91 -19.59
CA ILE B 398 7.61 -19.97 -20.55
C ILE B 398 8.51 -19.84 -21.77
N HIS B 399 8.95 -18.61 -22.08
CA HIS B 399 9.89 -18.45 -23.19
C HIS B 399 11.24 -19.04 -22.85
N THR B 400 11.72 -18.82 -21.64
CA THR B 400 12.95 -19.46 -21.22
C THR B 400 12.82 -20.98 -21.28
N ASP B 401 11.65 -21.51 -20.90
CA ASP B 401 11.45 -22.95 -20.95
C ASP B 401 11.52 -23.46 -22.38
N VAL B 402 10.90 -22.73 -23.31
CA VAL B 402 10.95 -23.15 -24.71
C VAL B 402 12.37 -23.05 -25.23
N SER B 403 13.05 -21.96 -24.88
CA SER B 403 14.45 -21.80 -25.27
C SER B 403 15.32 -22.94 -24.76
N TYR B 404 15.11 -23.36 -23.51
CA TYR B 404 15.87 -24.45 -22.94
C TYR B 404 15.66 -25.72 -23.74
N ILE B 405 14.40 -26.04 -24.03
CA ILE B 405 14.10 -27.26 -24.77
C ILE B 405 14.65 -27.20 -26.19
N ALA B 406 14.54 -26.03 -26.84
CA ALA B 406 15.11 -25.88 -28.17
C ALA B 406 16.62 -26.04 -28.15
N CYS B 407 17.27 -25.48 -27.12
CA CYS B 407 18.71 -25.60 -27.02
C CYS B 407 19.13 -27.01 -26.65
N ALA B 408 18.30 -27.72 -25.87
CA ALA B 408 18.55 -29.12 -25.60
C ALA B 408 18.48 -29.95 -26.87
N ALA B 409 17.52 -29.62 -27.75
CA ALA B 409 17.44 -30.33 -29.02
C ALA B 409 18.72 -30.15 -29.82
N LYS B 410 19.26 -28.92 -29.83
CA LYS B 410 20.51 -28.66 -30.52
C LYS B 410 21.66 -29.44 -29.88
N LEU B 411 21.72 -29.43 -28.55
CA LEU B 411 22.77 -30.15 -27.85
C LEU B 411 22.64 -31.66 -28.05
N LEU B 412 21.42 -32.19 -27.98
CA LEU B 412 21.25 -33.63 -28.13
C LEU B 412 21.59 -34.10 -29.54
N ALA B 413 21.49 -33.21 -30.53
CA ALA B 413 21.93 -33.56 -31.87
C ALA B 413 23.43 -33.45 -32.04
N ALA B 414 24.14 -32.98 -31.01
CA ALA B 414 25.58 -32.78 -31.10
C ALA B 414 26.35 -33.53 -30.03
N THR B 415 25.79 -34.62 -29.49
CA THR B 415 26.44 -35.34 -28.40
C THR B 415 27.74 -35.98 -28.84
N ASP B 416 27.93 -36.16 -30.14
CA ASP B 416 29.21 -36.59 -30.67
C ASP B 416 30.28 -35.52 -30.57
N VAL B 417 29.91 -34.27 -30.27
CA VAL B 417 30.84 -33.15 -30.36
C VAL B 417 30.97 -32.42 -29.02
N VAL B 418 29.90 -32.39 -28.24
CA VAL B 418 29.90 -31.75 -26.93
C VAL B 418 29.22 -32.72 -25.98
N PHE B 419 29.43 -32.47 -24.69
CA PHE B 419 28.84 -33.29 -23.64
C PHE B 419 27.74 -32.46 -22.99
N PRO B 420 26.48 -32.66 -23.35
CA PRO B 420 25.41 -31.81 -22.80
C PRO B 420 25.13 -32.15 -21.35
N GLN B 421 24.98 -31.12 -20.53
CA GLN B 421 24.70 -31.28 -19.11
C GLN B 421 23.47 -30.46 -18.80
N PHE B 422 22.34 -31.12 -18.58
CA PHE B 422 21.07 -30.41 -18.47
C PHE B 422 20.78 -30.12 -17.01
N ALA B 423 21.14 -28.91 -16.58
CA ALA B 423 20.88 -28.47 -15.21
C ALA B 423 19.46 -27.94 -15.12
N THR B 424 18.62 -28.62 -14.35
CA THR B 424 17.27 -28.14 -14.12
C THR B 424 16.67 -28.90 -12.96
N HIS B 425 15.82 -28.20 -12.21
CA HIS B 425 15.02 -28.84 -11.17
C HIS B 425 13.58 -29.04 -11.60
N ASN B 426 13.25 -28.70 -12.84
CA ASN B 426 11.89 -28.74 -13.35
C ASN B 426 11.64 -30.11 -13.96
N ALA B 427 10.72 -30.87 -13.34
CA ALA B 427 10.43 -32.23 -13.81
C ALA B 427 9.84 -32.24 -15.21
N GLN B 428 9.12 -31.18 -15.58
CA GLN B 428 8.60 -31.11 -16.94
C GLN B 428 9.74 -30.92 -17.94
N THR B 429 10.67 -30.00 -17.64
CA THR B 429 11.82 -29.82 -18.51
C THR B 429 12.63 -31.10 -18.62
N LEU B 430 12.91 -31.73 -17.47
CA LEU B 430 13.67 -32.97 -17.45
C LEU B 430 13.00 -34.04 -18.31
N ALA B 431 11.69 -34.23 -18.12
CA ALA B 431 10.98 -35.28 -18.84
C ALA B 431 11.03 -35.03 -20.34
N ALA B 432 10.89 -33.77 -20.76
CA ALA B 432 10.95 -33.45 -22.18
C ALA B 432 12.30 -33.83 -22.77
N ILE B 433 13.38 -33.51 -22.06
CA ILE B 433 14.72 -33.85 -22.56
C ILE B 433 14.97 -35.35 -22.48
N TYR B 434 14.54 -35.98 -21.38
CA TYR B 434 14.71 -37.42 -21.25
C TYR B 434 14.14 -38.16 -22.46
N HIS B 435 12.97 -37.76 -22.93
CA HIS B 435 12.38 -38.43 -24.08
C HIS B 435 12.95 -37.93 -25.39
N MET B 436 13.26 -36.63 -25.48
CA MET B 436 13.90 -36.12 -26.68
C MET B 436 15.20 -36.84 -26.97
N ALA B 437 15.92 -37.29 -25.94
CA ALA B 437 17.21 -37.92 -26.14
C ALA B 437 17.08 -39.32 -26.72
N GLY B 438 15.90 -39.91 -26.67
CA GLY B 438 15.67 -41.21 -27.26
C GLY B 438 16.04 -42.35 -26.32
N LYS B 439 15.88 -43.56 -26.84
CA LYS B 439 16.09 -44.76 -26.04
C LYS B 439 17.55 -45.11 -25.84
N ASP B 440 18.45 -44.63 -26.71
CA ASP B 440 19.85 -45.03 -26.66
C ASP B 440 20.59 -44.14 -25.67
N PHE B 441 21.21 -44.74 -24.67
CA PHE B 441 21.95 -43.96 -23.68
C PHE B 441 23.15 -44.74 -23.17
N HIS B 442 24.23 -44.01 -22.92
CA HIS B 442 25.38 -44.52 -22.20
C HIS B 442 25.95 -43.36 -21.41
N VAL B 443 26.61 -43.68 -20.29
CA VAL B 443 27.30 -42.63 -19.54
C VAL B 443 28.34 -41.97 -20.44
N GLY B 444 28.37 -40.65 -20.42
CA GLY B 444 29.19 -39.90 -21.33
C GLY B 444 28.45 -39.32 -22.52
N LYS B 445 27.22 -39.77 -22.77
CA LYS B 445 26.44 -39.17 -23.84
C LYS B 445 25.94 -37.79 -23.44
N TYR B 446 25.26 -37.72 -22.30
CA TYR B 446 24.81 -36.46 -21.70
C TYR B 446 24.51 -36.79 -20.24
N GLU B 447 24.31 -35.75 -19.44
CA GLU B 447 23.89 -35.97 -18.08
C GLU B 447 22.92 -34.88 -17.68
N PHE B 448 22.25 -35.10 -16.58
CA PHE B 448 21.52 -34.03 -15.91
C PHE B 448 22.40 -33.46 -14.82
N GLN B 449 22.01 -32.28 -14.33
CA GLN B 449 22.67 -31.67 -13.19
C GLN B 449 21.63 -31.05 -12.28
N CYS B 450 21.98 -30.96 -11.00
CA CYS B 450 21.09 -30.31 -10.05
C CYS B 450 21.94 -29.68 -8.97
N LEU B 451 21.28 -28.93 -8.11
CA LEU B 451 21.96 -28.27 -7.00
C LEU B 451 21.86 -29.14 -5.75
N HIS B 452 22.98 -29.26 -5.04
CA HIS B 452 22.97 -29.93 -3.76
C HIS B 452 21.89 -29.36 -2.86
N GLY B 453 21.20 -30.25 -2.14
CA GLY B 453 20.24 -29.79 -1.15
C GLY B 453 19.00 -29.13 -1.72
N MET B 454 18.76 -29.30 -3.01
CA MET B 454 17.55 -28.84 -3.65
C MET B 454 17.09 -29.90 -4.63
N GLY B 455 18.02 -30.43 -5.43
CA GLY B 455 17.66 -31.29 -6.54
C GLY B 455 17.62 -32.76 -6.25
N GLU B 456 18.11 -33.20 -5.09
CA GLU B 456 18.13 -34.64 -4.81
C GLU B 456 16.76 -35.30 -4.86
N PRO B 457 15.71 -34.73 -4.25
CA PRO B 457 14.41 -35.41 -4.33
C PRO B 457 13.95 -35.71 -5.75
N LEU B 458 14.20 -34.80 -6.68
CA LEU B 458 13.85 -35.09 -8.06
C LEU B 458 14.76 -36.15 -8.65
N TYR B 459 16.06 -36.00 -8.45
CA TYR B 459 16.99 -36.86 -9.17
C TYR B 459 17.16 -38.22 -8.52
N GLU B 460 16.72 -38.38 -7.27
CA GLU B 460 16.56 -39.73 -6.71
C GLU B 460 15.55 -40.53 -7.51
N GLU B 461 14.65 -39.87 -8.24
CA GLU B 461 13.69 -40.52 -9.12
C GLU B 461 14.21 -40.68 -10.54
N VAL B 462 15.48 -40.36 -10.77
CA VAL B 462 16.08 -40.35 -12.09
C VAL B 462 17.29 -41.25 -12.16
N VAL B 463 18.25 -41.06 -11.24
CA VAL B 463 19.47 -41.86 -11.22
C VAL B 463 19.15 -43.28 -10.78
N GLY B 464 19.80 -44.24 -11.40
CA GLY B 464 19.68 -45.62 -10.96
C GLY B 464 18.95 -46.47 -11.97
N ARG B 465 19.37 -47.74 -12.07
CA ARG B 465 18.74 -48.67 -13.00
C ARG B 465 17.26 -48.85 -12.72
N GLY B 466 16.85 -48.70 -11.45
CA GLY B 466 15.46 -48.77 -11.06
C GLY B 466 14.66 -47.52 -11.24
N LYS B 467 15.28 -46.47 -11.80
CA LYS B 467 14.57 -45.23 -12.11
C LYS B 467 14.67 -44.95 -13.59
N LEU B 468 15.16 -43.78 -13.97
CA LEU B 468 15.34 -43.51 -15.40
C LEU B 468 16.71 -43.91 -15.90
N ASP B 469 17.60 -44.33 -15.01
CA ASP B 469 18.94 -44.77 -15.41
C ASP B 469 19.69 -43.67 -16.15
N ARG B 470 19.56 -42.44 -15.64
CA ARG B 470 20.27 -41.31 -16.18
C ARG B 470 21.09 -40.66 -15.08
N PRO B 471 22.34 -40.28 -15.37
CA PRO B 471 23.20 -39.73 -14.34
C PRO B 471 22.86 -38.28 -14.06
N CYS B 472 23.26 -37.84 -12.88
CA CYS B 472 23.06 -36.45 -12.49
C CYS B 472 24.28 -36.00 -11.72
N ARG B 473 24.81 -34.85 -12.12
CA ARG B 473 25.93 -34.23 -11.44
C ARG B 473 25.40 -33.16 -10.49
N ILE B 474 25.81 -33.26 -9.23
CA ILE B 474 25.35 -32.37 -8.19
C ILE B 474 26.33 -31.21 -8.08
N TYR B 475 25.82 -30.00 -8.26
CA TYR B 475 26.59 -28.78 -8.04
C TYR B 475 26.63 -28.58 -6.54
N ALA B 476 27.85 -28.63 -5.99
CA ALA B 476 28.04 -28.76 -4.55
C ALA B 476 28.79 -27.56 -4.01
N PRO B 477 28.10 -26.60 -3.42
CA PRO B 477 28.78 -25.48 -2.75
C PRO B 477 29.58 -25.99 -1.58
N VAL B 478 30.75 -25.39 -1.38
CA VAL B 478 31.66 -25.76 -0.31
C VAL B 478 32.12 -24.46 0.32
N GLY B 479 31.89 -24.30 1.62
CA GLY B 479 32.38 -23.12 2.29
C GLY B 479 31.71 -22.90 3.62
N THR B 480 32.15 -21.83 4.27
CA THR B 480 31.74 -21.48 5.62
C THR B 480 30.40 -20.77 5.60
N HIS B 481 29.87 -20.50 6.80
CA HIS B 481 28.58 -19.83 6.92
C HIS B 481 28.62 -18.45 6.29
N GLU B 482 29.66 -17.65 6.60
CA GLU B 482 29.73 -16.29 6.11
C GLU B 482 29.76 -16.26 4.59
N THR B 483 30.42 -17.25 3.97
CA THR B 483 30.55 -17.25 2.52
C THR B 483 29.27 -17.71 1.84
N LEU B 484 28.60 -18.73 2.37
CA LEU B 484 27.38 -19.23 1.73
C LEU B 484 26.25 -18.21 1.83
N LEU B 485 26.19 -17.47 2.94
CA LEU B 485 25.13 -16.49 3.09
C LEU B 485 25.22 -15.38 2.05
N ALA B 486 26.42 -15.18 1.47
CA ALA B 486 26.67 -13.99 0.66
C ALA B 486 25.84 -13.98 -0.62
N TYR B 487 25.42 -15.14 -1.12
CA TYR B 487 24.59 -15.18 -2.32
C TYR B 487 23.49 -16.22 -2.25
N LEU B 488 23.09 -16.64 -1.04
CA LEU B 488 21.98 -17.57 -0.90
C LEU B 488 20.68 -16.98 -1.42
N VAL B 489 20.51 -15.67 -1.29
CA VAL B 489 19.31 -15.02 -1.81
C VAL B 489 19.07 -15.43 -3.26
N ARG B 490 20.08 -15.21 -4.10
CA ARG B 490 19.95 -15.53 -5.52
C ARG B 490 19.79 -17.03 -5.75
N ARG B 491 20.26 -17.86 -4.82
CA ARG B 491 20.61 -19.23 -5.16
C ARG B 491 19.49 -20.25 -5.00
N LEU B 492 19.62 -21.09 -3.96
CA LEU B 492 18.87 -22.34 -3.88
C LEU B 492 17.36 -22.10 -3.98
N LEU B 493 16.87 -21.00 -3.43
CA LEU B 493 15.44 -20.74 -3.34
C LEU B 493 14.90 -19.92 -4.51
N GLU B 494 15.74 -19.64 -5.52
CA GLU B 494 15.31 -18.94 -6.73
C GLU B 494 14.61 -17.64 -6.39
N ASN B 495 15.16 -16.92 -5.40
CA ASN B 495 14.62 -15.63 -4.96
C ASN B 495 13.16 -15.70 -4.54
N GLY B 496 12.71 -16.89 -4.16
CA GLY B 496 11.30 -17.11 -3.83
C GLY B 496 10.36 -16.66 -4.93
N ALA B 497 10.68 -17.00 -6.18
CA ALA B 497 9.81 -16.66 -7.29
C ALA B 497 8.65 -17.62 -7.36
N ASN B 498 7.43 -17.07 -7.47
CA ASN B 498 6.24 -17.89 -7.61
C ASN B 498 6.22 -18.67 -8.92
N SER B 499 6.89 -18.16 -9.95
CA SER B 499 6.95 -18.84 -11.23
C SER B 499 7.89 -20.03 -11.23
N SER B 500 8.67 -20.22 -10.17
CA SER B 500 9.70 -21.24 -10.18
C SER B 500 9.10 -22.60 -9.83
N PHE B 501 9.65 -23.64 -10.45
CA PHE B 501 9.24 -25.00 -10.10
C PHE B 501 9.47 -25.30 -8.62
N VAL B 502 10.53 -24.75 -8.02
CA VAL B 502 10.81 -25.02 -6.60
C VAL B 502 9.71 -24.51 -5.70
N HIS B 503 9.05 -23.41 -6.08
CA HIS B 503 7.91 -22.92 -5.31
C HIS B 503 6.64 -23.65 -5.70
N ARG B 504 6.44 -23.90 -7.00
CA ARG B 504 5.18 -24.43 -7.49
C ARG B 504 4.96 -25.87 -7.05
N ILE B 505 6.02 -26.68 -6.96
CA ILE B 505 5.87 -28.07 -6.53
C ILE B 505 5.28 -28.15 -5.12
N ASN B 506 5.55 -27.14 -4.28
CA ASN B 506 5.06 -27.11 -2.91
C ASN B 506 3.79 -26.28 -2.74
N ASP B 507 3.22 -25.78 -3.83
CA ASP B 507 1.99 -25.01 -3.75
C ASP B 507 0.82 -25.94 -4.05
N PRO B 508 -0.05 -26.22 -3.09
CA PRO B 508 -1.17 -27.14 -3.36
C PRO B 508 -2.20 -26.59 -4.32
N LYS B 509 -2.21 -25.27 -4.56
CA LYS B 509 -3.11 -24.69 -5.55
C LYS B 509 -2.69 -25.01 -6.98
N VAL B 510 -1.51 -25.58 -7.17
CA VAL B 510 -0.99 -25.89 -8.50
C VAL B 510 -1.13 -27.40 -8.72
N SER B 511 -1.94 -27.78 -9.71
CA SER B 511 -2.14 -29.18 -9.99
C SER B 511 -0.93 -29.77 -10.70
N ILE B 512 -0.89 -31.11 -10.73
CA ILE B 512 0.12 -31.78 -11.55
C ILE B 512 -0.11 -31.51 -13.03
N ASP B 513 -1.38 -31.35 -13.44
CA ASP B 513 -1.66 -30.99 -14.83
C ASP B 513 -1.00 -29.68 -15.22
N GLU B 514 -1.11 -28.67 -14.36
CA GLU B 514 -0.46 -27.39 -14.64
C GLU B 514 1.05 -27.55 -14.72
N LEU B 515 1.64 -28.36 -13.83
CA LEU B 515 3.09 -28.50 -13.80
C LEU B 515 3.61 -29.26 -15.01
N ILE B 516 2.79 -30.13 -15.61
CA ILE B 516 3.22 -30.89 -16.77
C ILE B 516 2.82 -30.23 -18.08
N ALA B 517 2.20 -29.06 -18.02
CA ALA B 517 1.89 -28.31 -19.23
C ALA B 517 3.16 -28.14 -20.06
N ASP B 518 3.02 -28.34 -21.36
CA ASP B 518 4.13 -28.28 -22.30
C ASP B 518 4.33 -26.83 -22.72
N PRO B 519 5.41 -26.19 -22.28
CA PRO B 519 5.64 -24.79 -22.67
C PRO B 519 5.66 -24.58 -24.17
N VAL B 520 6.19 -25.54 -24.93
CA VAL B 520 6.30 -25.38 -26.38
C VAL B 520 4.92 -25.23 -26.99
N GLU B 521 3.98 -26.11 -26.63
CA GLU B 521 2.65 -26.01 -27.21
C GLU B 521 1.89 -24.81 -26.68
N VAL B 522 2.13 -24.40 -25.43
CA VAL B 522 1.46 -23.21 -24.93
C VAL B 522 1.93 -21.98 -25.69
N VAL B 523 3.24 -21.84 -25.90
CA VAL B 523 3.77 -20.71 -26.66
C VAL B 523 3.27 -20.74 -28.10
N ARG B 524 3.24 -21.93 -28.72
CA ARG B 524 2.82 -22.02 -30.11
C ARG B 524 1.41 -21.49 -30.29
N ALA B 525 0.55 -21.64 -29.29
CA ALA B 525 -0.86 -21.31 -29.40
C ALA B 525 -1.18 -19.88 -29.01
N MET B 526 -0.19 -19.13 -28.55
CA MET B 526 -0.41 -17.74 -28.16
CA MET B 526 -0.44 -17.74 -28.16
C MET B 526 -0.75 -16.90 -29.40
N PRO B 527 -1.58 -15.86 -29.24
CA PRO B 527 -1.97 -15.06 -30.42
C PRO B 527 -0.79 -14.39 -31.09
N VAL B 528 0.16 -13.89 -30.31
CA VAL B 528 1.40 -13.32 -30.83
C VAL B 528 2.53 -14.13 -30.21
N VAL B 529 3.13 -15.04 -30.99
CA VAL B 529 4.17 -15.90 -30.45
C VAL B 529 5.36 -15.05 -30.01
N GLY B 530 5.76 -15.21 -28.75
CA GLY B 530 6.93 -14.53 -28.26
C GLY B 530 6.70 -13.11 -27.80
N ALA B 531 5.46 -12.69 -27.58
CA ALA B 531 5.22 -11.35 -27.09
C ALA B 531 5.87 -11.16 -25.73
N LYS B 532 6.42 -9.98 -25.51
CA LYS B 532 7.00 -9.61 -24.22
C LYS B 532 5.95 -9.76 -23.13
N HIS B 533 6.42 -10.01 -21.91
CA HIS B 533 5.54 -9.97 -20.76
C HIS B 533 4.78 -8.65 -20.73
N ASP B 534 3.47 -8.74 -20.49
CA ASP B 534 2.61 -7.56 -20.46
C ASP B 534 2.98 -6.59 -19.35
N ARG B 535 3.60 -7.08 -18.28
CA ARG B 535 3.82 -6.26 -17.10
C ARG B 535 5.27 -5.89 -16.90
N ILE B 536 6.12 -6.09 -17.91
CA ILE B 536 7.50 -5.66 -17.87
C ILE B 536 7.70 -4.67 -18.99
N ALA B 537 8.07 -3.45 -18.65
CA ALA B 537 8.23 -2.43 -19.65
C ALA B 537 9.58 -2.57 -20.36
N LEU B 538 9.56 -2.44 -21.68
CA LEU B 538 10.82 -2.21 -22.38
C LEU B 538 11.46 -0.95 -21.80
N PRO B 539 12.79 -0.87 -21.83
CA PRO B 539 13.44 0.35 -21.32
C PRO B 539 12.88 1.61 -21.93
N ALA B 540 12.58 1.60 -23.22
CA ALA B 540 12.04 2.79 -23.86
C ALA B 540 10.67 3.18 -23.30
N GLU B 541 9.98 2.25 -22.67
CA GLU B 541 8.57 2.42 -22.30
C GLU B 541 8.38 2.57 -20.80
N LEU B 542 9.44 2.88 -20.06
CA LEU B 542 9.32 2.98 -18.60
C LEU B 542 8.27 3.98 -18.18
N PHE B 543 8.04 5.03 -18.97
CA PHE B 543 7.12 6.09 -18.61
C PHE B 543 5.80 5.98 -19.33
N GLY B 544 5.59 4.87 -20.03
CA GLY B 544 4.31 4.64 -20.68
C GLY B 544 4.00 5.74 -21.67
N ASP B 545 2.73 6.18 -21.67
CA ASP B 545 2.26 7.15 -22.64
C ASP B 545 2.79 8.55 -22.39
N ALA B 546 3.37 8.81 -21.22
CA ALA B 546 3.80 10.17 -20.91
C ALA B 546 4.93 10.63 -21.83
N ARG B 547 5.92 9.78 -22.08
CA ARG B 547 7.05 10.16 -22.90
C ARG B 547 7.91 8.94 -23.13
N THR B 548 8.77 9.03 -24.12
CA THR B 548 9.69 7.95 -24.44
C THR B 548 10.96 8.15 -23.64
N ASN B 549 11.42 7.09 -22.98
CA ASN B 549 12.63 7.16 -22.21
C ASN B 549 13.82 7.33 -23.16
N SER B 550 14.80 8.11 -22.74
CA SER B 550 16.01 8.18 -23.53
C SER B 550 16.65 6.80 -23.64
N ALA B 551 17.37 6.59 -24.72
CA ALA B 551 18.07 5.33 -24.95
C ALA B 551 19.57 5.53 -24.78
N GLY B 552 20.22 4.53 -24.22
CA GLY B 552 21.66 4.51 -24.11
C GLY B 552 22.30 3.71 -25.22
N LEU B 553 23.52 3.27 -24.97
CA LEU B 553 24.28 2.47 -25.90
C LEU B 553 24.91 1.37 -25.10
N ASP B 554 24.95 0.16 -25.67
CA ASP B 554 25.45 -1.01 -24.95
C ASP B 554 26.95 -1.13 -25.23
N LEU B 555 27.76 -0.72 -24.27
CA LEU B 555 29.20 -0.77 -24.44
C LEU B 555 29.77 -2.16 -24.24
N SER B 556 28.93 -3.18 -24.10
CA SER B 556 29.39 -4.55 -24.14
C SER B 556 29.08 -5.20 -25.48
N ASN B 557 28.43 -4.49 -26.39
CA ASN B 557 28.04 -5.01 -27.68
C ASN B 557 29.11 -4.66 -28.70
N GLU B 558 29.74 -5.68 -29.31
CA GLU B 558 30.85 -5.39 -30.23
C GLU B 558 30.42 -4.61 -31.44
N GLU B 559 29.19 -4.82 -31.93
CA GLU B 559 28.72 -3.99 -33.04
C GLU B 559 28.66 -2.54 -32.61
N THR B 560 28.11 -2.30 -31.42
CA THR B 560 28.02 -0.94 -30.92
C THR B 560 29.40 -0.35 -30.73
N LEU B 561 30.32 -1.11 -30.15
CA LEU B 561 31.66 -0.58 -29.93
C LEU B 561 32.34 -0.25 -31.25
N ALA B 562 32.16 -1.09 -32.26
CA ALA B 562 32.79 -0.82 -33.55
C ALA B 562 32.20 0.41 -34.21
N SER B 563 30.87 0.53 -34.20
CA SER B 563 30.27 1.70 -34.82
C SER B 563 30.55 2.96 -33.99
N LEU B 564 30.55 2.83 -32.67
CA LEU B 564 30.85 3.98 -31.84
C LEU B 564 32.28 4.44 -32.05
N THR B 565 33.23 3.50 -32.11
CA THR B 565 34.61 3.86 -32.40
C THR B 565 34.69 4.75 -33.63
N GLU B 566 34.00 4.37 -34.70
CA GLU B 566 34.05 5.16 -35.94
C GLU B 566 33.43 6.54 -35.73
N ALA B 567 32.27 6.59 -35.07
CA ALA B 567 31.62 7.87 -34.84
C ALA B 567 32.45 8.76 -33.94
N LEU B 568 33.13 8.17 -32.96
CA LEU B 568 33.96 8.97 -32.07
C LEU B 568 35.17 9.51 -32.82
N ARG B 569 35.81 8.66 -33.60
CA ARG B 569 36.93 9.11 -34.41
C ARG B 569 36.49 10.24 -35.34
N GLU B 570 35.34 10.07 -35.99
CA GLU B 570 34.85 11.10 -36.89
C GLU B 570 34.52 12.38 -36.15
N SER B 571 34.05 12.28 -34.91
CA SER B 571 33.72 13.48 -34.16
C SER B 571 34.97 14.31 -33.91
N ALA B 572 36.11 13.65 -33.77
CA ALA B 572 37.33 14.39 -33.50
C ALA B 572 37.87 15.06 -34.76
N ALA B 573 37.41 14.67 -35.94
CA ALA B 573 37.84 15.32 -37.17
C ALA B 573 36.98 16.53 -37.54
N MET B 574 35.87 16.76 -36.84
CA MET B 574 35.00 17.88 -37.13
C MET B 574 35.57 19.17 -36.56
N LYS B 575 35.25 20.28 -37.22
CA LYS B 575 35.61 21.60 -36.72
C LYS B 575 34.53 22.05 -35.75
N TRP B 576 34.82 21.97 -34.46
CA TRP B 576 33.91 22.35 -33.41
C TRP B 576 34.17 23.79 -33.00
N THR B 577 33.14 24.59 -33.06
CA THR B 577 33.24 26.00 -32.71
C THR B 577 32.09 26.34 -31.79
N ALA B 578 32.27 27.44 -31.06
CA ALA B 578 31.20 28.02 -30.27
C ALA B 578 31.34 29.51 -30.44
N LEU B 579 30.27 30.17 -30.89
CA LEU B 579 30.30 31.59 -31.20
C LEU B 579 29.19 32.28 -30.43
N PRO B 580 29.29 33.60 -30.27
CA PRO B 580 28.13 34.34 -29.79
C PRO B 580 27.08 34.34 -30.88
N GLN B 581 26.07 33.50 -30.71
CA GLN B 581 25.02 33.31 -31.71
C GLN B 581 23.85 34.19 -31.32
N LEU B 582 23.85 35.41 -31.83
CA LEU B 582 22.75 36.32 -31.57
C LEU B 582 21.65 36.09 -32.60
N ALA B 583 20.49 36.71 -32.36
CA ALA B 583 19.35 36.52 -33.25
C ALA B 583 19.68 36.89 -34.67
N THR B 584 20.57 37.87 -34.85
CA THR B 584 20.94 38.40 -36.14
C THR B 584 22.13 37.69 -36.76
N GLY B 585 22.67 36.67 -36.10
CA GLY B 585 23.79 35.92 -36.61
C GLY B 585 24.93 35.93 -35.61
N PRO B 586 26.01 35.22 -35.93
CA PRO B 586 27.14 35.17 -35.01
C PRO B 586 27.87 36.49 -34.96
N ALA B 587 28.31 36.84 -33.76
CA ALA B 587 29.04 38.08 -33.53
C ALA B 587 30.52 37.79 -33.42
N ALA B 588 31.31 38.81 -33.74
CA ALA B 588 32.75 38.73 -33.54
C ALA B 588 33.09 38.79 -32.06
N GLY B 589 34.24 38.24 -31.70
CA GLY B 589 34.69 38.35 -30.34
C GLY B 589 36.08 37.77 -30.20
N GLU B 590 36.54 37.69 -28.94
CA GLU B 590 37.86 37.13 -28.66
C GLU B 590 37.79 35.60 -28.74
N THR B 591 38.70 35.02 -29.51
CA THR B 591 38.66 33.60 -29.80
C THR B 591 39.85 32.90 -29.16
N ARG B 592 39.60 31.72 -28.61
CA ARG B 592 40.67 30.91 -28.06
C ARG B 592 40.35 29.45 -28.32
N THR B 593 41.38 28.61 -28.16
CA THR B 593 41.18 27.19 -28.33
C THR B 593 40.58 26.58 -27.08
N VAL B 594 39.92 25.46 -27.29
CA VAL B 594 39.38 24.62 -26.23
C VAL B 594 40.20 23.35 -26.27
N LEU B 595 40.87 23.02 -25.15
CA LEU B 595 41.79 21.91 -25.08
C LEU B 595 41.20 20.79 -24.23
N ASN B 596 41.55 19.57 -24.58
CA ASN B 596 41.11 18.41 -23.84
C ASN B 596 41.73 18.48 -22.44
N PRO B 597 40.93 18.50 -21.37
CA PRO B 597 41.53 18.57 -20.02
C PRO B 597 42.42 17.38 -19.71
N GLY B 598 42.23 16.25 -20.36
CA GLY B 598 43.09 15.12 -20.11
C GLY B 598 44.35 15.09 -20.93
N ASP B 599 44.47 16.01 -21.89
CA ASP B 599 45.67 16.09 -22.72
C ASP B 599 45.59 17.40 -23.47
N HIS B 600 46.31 18.41 -22.97
CA HIS B 600 46.20 19.72 -23.58
C HIS B 600 46.76 19.76 -25.00
N ARG B 601 47.46 18.73 -25.45
CA ARG B 601 47.89 18.67 -26.84
C ARG B 601 46.72 18.43 -27.78
N ASP B 602 45.60 17.92 -27.26
CA ASP B 602 44.44 17.55 -28.07
C ASP B 602 43.53 18.77 -28.13
N VAL B 603 43.57 19.48 -29.24
CA VAL B 603 42.74 20.66 -29.44
C VAL B 603 41.36 20.20 -29.87
N VAL B 604 40.36 20.53 -29.07
CA VAL B 604 39.01 20.07 -29.35
C VAL B 604 38.29 21.03 -30.30
N GLY B 605 38.50 22.33 -30.13
CA GLY B 605 37.80 23.28 -30.95
C GLY B 605 38.17 24.67 -30.55
N SER B 606 37.33 25.63 -30.93
CA SER B 606 37.61 27.02 -30.65
CA SER B 606 37.60 27.03 -30.68
C SER B 606 36.33 27.70 -30.20
N VAL B 607 36.48 28.64 -29.28
CA VAL B 607 35.36 29.40 -28.76
C VAL B 607 35.62 30.87 -29.00
N THR B 608 34.62 31.55 -29.51
CA THR B 608 34.62 32.99 -29.61
C THR B 608 33.72 33.52 -28.50
N GLU B 609 34.28 34.31 -27.61
CA GLU B 609 33.52 34.72 -26.45
C GLU B 609 32.83 36.05 -26.68
N THR B 610 31.80 36.29 -25.90
CA THR B 610 30.84 37.35 -26.14
C THR B 610 31.30 38.61 -25.42
N SER B 611 31.27 39.74 -26.12
CA SER B 611 31.52 41.00 -25.44
C SER B 611 30.32 41.35 -24.56
N GLU B 612 30.58 42.14 -23.51
CA GLU B 612 29.46 42.55 -22.66
C GLU B 612 28.45 43.38 -23.45
N GLU B 613 28.91 44.16 -24.42
CA GLU B 613 27.99 44.90 -25.28
C GLU B 613 27.09 43.95 -26.06
N ASP B 614 27.66 42.87 -26.61
CA ASP B 614 26.82 41.94 -27.35
C ASP B 614 25.92 41.15 -26.44
N ALA B 615 26.34 40.91 -25.20
CA ALA B 615 25.45 40.28 -24.24
C ALA B 615 24.21 41.13 -24.03
N ARG B 616 24.40 42.43 -23.83
CA ARG B 616 23.25 43.32 -23.66
C ARG B 616 22.44 43.39 -24.95
N ARG B 617 23.10 43.41 -26.10
CA ARG B 617 22.36 43.40 -27.36
C ARG B 617 21.50 42.15 -27.47
N ALA B 618 22.04 41.00 -27.09
CA ALA B 618 21.27 39.77 -27.15
C ALA B 618 20.02 39.87 -26.30
N VAL B 619 20.13 40.45 -25.11
CA VAL B 619 18.93 40.56 -24.27
C VAL B 619 17.90 41.44 -24.93
N ARG B 620 18.34 42.52 -25.56
CA ARG B 620 17.40 43.37 -26.28
C ARG B 620 16.73 42.62 -27.42
N LEU B 621 17.51 41.83 -28.17
CA LEU B 621 16.93 41.03 -29.24
C LEU B 621 15.94 40.00 -28.70
N ALA B 622 16.23 39.41 -27.54
CA ALA B 622 15.30 38.46 -26.94
C ALA B 622 14.03 39.18 -26.52
N ALA B 623 14.15 40.38 -25.94
CA ALA B 623 12.96 41.11 -25.54
C ALA B 623 12.09 41.46 -26.75
N ASP B 624 12.72 41.83 -27.86
CA ASP B 624 11.96 42.13 -29.06
C ASP B 624 11.20 40.91 -29.57
N ALA B 625 11.80 39.74 -29.46
CA ALA B 625 11.23 38.50 -29.95
C ALA B 625 10.28 37.84 -28.96
N ALA B 626 10.22 38.34 -27.73
CA ALA B 626 9.47 37.63 -26.71
C ALA B 626 8.00 37.43 -27.05
N PRO B 627 7.27 38.42 -27.58
CA PRO B 627 5.86 38.16 -27.92
C PRO B 627 5.69 37.09 -28.97
N ASP B 628 6.56 37.04 -29.99
CA ASP B 628 6.36 36.06 -31.04
C ASP B 628 6.59 34.65 -30.53
N TRP B 629 7.56 34.46 -29.65
CA TRP B 629 7.77 33.13 -29.12
C TRP B 629 6.66 32.74 -28.13
N ALA B 630 6.21 33.69 -27.32
CA ALA B 630 5.12 33.41 -26.39
C ALA B 630 3.87 33.01 -27.15
N ALA B 631 3.69 33.54 -28.37
CA ALA B 631 2.52 33.21 -29.16
C ALA B 631 2.59 31.84 -29.82
N VAL B 632 3.73 31.18 -29.79
CA VAL B 632 3.76 29.80 -30.31
C VAL B 632 3.06 28.92 -29.28
N PRO B 633 2.05 28.15 -29.67
CA PRO B 633 1.26 27.44 -28.68
C PRO B 633 2.14 26.49 -27.87
N PRO B 634 1.83 26.31 -26.59
CA PRO B 634 2.65 25.41 -25.77
C PRO B 634 2.88 24.05 -26.39
N SER B 635 1.86 23.46 -27.02
CA SER B 635 2.07 22.14 -27.61
C SER B 635 3.08 22.19 -28.74
N GLU B 636 3.15 23.30 -29.48
CA GLU B 636 4.13 23.40 -30.55
C GLU B 636 5.51 23.70 -29.99
N ARG B 637 5.59 24.49 -28.92
CA ARG B 637 6.89 24.65 -28.27
C ARG B 637 7.38 23.32 -27.75
N ALA B 638 6.47 22.53 -27.15
CA ALA B 638 6.83 21.20 -26.68
C ALA B 638 7.26 20.30 -27.83
N ALA B 639 6.62 20.44 -29.00
CA ALA B 639 7.03 19.62 -30.14
C ALA B 639 8.45 19.95 -30.57
N CYS B 640 8.87 21.21 -30.42
CA CYS B 640 10.27 21.55 -30.69
C CYS B 640 11.20 20.81 -29.75
N LEU B 641 10.87 20.79 -28.46
CA LEU B 641 11.70 20.05 -27.51
C LEU B 641 11.78 18.59 -27.89
N ASP B 642 10.62 17.99 -28.24
CA ASP B 642 10.63 16.58 -28.61
C ASP B 642 11.45 16.35 -29.86
N ARG B 643 11.38 17.26 -30.82
CA ARG B 643 12.21 17.08 -32.01
C ARG B 643 13.69 17.20 -31.66
N ALA B 644 14.03 18.11 -30.75
CA ALA B 644 15.42 18.24 -30.34
C ALA B 644 15.89 16.95 -29.69
N ALA B 645 15.02 16.33 -28.88
CA ALA B 645 15.40 15.10 -28.22
C ALA B 645 15.66 13.99 -29.22
N GLU B 646 14.84 13.92 -30.27
CA GLU B 646 15.07 12.91 -31.32
C GLU B 646 16.42 13.14 -31.99
N LEU B 647 16.77 14.40 -32.22
CA LEU B 647 18.06 14.70 -32.85
C LEU B 647 19.22 14.35 -31.93
N MET B 648 19.11 14.68 -30.65
CA MET B 648 20.18 14.33 -29.73
C MET B 648 20.31 12.82 -29.62
N GLN B 649 19.18 12.11 -29.63
CA GLN B 649 19.24 10.65 -29.57
C GLN B 649 19.97 10.09 -30.77
N ALA B 650 19.60 10.57 -31.97
CA ALA B 650 20.21 10.03 -33.18
C ALA B 650 21.68 10.40 -33.29
N ARG B 651 22.07 11.54 -32.73
CA ARG B 651 23.44 12.03 -32.82
C ARG B 651 24.25 11.73 -31.58
N MET B 652 23.70 10.94 -30.67
CA MET B 652 24.40 10.64 -29.43
C MET B 652 25.85 10.20 -29.66
N PRO B 653 26.18 9.33 -30.60
CA PRO B 653 27.59 8.94 -30.76
C PRO B 653 28.52 10.11 -31.00
N THR B 654 28.12 11.06 -31.85
CA THR B 654 28.94 12.24 -32.10
C THR B 654 29.01 13.13 -30.86
N LEU B 655 27.87 13.34 -30.20
CA LEU B 655 27.85 14.18 -29.02
C LEU B 655 28.72 13.58 -27.93
N LEU B 656 28.71 12.25 -27.80
CA LEU B 656 29.57 11.59 -26.82
C LEU B 656 31.01 11.95 -27.04
N GLY B 657 31.44 11.88 -28.30
CA GLY B 657 32.83 12.15 -28.61
C GLY B 657 33.22 13.53 -28.18
N LEU B 658 32.35 14.51 -28.41
CA LEU B 658 32.67 15.86 -27.99
C LEU B 658 32.72 15.98 -26.48
N ILE B 659 31.75 15.38 -25.79
CA ILE B 659 31.73 15.48 -24.34
C ILE B 659 32.95 14.81 -23.73
N ILE B 660 33.31 13.65 -24.27
CA ILE B 660 34.47 12.92 -23.76
C ILE B 660 35.70 13.80 -23.81
N ARG B 661 35.91 14.49 -24.94
CA ARG B 661 37.14 15.23 -25.15
C ARG B 661 37.08 16.61 -24.53
N GLU B 662 35.92 17.25 -24.48
CA GLU B 662 35.85 18.60 -23.96
C GLU B 662 35.76 18.63 -22.44
N ALA B 663 35.02 17.69 -21.84
CA ALA B 663 34.69 17.78 -20.43
C ALA B 663 35.32 16.68 -19.60
N GLY B 664 36.17 15.85 -20.20
CA GLY B 664 36.86 14.85 -19.42
C GLY B 664 36.00 13.69 -18.95
N LYS B 665 34.92 13.41 -19.66
CA LYS B 665 34.01 12.35 -19.26
C LYS B 665 34.40 11.04 -19.91
N SER B 666 34.14 9.96 -19.19
CA SER B 666 34.21 8.64 -19.78
C SER B 666 33.00 8.41 -20.69
N ALA B 667 33.09 7.38 -21.50
CA ALA B 667 31.99 7.08 -22.42
C ALA B 667 30.69 6.84 -21.68
N LEU B 668 30.70 6.07 -20.58
CA LEU B 668 29.45 5.82 -19.87
C LEU B 668 28.85 7.11 -19.35
N ASN B 669 29.68 8.00 -18.83
CA ASN B 669 29.13 9.22 -18.28
C ASN B 669 28.74 10.22 -19.35
N ALA B 670 29.38 10.15 -20.52
CA ALA B 670 28.93 10.95 -21.64
C ALA B 670 27.59 10.46 -22.15
N ILE B 671 27.39 9.14 -22.21
CA ILE B 671 26.07 8.60 -22.52
C ILE B 671 25.03 9.12 -21.55
N ALA B 672 25.33 9.04 -20.25
CA ALA B 672 24.39 9.52 -19.25
C ALA B 672 24.09 10.99 -19.45
N GLU B 673 25.11 11.78 -19.81
CA GLU B 673 24.93 13.20 -20.04
C GLU B 673 23.93 13.44 -21.16
N VAL B 674 24.12 12.76 -22.29
CA VAL B 674 23.22 12.98 -23.43
C VAL B 674 21.83 12.46 -23.11
N ARG B 675 21.75 11.29 -22.44
CA ARG B 675 20.44 10.78 -22.07
C ARG B 675 19.69 11.75 -21.19
N GLU B 676 20.39 12.37 -20.24
CA GLU B 676 19.74 13.31 -19.35
C GLU B 676 19.21 14.51 -20.10
N ALA B 677 19.97 15.02 -21.07
CA ALA B 677 19.49 16.12 -21.89
C ALA B 677 18.22 15.72 -22.64
N ILE B 678 18.23 14.51 -23.23
CA ILE B 678 17.06 14.01 -23.94
C ILE B 678 15.88 13.92 -22.99
N ASP B 679 16.10 13.40 -21.80
CA ASP B 679 15.02 13.26 -20.84
C ASP B 679 14.50 14.61 -20.37
N PHE B 680 15.37 15.59 -20.14
CA PHE B 680 14.86 16.92 -19.82
C PHE B 680 13.95 17.43 -20.92
N LEU B 681 14.42 17.33 -22.17
CA LEU B 681 13.63 17.81 -23.28
C LEU B 681 12.26 17.15 -23.28
N ARG B 682 12.23 15.82 -23.19
CA ARG B 682 10.96 15.12 -23.29
C ARG B 682 10.10 15.33 -22.05
N TYR B 683 10.72 15.44 -20.89
CA TYR B 683 9.96 15.64 -19.67
C TYR B 683 9.32 17.02 -19.64
N TYR B 684 10.10 18.08 -19.95
CA TYR B 684 9.49 19.39 -19.94
C TYR B 684 8.46 19.53 -21.06
N ALA B 685 8.66 18.83 -22.17
CA ALA B 685 7.63 18.81 -23.21
C ALA B 685 6.34 18.20 -22.68
N GLU B 686 6.45 17.04 -22.04
CA GLU B 686 5.24 16.43 -21.51
C GLU B 686 4.63 17.25 -20.39
N GLN B 687 5.45 17.78 -19.47
CA GLN B 687 4.86 18.61 -18.43
C GLN B 687 4.16 19.82 -19.01
N THR B 688 4.70 20.38 -20.09
CA THR B 688 4.02 21.47 -20.78
C THR B 688 2.67 21.02 -21.30
N ARG B 689 2.63 19.89 -21.99
CA ARG B 689 1.36 19.41 -22.53
C ARG B 689 0.34 19.14 -21.43
N ARG B 690 0.80 18.81 -20.23
CA ARG B 690 -0.12 18.58 -19.13
C ARG B 690 -0.62 19.85 -18.46
N THR B 691 0.08 20.97 -18.63
CA THR B 691 -0.24 22.10 -17.77
C THR B 691 -0.49 23.43 -18.46
N LEU B 692 0.31 23.82 -19.44
CA LEU B 692 0.34 25.23 -19.81
C LEU B 692 -0.82 25.62 -20.70
N GLY B 693 -1.50 26.69 -20.29
CA GLY B 693 -2.60 27.25 -21.02
C GLY B 693 -2.43 28.74 -21.18
N PRO B 694 -3.45 29.38 -21.72
CA PRO B 694 -3.30 30.79 -22.12
C PRO B 694 -3.00 31.72 -20.95
N GLY B 695 -3.47 31.40 -19.75
CA GLY B 695 -3.24 32.23 -18.60
C GLY B 695 -1.92 32.05 -17.91
N HIS B 696 -1.06 31.15 -18.40
CA HIS B 696 0.27 30.97 -17.82
C HIS B 696 1.27 31.69 -18.71
N GLY B 697 1.32 33.00 -18.54
CA GLY B 697 2.14 33.84 -19.40
C GLY B 697 3.60 33.70 -19.07
N PRO B 698 4.46 33.85 -20.07
CA PRO B 698 5.90 33.75 -19.80
C PRO B 698 6.41 34.96 -19.04
N LEU B 699 7.57 34.77 -18.42
CA LEU B 699 8.24 35.90 -17.78
C LEU B 699 8.78 36.90 -18.79
N GLY B 700 9.36 36.40 -19.88
CA GLY B 700 10.15 37.21 -20.78
C GLY B 700 11.53 36.61 -20.93
N PRO B 701 12.51 37.40 -21.36
CA PRO B 701 13.85 36.85 -21.59
C PRO B 701 14.41 36.24 -20.32
N ILE B 702 14.84 34.98 -20.43
CA ILE B 702 15.43 34.28 -19.31
CA ILE B 702 15.42 34.25 -19.31
C ILE B 702 16.89 34.03 -19.61
N VAL B 703 17.74 34.37 -18.66
CA VAL B 703 19.15 34.12 -18.77
C VAL B 703 19.43 32.78 -18.11
N CYS B 704 20.01 31.85 -18.85
CA CYS B 704 20.29 30.52 -18.35
C CYS B 704 21.80 30.40 -18.24
N ILE B 705 22.29 30.24 -17.02
CA ILE B 705 23.71 30.17 -16.74
C ILE B 705 23.99 28.79 -16.17
N SER B 706 24.91 28.07 -16.78
CA SER B 706 25.06 26.66 -16.50
C SER B 706 26.49 26.33 -16.12
N PRO B 707 26.69 25.23 -15.42
CA PRO B 707 28.02 24.83 -14.95
C PRO B 707 28.72 23.98 -16.00
N TRP B 708 30.03 23.79 -15.79
CA TRP B 708 30.75 23.01 -16.78
C TRP B 708 30.53 21.51 -16.63
N ASN B 709 30.14 21.05 -15.45
CA ASN B 709 30.38 19.65 -15.13
C ASN B 709 29.34 18.71 -15.70
N PHE B 710 28.15 19.21 -15.98
CA PHE B 710 27.14 18.50 -16.74
C PHE B 710 26.89 19.40 -17.93
N PRO B 711 27.81 19.43 -18.89
CA PRO B 711 27.87 20.53 -19.85
C PRO B 711 26.80 20.50 -20.93
N LEU B 712 26.14 19.37 -21.12
CA LEU B 712 24.99 19.35 -22.01
C LEU B 712 23.70 19.18 -21.26
N ALA B 713 23.69 18.39 -20.18
CA ALA B 713 22.42 18.05 -19.56
C ALA B 713 21.81 19.22 -18.81
N ILE B 714 22.54 19.85 -17.90
CA ILE B 714 21.96 20.99 -17.19
C ILE B 714 21.76 22.15 -18.15
N PHE B 715 22.74 22.37 -19.02
CA PHE B 715 22.61 23.37 -20.07
C PHE B 715 21.29 23.22 -20.80
N THR B 716 21.01 22.02 -21.31
CA THR B 716 19.79 21.80 -22.08
C THR B 716 18.56 21.89 -21.20
N GLY B 717 18.61 21.31 -20.00
CA GLY B 717 17.45 21.31 -19.13
C GLY B 717 16.95 22.72 -18.83
N GLN B 718 17.85 23.62 -18.44
CA GLN B 718 17.39 24.95 -18.08
C GLN B 718 16.80 25.65 -19.29
N ILE B 719 17.49 25.57 -20.42
CA ILE B 719 17.06 26.23 -21.64
C ILE B 719 15.73 25.67 -22.09
N ALA B 720 15.61 24.36 -22.10
CA ALA B 720 14.40 23.72 -22.59
C ALA B 720 13.21 24.14 -21.78
N ALA B 721 13.36 24.15 -20.46
CA ALA B 721 12.26 24.54 -19.59
C ALA B 721 11.87 25.99 -19.84
N ALA B 722 12.86 26.88 -19.89
CA ALA B 722 12.54 28.28 -20.15
C ALA B 722 11.84 28.46 -21.49
N LEU B 723 12.36 27.81 -22.53
CA LEU B 723 11.77 27.94 -23.87
C LEU B 723 10.36 27.41 -23.89
N VAL B 724 10.15 26.23 -23.32
CA VAL B 724 8.85 25.62 -23.47
C VAL B 724 7.80 26.37 -22.66
N ALA B 725 8.23 27.03 -21.59
CA ALA B 725 7.36 27.94 -20.84
C ALA B 725 7.07 29.22 -21.59
N GLY B 726 7.63 29.40 -22.79
CA GLY B 726 7.30 30.55 -23.61
C GLY B 726 8.27 31.70 -23.53
N ASN B 727 9.44 31.49 -22.94
CA ASN B 727 10.42 32.55 -22.74
C ASN B 727 11.54 32.41 -23.74
N PRO B 728 11.98 33.48 -24.37
CA PRO B 728 13.21 33.43 -25.14
C PRO B 728 14.37 33.34 -24.17
N VAL B 729 15.45 32.73 -24.62
CA VAL B 729 16.54 32.35 -23.74
C VAL B 729 17.85 32.96 -24.21
N LEU B 730 18.63 33.45 -23.25
CA LEU B 730 20.03 33.80 -23.44
C LEU B 730 20.82 32.72 -22.72
N ALA B 731 21.51 31.89 -23.48
CA ALA B 731 22.20 30.73 -22.93
C ALA B 731 23.67 31.06 -22.75
N LYS B 732 24.13 31.05 -21.51
CA LYS B 732 25.52 31.40 -21.17
C LYS B 732 26.15 30.15 -20.57
N PRO B 733 26.84 29.36 -21.38
CA PRO B 733 27.44 28.13 -20.87
C PRO B 733 28.73 28.44 -20.15
N ALA B 734 29.12 27.50 -19.32
CA ALA B 734 30.38 27.63 -18.58
C ALA B 734 31.54 27.86 -19.54
N GLU B 735 32.51 28.65 -19.10
CA GLU B 735 33.63 28.96 -19.98
C GLU B 735 34.44 27.73 -20.33
N GLU B 736 34.41 26.71 -19.49
CA GLU B 736 35.21 25.52 -19.75
C GLU B 736 34.63 24.64 -20.85
N THR B 737 33.31 24.70 -21.07
CA THR B 737 32.63 23.71 -21.92
C THR B 737 31.68 24.36 -22.92
N PRO B 738 32.16 25.31 -23.72
CA PRO B 738 31.27 25.97 -24.67
C PRO B 738 30.92 25.14 -25.88
N LEU B 739 31.72 24.15 -26.25
CA LEU B 739 31.51 23.50 -27.54
C LEU B 739 30.27 22.64 -27.52
N ILE B 740 30.10 21.82 -26.48
CA ILE B 740 28.91 20.99 -26.45
C ILE B 740 27.67 21.86 -26.27
N ALA B 741 27.79 22.99 -25.57
CA ALA B 741 26.67 23.90 -25.43
C ALA B 741 26.28 24.46 -26.79
N ALA B 742 27.27 24.85 -27.58
CA ALA B 742 26.98 25.36 -28.91
C ALA B 742 26.26 24.29 -29.72
N GLU B 743 26.65 23.04 -29.56
CA GLU B 743 26.00 21.97 -30.30
C GLU B 743 24.57 21.78 -29.82
N GLY B 744 24.34 21.91 -28.51
CA GLY B 744 22.98 21.88 -28.00
C GLY B 744 22.10 22.96 -28.62
N VAL B 745 22.64 24.17 -28.75
CA VAL B 745 21.87 25.25 -29.37
C VAL B 745 21.63 24.97 -30.84
N ARG B 746 22.63 24.42 -31.55
CA ARG B 746 22.41 24.06 -32.95
C ARG B 746 21.26 23.09 -33.07
N ILE B 747 21.20 22.12 -32.16
CA ILE B 747 20.17 21.09 -32.23
C ILE B 747 18.80 21.67 -31.92
N LEU B 748 18.72 22.52 -30.88
CA LEU B 748 17.43 23.14 -30.57
C LEU B 748 16.95 24.04 -31.70
N ARG B 749 17.85 24.80 -32.30
CA ARG B 749 17.44 25.62 -33.44
C ARG B 749 17.01 24.74 -34.60
N GLU B 750 17.75 23.66 -34.86
CA GLU B 750 17.35 22.76 -35.95
C GLU B 750 15.97 22.18 -35.69
N ALA B 751 15.65 21.93 -34.44
CA ALA B 751 14.38 21.35 -34.03
C ALA B 751 13.24 22.35 -34.07
N GLY B 752 13.49 23.62 -34.35
CA GLY B 752 12.42 24.59 -34.53
C GLY B 752 12.48 25.77 -33.59
N ILE B 753 13.41 25.86 -32.65
CA ILE B 753 13.46 27.04 -31.79
C ILE B 753 14.04 28.19 -32.62
N PRO B 754 13.32 29.30 -32.77
CA PRO B 754 13.80 30.39 -33.60
C PRO B 754 15.08 30.98 -33.04
N ALA B 755 15.90 31.53 -33.94
CA ALA B 755 17.16 32.10 -33.49
C ALA B 755 16.94 33.23 -32.48
N SER B 756 15.86 33.98 -32.61
CA SER B 756 15.61 35.05 -31.66
C SER B 756 15.17 34.53 -30.30
N ALA B 757 14.68 33.29 -30.24
CA ALA B 757 14.28 32.71 -28.99
C ALA B 757 15.41 31.99 -28.28
N LEU B 758 16.53 31.75 -28.96
CA LEU B 758 17.61 31.01 -28.30
C LEU B 758 18.93 31.51 -28.85
N GLN B 759 19.61 32.31 -28.05
CA GLN B 759 20.90 32.88 -28.39
C GLN B 759 21.94 32.30 -27.46
N LEU B 760 23.13 32.02 -28.00
CA LEU B 760 24.23 31.45 -27.25
C LEU B 760 25.26 32.53 -27.02
N LEU B 761 25.67 32.73 -25.77
CA LEU B 761 26.64 33.75 -25.41
C LEU B 761 27.79 33.09 -24.67
N PRO B 762 28.75 32.52 -25.38
CA PRO B 762 29.90 31.92 -24.67
C PRO B 762 30.70 32.99 -23.95
N GLY B 763 31.39 32.57 -22.91
CA GLY B 763 32.30 33.45 -22.20
C GLY B 763 32.29 33.10 -20.73
N ASP B 764 32.98 33.94 -19.98
CA ASP B 764 33.20 33.64 -18.57
C ASP B 764 32.11 34.30 -17.74
N GLY B 765 32.36 34.42 -16.44
CA GLY B 765 31.35 34.96 -15.55
C GLY B 765 30.99 36.39 -15.83
N ARG B 766 31.87 37.16 -16.47
CA ARG B 766 31.52 38.54 -16.81
C ARG B 766 30.41 38.58 -17.84
N VAL B 767 30.34 37.59 -18.72
CA VAL B 767 29.26 37.51 -19.68
C VAL B 767 27.97 37.14 -18.95
N GLY B 768 28.04 36.18 -18.04
CA GLY B 768 26.88 35.86 -17.23
C GLY B 768 26.38 37.07 -16.46
N ALA B 769 27.31 37.82 -15.85
CA ALA B 769 26.90 38.97 -15.06
C ALA B 769 26.28 40.06 -15.94
N ALA B 770 26.82 40.26 -17.15
CA ALA B 770 26.24 41.26 -18.03
C ALA B 770 24.84 40.88 -18.45
N LEU B 771 24.60 39.58 -18.68
CA LEU B 771 23.26 39.15 -19.03
C LEU B 771 22.30 39.35 -17.86
N VAL B 772 22.74 39.00 -16.66
CA VAL B 772 21.87 39.11 -15.49
C VAL B 772 21.47 40.55 -15.24
N ALA B 773 22.41 41.48 -15.46
CA ALA B 773 22.16 42.88 -15.17
C ALA B 773 21.36 43.58 -16.26
N ALA B 774 21.19 42.95 -17.41
CA ALA B 774 20.56 43.61 -18.55
C ALA B 774 19.12 43.99 -18.22
N ALA B 775 18.68 45.13 -18.76
CA ALA B 775 17.41 45.73 -18.35
C ALA B 775 16.23 44.80 -18.60
N GLU B 776 16.26 44.06 -19.69
CA GLU B 776 15.10 43.27 -20.09
C GLU B 776 15.11 41.85 -19.56
N THR B 777 16.13 41.46 -18.81
CA THR B 777 16.16 40.12 -18.24
C THR B 777 15.02 39.96 -17.26
N ALA B 778 14.19 38.94 -17.48
CA ALA B 778 12.98 38.74 -16.72
C ALA B 778 13.07 37.56 -15.78
N GLY B 779 14.14 36.79 -15.85
CA GLY B 779 14.31 35.66 -14.95
C GLY B 779 15.68 35.09 -15.19
N VAL B 780 16.23 34.42 -14.19
CA VAL B 780 17.55 33.81 -14.29
C VAL B 780 17.46 32.39 -13.79
N MET B 781 18.00 31.47 -14.55
CA MET B 781 18.15 30.07 -14.14
C MET B 781 19.64 29.84 -14.03
N PHE B 782 20.10 29.60 -12.81
CA PHE B 782 21.51 29.45 -12.52
C PHE B 782 21.74 28.08 -11.90
N THR B 783 22.74 27.37 -12.40
CA THR B 783 23.24 26.20 -11.71
C THR B 783 24.75 26.36 -11.67
N GLY B 784 25.32 26.20 -10.48
CA GLY B 784 26.72 26.50 -10.29
C GLY B 784 27.00 26.62 -8.80
N SER B 785 28.11 27.27 -8.50
CA SER B 785 28.51 27.34 -7.11
C SER B 785 27.64 28.32 -6.34
N THR B 786 27.50 28.04 -5.03
CA THR B 786 26.72 28.91 -4.17
C THR B 786 27.29 30.33 -4.17
N GLU B 787 28.63 30.44 -4.19
CA GLU B 787 29.27 31.75 -4.18
C GLU B 787 28.85 32.60 -5.37
N VAL B 788 28.81 31.99 -6.56
CA VAL B 788 28.41 32.73 -7.75
C VAL B 788 26.93 33.07 -7.70
N ALA B 789 26.11 32.13 -7.21
CA ALA B 789 24.67 32.39 -7.11
C ALA B 789 24.40 33.61 -6.26
N ARG B 790 25.17 33.80 -5.18
CA ARG B 790 24.95 34.97 -4.33
C ARG B 790 25.21 36.26 -5.08
N LEU B 791 26.23 36.26 -5.95
CA LEU B 791 26.50 37.46 -6.73
C LEU B 791 25.34 37.78 -7.65
N ILE B 792 24.78 36.73 -8.28
CA ILE B 792 23.67 36.93 -9.19
C ILE B 792 22.46 37.42 -8.42
N GLN B 793 22.19 36.81 -7.27
CA GLN B 793 21.07 37.23 -6.44
C GLN B 793 21.19 38.70 -6.06
N ALA B 794 22.40 39.14 -5.72
CA ALA B 794 22.60 40.55 -5.40
C ALA B 794 22.31 41.45 -6.60
N GLN B 795 22.77 41.06 -7.78
CA GLN B 795 22.48 41.84 -8.99
C GLN B 795 20.98 41.98 -9.18
N LEU B 796 20.25 40.87 -9.02
CA LEU B 796 18.84 40.88 -9.36
C LEU B 796 18.02 41.67 -8.34
N ALA B 797 18.47 41.67 -7.09
CA ALA B 797 17.71 42.36 -6.04
C ALA B 797 17.70 43.86 -6.24
N ASP B 798 18.61 44.38 -7.06
CA ASP B 798 18.57 45.81 -7.39
C ASP B 798 17.44 46.14 -8.35
N ARG B 799 16.83 45.14 -8.98
CA ARG B 799 15.93 45.32 -10.10
CA ARG B 799 15.91 45.38 -10.07
C ARG B 799 14.54 44.82 -9.74
N LEU B 800 13.56 45.27 -10.52
CA LEU B 800 12.19 44.78 -10.46
C LEU B 800 11.72 44.60 -11.89
N SER B 801 10.75 43.71 -12.06
CA SER B 801 10.10 43.58 -13.36
C SER B 801 9.34 44.87 -13.65
N PRO B 802 8.93 45.07 -14.91
CA PRO B 802 8.06 46.23 -15.19
C PRO B 802 6.78 46.23 -14.37
N ALA B 803 6.33 45.06 -13.92
CA ALA B 803 5.19 44.97 -13.01
C ALA B 803 5.57 45.29 -11.56
N GLY B 804 6.83 45.60 -11.29
CA GLY B 804 7.23 45.94 -9.93
C GLY B 804 7.43 44.76 -9.02
N ARG B 805 7.86 43.62 -9.52
CA ARG B 805 8.00 42.42 -8.72
C ARG B 805 9.40 41.84 -8.88
N PRO B 806 9.87 41.04 -7.93
CA PRO B 806 11.22 40.50 -8.03
C PRO B 806 11.39 39.64 -9.27
N ILE B 807 12.58 39.73 -9.85
CA ILE B 807 12.98 38.88 -10.96
C ILE B 807 13.22 37.48 -10.41
N PRO B 808 12.52 36.45 -10.89
CA PRO B 808 12.72 35.10 -10.36
C PRO B 808 14.12 34.59 -10.64
N LEU B 809 14.69 33.92 -9.63
CA LEU B 809 15.97 33.27 -9.76
C LEU B 809 15.79 31.84 -9.29
N ILE B 810 16.13 30.88 -10.16
CA ILE B 810 16.34 29.50 -9.72
C ILE B 810 17.83 29.35 -9.58
N ALA B 811 18.29 29.02 -8.39
CA ALA B 811 19.72 28.91 -8.14
C ALA B 811 19.99 27.57 -7.50
N GLU B 812 20.53 26.66 -8.29
CA GLU B 812 20.77 25.29 -7.87
C GLU B 812 22.27 25.16 -7.70
N THR B 813 22.69 24.91 -6.47
CA THR B 813 24.06 25.20 -6.10
C THR B 813 24.74 23.96 -5.52
N GLY B 814 25.75 24.14 -4.67
CA GLY B 814 26.63 23.04 -4.36
C GLY B 814 26.09 22.10 -3.30
N GLY B 815 26.91 21.10 -2.97
CA GLY B 815 26.56 20.14 -1.95
C GLY B 815 27.78 19.81 -1.12
N GLN B 816 27.51 19.24 0.05
CA GLN B 816 28.56 18.66 0.88
C GLN B 816 28.02 17.29 1.30
N ASN B 817 28.01 16.37 0.36
CA ASN B 817 27.10 15.24 0.42
C ASN B 817 27.71 14.10 1.19
N ALA B 818 26.90 13.52 2.07
CA ALA B 818 27.36 12.43 2.92
C ALA B 818 26.66 11.14 2.56
N MET B 819 27.32 10.03 2.90
CA MET B 819 26.72 8.72 2.90
C MET B 819 27.01 8.11 4.25
N ILE B 820 25.96 7.64 4.92
CA ILE B 820 26.10 6.96 6.19
C ILE B 820 25.97 5.47 5.95
N VAL B 821 26.90 4.70 6.50
CA VAL B 821 26.98 3.27 6.30
C VAL B 821 26.99 2.64 7.69
N ASP B 822 26.06 1.75 7.96
CA ASP B 822 26.09 1.06 9.24
C ASP B 822 26.67 -0.34 9.07
N SER B 823 26.73 -1.06 10.19
CA SER B 823 27.36 -2.37 10.16
C SER B 823 26.52 -3.43 9.50
N SER B 824 25.28 -3.13 9.10
CA SER B 824 24.48 -4.11 8.39
C SER B 824 24.65 -4.04 6.89
N ALA B 825 25.30 -3.00 6.40
CA ALA B 825 25.46 -2.81 4.96
C ALA B 825 26.44 -3.82 4.42
N LEU B 826 26.30 -4.14 3.14
CA LEU B 826 27.18 -5.09 2.48
C LEU B 826 28.38 -4.33 1.93
N ALA B 827 29.57 -4.66 2.42
CA ALA B 827 30.76 -3.87 2.09
C ALA B 827 30.97 -3.73 0.59
N GLU B 828 30.82 -4.83 -0.16
CA GLU B 828 31.06 -4.76 -1.60
C GLU B 828 30.11 -3.77 -2.27
N GLN B 829 28.85 -3.75 -1.83
CA GLN B 829 27.90 -2.81 -2.41
CA GLN B 829 27.89 -2.82 -2.41
C GLN B 829 28.26 -1.38 -2.04
N VAL B 830 28.61 -1.15 -0.78
CA VAL B 830 29.06 0.15 -0.34
C VAL B 830 30.23 0.61 -1.20
N VAL B 831 31.24 -0.25 -1.34
CA VAL B 831 32.45 0.15 -2.06
C VAL B 831 32.13 0.54 -3.49
N GLY B 832 31.33 -0.27 -4.19
CA GLY B 832 30.97 0.10 -5.55
C GLY B 832 30.25 1.42 -5.62
N ASP B 833 29.34 1.65 -4.67
CA ASP B 833 28.57 2.89 -4.69
C ASP B 833 29.41 4.08 -4.27
N VAL B 834 30.40 3.88 -3.40
CA VAL B 834 31.31 4.95 -3.03
C VAL B 834 32.19 5.33 -4.21
N ILE B 835 32.71 4.34 -4.91
CA ILE B 835 33.55 4.65 -6.05
C ILE B 835 32.75 5.42 -7.10
N THR B 836 31.56 4.94 -7.42
CA THR B 836 30.71 5.65 -8.36
C THR B 836 30.43 7.07 -7.89
N SER B 837 30.08 7.22 -6.63
CA SER B 837 29.60 8.51 -6.16
C SER B 837 30.73 9.49 -5.91
N ALA B 838 31.87 9.02 -5.40
CA ALA B 838 32.93 9.91 -4.99
C ALA B 838 33.95 10.16 -6.09
N PHE B 839 34.25 9.16 -6.90
CA PHE B 839 35.44 9.24 -7.73
C PHE B 839 35.15 9.18 -9.20
N ASP B 840 34.03 8.62 -9.61
CA ASP B 840 33.63 8.72 -11.00
C ASP B 840 33.53 10.20 -11.37
N SER B 841 33.90 10.51 -12.61
CA SER B 841 33.97 11.90 -13.09
C SER B 841 34.93 12.73 -12.25
N ALA B 842 35.88 12.05 -11.62
CA ALA B 842 36.82 12.68 -10.70
C ALA B 842 36.10 13.52 -9.66
N GLY B 843 34.93 13.03 -9.23
CA GLY B 843 34.21 13.73 -8.19
C GLY B 843 33.58 15.02 -8.65
N GLN B 844 33.53 15.25 -9.94
CA GLN B 844 33.06 16.52 -10.48
C GLN B 844 31.58 16.46 -10.83
N ARG B 845 30.82 16.07 -9.82
CA ARG B 845 29.36 16.10 -9.85
C ARG B 845 28.91 16.87 -8.62
N CYS B 846 27.89 17.71 -8.75
CA CYS B 846 27.38 18.36 -7.56
C CYS B 846 26.89 17.35 -6.54
N SER B 847 26.40 16.21 -7.03
CA SER B 847 25.85 15.14 -6.22
C SER B 847 26.92 14.23 -5.63
N ALA B 848 28.20 14.46 -5.93
CA ALA B 848 29.23 13.51 -5.58
C ALA B 848 29.34 13.33 -4.08
N LEU B 849 29.73 12.12 -3.70
CA LEU B 849 29.94 11.80 -2.30
C LEU B 849 31.19 12.49 -1.78
N ARG B 850 31.04 13.32 -0.76
CA ARG B 850 32.14 14.06 -0.18
C ARG B 850 32.53 13.54 1.19
N VAL B 851 31.60 12.98 1.94
CA VAL B 851 31.86 12.54 3.30
C VAL B 851 31.25 11.15 3.49
N LEU B 852 32.11 10.15 3.60
CA LEU B 852 31.68 8.78 3.87
C LEU B 852 31.75 8.55 5.37
N CYS B 853 30.61 8.22 5.97
CA CYS B 853 30.51 8.02 7.41
C CYS B 853 30.32 6.54 7.67
N LEU B 854 31.31 5.93 8.30
CA LEU B 854 31.34 4.48 8.47
C LEU B 854 31.18 4.15 9.94
N GLN B 855 30.27 3.25 10.25
CA GLN B 855 30.17 2.81 11.63
C GLN B 855 31.50 2.20 12.04
N GLU B 856 31.94 2.53 13.26
CA GLU B 856 33.31 2.25 13.68
C GLU B 856 33.67 0.78 13.49
N ASP B 857 32.74 -0.13 13.76
CA ASP B 857 33.06 -1.55 13.76
C ASP B 857 33.33 -2.12 12.37
N VAL B 858 32.85 -1.47 11.32
CA VAL B 858 33.07 -1.94 9.97
C VAL B 858 33.99 -1.04 9.18
N ALA B 859 34.43 0.08 9.77
CA ALA B 859 35.17 1.07 9.00
C ALA B 859 36.44 0.49 8.39
N ASP B 860 37.25 -0.20 9.18
CA ASP B 860 38.53 -0.69 8.68
C ASP B 860 38.34 -1.66 7.53
N ARG B 861 37.39 -2.59 7.64
CA ARG B 861 37.19 -3.55 6.57
C ARG B 861 36.68 -2.87 5.31
N ILE B 862 35.77 -1.91 5.45
CA ILE B 862 35.29 -1.21 4.27
C ILE B 862 36.40 -0.39 3.64
N LEU B 863 37.21 0.30 4.45
CA LEU B 863 38.28 1.11 3.88
C LEU B 863 39.31 0.24 3.19
N THR B 864 39.63 -0.92 3.74
CA THR B 864 40.57 -1.79 3.05
C THR B 864 40.02 -2.21 1.71
N MET B 865 38.73 -2.55 1.67
CA MET B 865 38.14 -2.97 0.41
C MET B 865 38.08 -1.81 -0.56
N LEU B 866 37.72 -0.63 -0.06
CA LEU B 866 37.66 0.55 -0.92
C LEU B 866 39.03 0.85 -1.54
N LYS B 867 40.07 0.79 -0.72
CA LYS B 867 41.41 1.08 -1.24
C LYS B 867 41.84 0.02 -2.24
N GLY B 868 41.50 -1.23 -1.98
CA GLY B 868 41.83 -2.26 -2.96
C GLY B 868 41.10 -2.06 -4.28
N ALA B 869 39.82 -1.67 -4.21
CA ALA B 869 39.07 -1.40 -5.41
C ALA B 869 39.63 -0.18 -6.14
N LEU B 870 40.06 0.84 -5.39
CA LEU B 870 40.62 2.03 -6.03
C LEU B 870 41.91 1.71 -6.78
N HIS B 871 42.66 0.73 -6.30
CA HIS B 871 43.90 0.37 -6.98
CA HIS B 871 43.89 0.33 -6.96
C HIS B 871 43.64 -0.23 -8.35
N GLU B 872 42.42 -0.65 -8.63
CA GLU B 872 42.09 -1.25 -9.92
C GLU B 872 41.56 -0.25 -10.92
N LEU B 873 41.47 1.03 -10.56
CA LEU B 873 40.94 2.01 -11.49
C LEU B 873 42.02 2.51 -12.41
N HIS B 874 41.62 2.84 -13.62
CA HIS B 874 42.51 3.40 -14.63
C HIS B 874 42.16 4.88 -14.74
N ILE B 875 43.14 5.74 -14.45
CA ILE B 875 42.99 7.18 -14.52
C ILE B 875 43.72 7.64 -15.79
N GLY B 876 43.04 8.39 -16.64
CA GLY B 876 43.72 8.84 -17.84
C GLY B 876 42.78 9.61 -18.75
N ARG B 877 43.31 9.91 -19.93
CA ARG B 877 42.50 10.55 -20.95
C ARG B 877 41.35 9.63 -21.32
N THR B 878 40.15 10.21 -21.41
CA THR B 878 38.92 9.40 -21.39
C THR B 878 38.50 8.84 -22.73
N ASP B 879 39.31 8.97 -23.77
CA ASP B 879 38.97 8.43 -25.09
C ASP B 879 39.38 6.97 -25.23
N ARG B 880 39.47 6.25 -24.11
CA ARG B 880 39.63 4.81 -24.11
C ARG B 880 38.55 4.25 -23.19
N LEU B 881 37.88 3.19 -23.66
CA LEU B 881 36.84 2.56 -22.85
C LEU B 881 37.39 2.06 -21.51
N SER B 882 38.66 1.69 -21.47
CA SER B 882 39.25 1.17 -20.25
C SER B 882 39.51 2.24 -19.19
N VAL B 883 39.26 3.52 -19.46
CA VAL B 883 39.52 4.56 -18.49
C VAL B 883 38.32 4.72 -17.56
N ASP B 884 38.59 4.71 -16.27
CA ASP B 884 37.56 4.85 -15.25
C ASP B 884 37.41 6.26 -14.73
N VAL B 885 38.53 6.95 -14.51
CA VAL B 885 38.57 8.26 -13.88
C VAL B 885 39.30 9.19 -14.84
N GLY B 886 38.61 10.25 -15.26
CA GLY B 886 39.19 11.24 -16.12
C GLY B 886 39.81 12.39 -15.36
N PRO B 887 40.16 13.44 -16.10
CA PRO B 887 40.86 14.58 -15.53
C PRO B 887 39.93 15.51 -14.78
N VAL B 888 40.54 16.37 -13.99
CA VAL B 888 39.82 17.55 -13.52
C VAL B 888 39.84 18.61 -14.61
N ILE B 889 38.86 19.50 -14.56
CA ILE B 889 38.55 20.27 -15.76
C ILE B 889 39.64 21.27 -16.11
N THR B 890 40.30 21.87 -15.13
CA THR B 890 41.30 22.89 -15.43
C THR B 890 42.41 22.82 -14.40
N SER B 891 43.51 23.51 -14.75
CA SER B 891 44.60 23.64 -13.79
CA SER B 891 44.60 23.62 -13.79
CA SER B 891 44.60 23.64 -13.81
C SER B 891 44.16 24.39 -12.55
N GLU B 892 43.30 25.40 -12.72
CA GLU B 892 42.80 26.15 -11.57
C GLU B 892 42.02 25.23 -10.65
N ALA B 893 41.16 24.38 -11.20
CA ALA B 893 40.42 23.43 -10.38
C ALA B 893 41.37 22.49 -9.68
N LYS B 894 42.35 21.96 -10.41
CA LYS B 894 43.34 21.08 -9.81
C LYS B 894 44.04 21.78 -8.64
N ASP B 895 44.45 23.02 -8.83
CA ASP B 895 45.13 23.74 -7.75
C ASP B 895 44.22 23.94 -6.56
N ASN B 896 42.94 24.21 -6.80
CA ASN B 896 41.99 24.42 -5.71
C ASN B 896 41.82 23.14 -4.90
N ILE B 897 41.68 22.02 -5.59
CA ILE B 897 41.55 20.73 -4.92
C ILE B 897 42.82 20.42 -4.15
N GLU B 898 43.95 20.61 -4.79
CA GLU B 898 45.21 20.29 -4.14
C GLU B 898 45.47 21.19 -2.95
N LYS B 899 45.03 22.44 -2.99
CA LYS B 899 45.19 23.30 -1.83
C LYS B 899 44.43 22.73 -0.63
N HIS B 900 43.25 22.19 -0.87
CA HIS B 900 42.50 21.58 0.22
C HIS B 900 43.23 20.36 0.73
N ILE B 901 43.70 19.50 -0.18
CA ILE B 901 44.38 18.29 0.23
C ILE B 901 45.59 18.62 1.08
N GLU B 902 46.36 19.61 0.64
CA GLU B 902 47.57 19.98 1.38
C GLU B 902 47.23 20.67 2.68
N ARG B 903 46.12 21.39 2.74
CA ARG B 903 45.70 21.96 4.03
C ARG B 903 45.36 20.85 5.01
N MET B 904 44.63 19.83 4.56
CA MET B 904 44.32 18.71 5.43
C MET B 904 45.58 17.98 5.86
N ARG B 905 46.49 17.77 4.91
CA ARG B 905 47.74 17.08 5.24
C ARG B 905 48.52 17.88 6.28
N GLY B 906 48.58 19.20 6.10
CA GLY B 906 49.34 20.03 7.02
C GLY B 906 48.73 20.12 8.41
N LEU B 907 47.43 19.87 8.53
CA LEU B 907 46.74 19.79 9.81
C LEU B 907 46.89 18.43 10.47
N GLY B 908 47.58 17.50 9.82
CA GLY B 908 47.84 16.21 10.40
C GLY B 908 46.82 15.14 10.08
N ARG B 909 45.86 15.43 9.21
CA ARG B 909 44.89 14.41 8.84
C ARG B 909 45.54 13.35 7.97
N LYS B 910 45.05 12.13 8.11
CA LYS B 910 45.54 11.07 7.25
C LYS B 910 45.01 11.28 5.83
N VAL B 911 45.92 11.40 4.88
CA VAL B 911 45.61 11.62 3.48
C VAL B 911 46.25 10.49 2.69
N GLU B 912 45.45 9.81 1.89
CA GLU B 912 45.95 8.75 1.03
C GLU B 912 45.49 9.00 -0.40
N GLN B 913 46.39 8.79 -1.36
CA GLN B 913 46.05 8.95 -2.76
C GLN B 913 46.45 7.70 -3.52
N ILE B 914 45.58 7.27 -4.43
CA ILE B 914 45.74 5.98 -5.08
C ILE B 914 45.59 6.20 -6.58
N GLY B 915 46.64 5.91 -7.34
CA GLY B 915 46.75 6.01 -8.80
C GLY B 915 47.56 7.22 -9.23
N LEU B 916 48.28 7.08 -10.36
CA LEU B 916 49.17 8.15 -10.84
C LEU B 916 50.00 7.82 -12.09
N ALA B 917 49.39 7.71 -13.27
CA ALA B 917 50.15 7.35 -14.47
C ALA B 917 50.94 8.54 -15.02
N SER B 918 52.08 8.23 -15.66
CA SER B 918 52.91 9.29 -16.23
C SER B 918 52.21 10.01 -17.38
N GLU B 919 51.38 9.30 -18.14
CA GLU B 919 50.62 9.92 -19.23
C GLU B 919 49.69 11.01 -18.74
N THR B 920 49.45 11.11 -17.43
CA THR B 920 48.59 12.17 -16.92
C THR B 920 49.24 13.55 -17.01
N GLY B 921 50.57 13.62 -17.11
CA GLY B 921 51.29 14.88 -17.05
C GLY B 921 50.90 15.89 -18.13
N VAL B 922 50.34 15.41 -19.24
CA VAL B 922 49.91 16.29 -20.33
C VAL B 922 48.53 16.90 -20.08
N GLY B 923 47.80 16.41 -19.07
CA GLY B 923 46.51 16.97 -18.72
C GLY B 923 46.49 17.35 -17.26
N THR B 924 45.31 17.62 -16.71
CA THR B 924 45.17 18.03 -15.32
C THR B 924 44.41 16.95 -14.58
N PHE B 925 45.13 16.15 -13.80
CA PHE B 925 44.53 15.04 -13.07
C PHE B 925 44.80 15.20 -11.58
N VAL B 926 43.82 14.76 -10.80
CA VAL B 926 43.97 14.56 -9.36
C VAL B 926 43.54 13.12 -9.11
N PRO B 927 44.34 12.30 -8.43
CA PRO B 927 43.93 10.93 -8.21
C PRO B 927 42.91 10.84 -7.09
N PRO B 928 42.11 9.80 -7.08
CA PRO B 928 41.24 9.54 -5.93
C PRO B 928 42.00 9.68 -4.62
N THR B 929 41.42 10.44 -3.72
CA THR B 929 42.06 10.86 -2.49
C THR B 929 41.08 10.57 -1.36
N ILE B 930 41.60 10.01 -0.28
CA ILE B 930 40.81 9.70 0.91
C ILE B 930 41.46 10.44 2.07
N ILE B 931 40.67 11.22 2.78
CA ILE B 931 41.14 12.01 3.90
C ILE B 931 40.31 11.65 5.12
N GLU B 932 40.97 11.27 6.21
CA GLU B 932 40.25 10.93 7.41
C GLU B 932 40.05 12.19 8.23
N LEU B 933 38.80 12.46 8.58
CA LEU B 933 38.49 13.60 9.42
C LEU B 933 38.16 13.14 10.84
N GLU B 934 38.42 14.02 11.80
CA GLU B 934 37.94 13.79 13.15
C GLU B 934 36.49 14.20 13.29
N LYS B 935 36.09 15.27 12.62
CA LYS B 935 34.74 15.79 12.72
C LYS B 935 34.36 16.36 11.36
N LEU B 936 33.07 16.29 11.06
CA LEU B 936 32.62 16.84 9.78
C LEU B 936 32.94 18.32 9.68
N SER B 937 32.96 19.03 10.81
CA SER B 937 33.25 20.46 10.79
C SER B 937 34.69 20.77 10.39
N ASP B 938 35.56 19.76 10.27
CA ASP B 938 36.88 20.00 9.68
C ASP B 938 36.76 20.46 8.24
N LEU B 939 35.66 20.15 7.58
CA LEU B 939 35.46 20.44 6.17
C LEU B 939 34.59 21.69 6.10
N GLN B 940 35.11 22.74 5.46
CA GLN B 940 34.46 24.05 5.47
C GLN B 940 33.97 24.52 4.11
N ARG B 941 34.24 23.80 3.04
CA ARG B 941 33.83 24.23 1.72
C ARG B 941 33.65 23.01 0.85
N GLU B 942 32.85 23.16 -0.19
CA GLU B 942 32.70 22.12 -1.19
C GLU B 942 33.98 22.04 -2.00
N VAL B 943 34.59 20.88 -2.03
CA VAL B 943 35.83 20.65 -2.78
C VAL B 943 35.45 19.78 -3.96
N PHE B 944 35.46 20.38 -5.15
CA PHE B 944 34.83 19.79 -6.32
C PHE B 944 35.87 18.98 -7.08
N GLY B 945 36.20 17.84 -6.49
CA GLY B 945 37.19 16.97 -7.07
C GLY B 945 37.10 15.61 -6.42
N PRO B 946 38.06 14.75 -6.71
CA PRO B 946 37.94 13.34 -6.28
C PRO B 946 38.50 13.13 -4.87
N VAL B 947 37.91 13.83 -3.91
CA VAL B 947 38.43 13.87 -2.56
C VAL B 947 37.32 13.40 -1.63
N LEU B 948 37.47 12.18 -1.12
CA LEU B 948 36.50 11.59 -0.21
C LEU B 948 36.99 11.76 1.20
N HIS B 949 36.14 12.28 2.07
CA HIS B 949 36.48 12.43 3.47
C HIS B 949 35.79 11.33 4.24
N VAL B 950 36.47 10.80 5.23
CA VAL B 950 35.97 9.64 5.97
C VAL B 950 35.80 10.02 7.42
N ILE B 951 34.63 9.70 7.95
CA ILE B 951 34.32 9.87 9.36
C ILE B 951 33.92 8.51 9.90
N ARG B 952 34.40 8.17 11.08
CA ARG B 952 33.97 6.98 11.78
CA ARG B 952 33.99 6.98 11.80
C ARG B 952 33.01 7.39 12.89
N TYR B 953 31.96 6.61 13.10
CA TYR B 953 31.02 6.97 14.14
C TYR B 953 30.58 5.75 14.92
N ARG B 954 30.19 5.99 16.18
CA ARG B 954 29.57 4.96 17.00
C ARG B 954 28.07 5.01 16.76
N ARG B 955 27.45 3.82 16.68
CA ARG B 955 26.03 3.76 16.35
C ARG B 955 25.19 4.61 17.30
N ASP B 956 25.55 4.67 18.58
CA ASP B 956 24.79 5.48 19.53
CA ASP B 956 24.76 5.48 19.49
C ASP B 956 24.89 6.97 19.23
N ASP B 957 25.81 7.37 18.36
CA ASP B 957 25.98 8.76 17.98
C ASP B 957 25.34 9.07 16.63
N LEU B 958 24.54 8.15 16.10
CA LEU B 958 23.97 8.34 14.76
C LEU B 958 23.18 9.63 14.66
N ASP B 959 22.36 9.93 15.67
CA ASP B 959 21.53 11.12 15.57
C ASP B 959 22.39 12.38 15.52
N ARG B 960 23.45 12.42 16.33
CA ARG B 960 24.37 13.54 16.30
C ARG B 960 25.11 13.61 14.99
N LEU B 961 25.43 12.45 14.40
CA LEU B 961 26.07 12.44 13.09
C LEU B 961 25.16 13.07 12.04
N VAL B 962 23.87 12.75 12.08
CA VAL B 962 22.94 13.38 11.15
C VAL B 962 22.94 14.89 11.34
N ASP B 963 22.98 15.36 12.59
CA ASP B 963 23.09 16.79 12.83
C ASP B 963 24.35 17.34 12.19
N ASP B 964 25.46 16.63 12.34
CA ASP B 964 26.72 17.09 11.76
C ASP B 964 26.61 17.21 10.25
N VAL B 965 25.95 16.25 9.59
CA VAL B 965 25.74 16.35 8.15
C VAL B 965 24.90 17.58 7.83
N ASN B 966 23.82 17.79 8.58
CA ASN B 966 22.96 18.94 8.29
C ASN B 966 23.65 20.25 8.60
N ALA B 967 24.62 20.23 9.52
CA ALA B 967 25.20 21.47 10.02
C ALA B 967 26.08 22.18 9.01
N THR B 968 26.43 21.52 7.90
CA THR B 968 27.20 22.22 6.87
C THR B 968 26.40 23.32 6.22
N GLY B 969 25.07 23.26 6.32
CA GLY B 969 24.18 24.17 5.64
C GLY B 969 23.81 23.73 4.25
N TYR B 970 24.48 22.73 3.70
CA TYR B 970 24.11 22.16 2.42
C TYR B 970 23.03 21.11 2.61
N GLY B 971 22.42 20.70 1.50
CA GLY B 971 21.37 19.71 1.59
C GLY B 971 21.00 19.24 0.20
N LEU B 972 21.98 18.69 -0.51
CA LEU B 972 21.78 18.24 -1.87
C LEU B 972 21.52 16.74 -1.90
N THR B 973 22.56 15.92 -1.98
CA THR B 973 22.34 14.47 -1.99
C THR B 973 22.81 13.87 -0.69
N PHE B 974 22.24 12.71 -0.38
CA PHE B 974 22.57 12.01 0.85
C PHE B 974 22.28 10.53 0.63
N GLY B 975 23.20 9.69 1.08
CA GLY B 975 23.04 8.24 0.95
C GLY B 975 23.05 7.55 2.30
N LEU B 976 22.32 6.45 2.36
CA LEU B 976 22.30 5.63 3.55
C LEU B 976 22.39 4.18 3.08
N HIS B 977 23.37 3.45 3.61
CA HIS B 977 23.48 2.02 3.36
C HIS B 977 23.20 1.30 4.67
N THR B 978 22.08 0.61 4.71
CA THR B 978 21.68 -0.16 5.87
C THR B 978 20.62 -1.12 5.42
N ARG B 979 20.52 -2.24 6.12
CA ARG B 979 19.43 -3.16 5.89
C ARG B 979 18.30 -2.98 6.87
N LEU B 980 18.43 -2.04 7.81
CA LEU B 980 17.57 -2.00 8.98
C LEU B 980 16.51 -0.90 8.85
N ASP B 981 15.24 -1.30 8.86
CA ASP B 981 14.16 -0.34 8.67
C ASP B 981 14.17 0.75 9.72
N GLU B 982 14.52 0.44 10.98
CA GLU B 982 14.52 1.48 11.99
C GLU B 982 15.57 2.54 11.68
N THR B 983 16.72 2.11 11.19
CA THR B 983 17.76 3.06 10.86
C THR B 983 17.35 3.91 9.66
N ILE B 984 16.70 3.29 8.68
CA ILE B 984 16.19 4.03 7.54
C ILE B 984 15.19 5.07 7.98
N ALA B 985 14.24 4.68 8.84
CA ALA B 985 13.23 5.63 9.28
C ALA B 985 13.85 6.76 10.06
N HIS B 986 14.76 6.43 10.98
CA HIS B 986 15.42 7.44 11.78
C HIS B 986 16.17 8.42 10.88
N VAL B 987 17.08 7.89 10.06
CA VAL B 987 17.96 8.77 9.31
C VAL B 987 17.18 9.59 8.30
N THR B 988 16.26 8.97 7.57
CA THR B 988 15.52 9.75 6.57
C THR B 988 14.59 10.77 7.22
N SER B 989 14.15 10.53 8.45
CA SER B 989 13.31 11.50 9.14
C SER B 989 14.10 12.72 9.61
N ARG B 990 15.41 12.60 9.76
CA ARG B 990 16.23 13.64 10.38
C ARG B 990 17.17 14.34 9.42
N ILE B 991 17.57 13.67 8.34
CA ILE B 991 18.43 14.31 7.35
C ILE B 991 17.63 15.40 6.63
N LYS B 992 18.31 16.46 6.22
CA LYS B 992 17.65 17.55 5.51
C LYS B 992 18.37 17.71 4.18
N ALA B 993 18.01 16.87 3.22
CA ALA B 993 18.61 16.95 1.89
C ALA B 993 17.53 16.69 0.87
N GLY B 994 17.74 17.25 -0.32
CA GLY B 994 16.68 17.16 -1.32
C GLY B 994 16.62 15.84 -2.06
N ASN B 995 17.71 15.08 -2.09
CA ASN B 995 17.76 13.84 -2.84
C ASN B 995 18.40 12.81 -1.94
N LEU B 996 17.61 11.82 -1.56
CA LEU B 996 18.03 10.75 -0.68
C LEU B 996 18.16 9.48 -1.49
N TYR B 997 19.09 8.63 -1.09
CA TYR B 997 19.37 7.39 -1.81
C TYR B 997 19.65 6.31 -0.79
N ILE B 998 18.92 5.20 -0.88
CA ILE B 998 19.03 4.12 0.08
C ILE B 998 19.61 2.91 -0.63
N ASN B 999 20.76 2.46 -0.15
CA ASN B 999 21.40 1.22 -0.64
C ASN B 999 21.77 1.31 -2.11
N ARG B 1000 22.20 2.49 -2.53
CA ARG B 1000 22.63 2.69 -3.90
C ARG B 1000 23.56 3.90 -3.92
N ASN B 1001 24.07 4.22 -5.10
CA ASN B 1001 24.89 5.42 -5.22
C ASN B 1001 24.04 6.68 -5.00
N ILE B 1002 24.70 7.81 -4.84
CA ILE B 1002 24.00 9.05 -4.53
C ILE B 1002 24.01 10.04 -5.69
N ILE B 1003 24.21 9.56 -6.92
CA ILE B 1003 24.35 10.46 -8.04
C ILE B 1003 23.16 10.43 -8.98
N GLY B 1004 22.06 9.77 -8.57
CA GLY B 1004 20.92 9.61 -9.45
C GLY B 1004 20.17 10.91 -9.64
N ALA B 1005 19.95 11.26 -10.90
CA ALA B 1005 19.18 12.46 -11.21
C ALA B 1005 18.28 12.16 -12.38
N VAL B 1006 17.74 10.95 -12.43
CA VAL B 1006 16.92 10.55 -13.57
C VAL B 1006 15.72 11.48 -13.62
N VAL B 1007 15.54 12.15 -14.77
CA VAL B 1007 14.52 13.17 -14.91
C VAL B 1007 13.16 12.55 -14.65
N GLY B 1008 12.38 13.20 -13.81
CA GLY B 1008 11.04 12.73 -13.49
C GLY B 1008 10.98 11.46 -12.67
N VAL B 1009 12.14 10.97 -12.24
CA VAL B 1009 12.24 9.77 -11.41
C VAL B 1009 12.96 10.09 -10.10
N GLN B 1010 14.11 10.75 -10.18
CA GLN B 1010 14.70 11.48 -9.06
C GLN B 1010 14.76 12.95 -9.44
N PRO B 1011 13.63 13.67 -9.39
CA PRO B 1011 13.67 15.13 -9.52
C PRO B 1011 14.77 15.63 -8.60
N PHE B 1012 15.64 16.48 -9.13
CA PHE B 1012 16.92 16.69 -8.51
C PHE B 1012 17.05 18.13 -8.05
N GLY B 1013 17.44 18.29 -6.80
CA GLY B 1013 17.71 19.63 -6.29
C GLY B 1013 17.59 19.64 -4.79
N GLY B 1014 18.35 20.52 -4.18
CA GLY B 1014 18.38 20.55 -2.74
C GLY B 1014 17.97 21.84 -2.11
N ARG B 1015 18.28 21.96 -0.83
CA ARG B 1015 17.81 23.04 0.01
C ARG B 1015 19.01 23.65 0.70
N GLY B 1016 18.74 24.66 1.53
CA GLY B 1016 19.82 25.36 2.21
C GLY B 1016 20.77 25.97 1.20
N LEU B 1017 22.06 25.79 1.43
CA LEU B 1017 23.07 26.28 0.51
C LEU B 1017 23.08 25.57 -0.81
N SER B 1018 22.27 24.52 -0.96
CA SER B 1018 22.26 23.73 -2.18
C SER B 1018 21.21 24.16 -3.18
N GLY B 1019 20.25 25.01 -2.82
CA GLY B 1019 19.28 25.36 -3.83
C GLY B 1019 18.17 26.24 -3.31
N THR B 1020 17.58 26.97 -4.25
CA THR B 1020 16.30 27.62 -4.02
C THR B 1020 15.13 26.73 -4.36
N GLY B 1021 15.34 25.75 -5.21
CA GLY B 1021 14.25 25.06 -5.85
C GLY B 1021 13.56 26.00 -6.83
N PRO B 1022 12.57 25.50 -7.51
CA PRO B 1022 12.07 24.12 -7.49
C PRO B 1022 13.06 23.19 -8.17
N LYS B 1023 12.87 21.88 -7.98
CA LYS B 1023 13.80 20.91 -8.53
C LYS B 1023 13.71 20.83 -10.03
N ALA B 1024 14.86 20.87 -10.67
CA ALA B 1024 14.94 20.46 -12.07
C ALA B 1024 14.49 19.02 -12.23
N GLY B 1025 13.84 18.75 -13.36
CA GLY B 1025 13.40 17.39 -13.60
C GLY B 1025 12.25 17.00 -12.74
N GLY B 1026 11.56 17.97 -12.15
CA GLY B 1026 10.42 17.73 -11.31
C GLY B 1026 9.25 18.59 -11.77
N PRO B 1027 8.10 18.35 -11.18
CA PRO B 1027 6.85 18.90 -11.71
C PRO B 1027 6.59 20.34 -11.31
N LEU B 1028 7.37 20.92 -10.40
CA LEU B 1028 7.15 22.31 -10.03
C LEU B 1028 7.99 23.27 -10.85
N TYR B 1029 8.89 22.73 -11.67
CA TYR B 1029 9.91 23.56 -12.29
C TYR B 1029 9.34 24.54 -13.28
N LEU B 1030 8.49 24.07 -14.21
CA LEU B 1030 8.02 24.97 -15.26
C LEU B 1030 7.21 26.11 -14.67
N GLY B 1031 6.54 25.87 -13.56
CA GLY B 1031 5.68 26.88 -12.97
C GLY B 1031 6.43 28.07 -12.45
N ARG B 1032 7.73 27.95 -12.25
CA ARG B 1032 8.52 29.09 -11.84
C ARG B 1032 8.84 30.01 -13.01
N LEU B 1033 8.62 29.54 -14.23
CA LEU B 1033 9.06 30.24 -15.43
C LEU B 1033 7.91 30.92 -16.16
N VAL B 1034 6.76 31.02 -15.50
CA VAL B 1034 5.60 31.73 -16.01
C VAL B 1034 5.12 32.64 -14.89
N THR B 1035 4.30 33.63 -15.23
CA THR B 1035 3.91 34.58 -14.20
C THR B 1035 2.79 34.09 -13.30
N THR B 1036 2.04 33.08 -13.75
CA THR B 1036 1.02 32.42 -12.94
C THR B 1036 1.32 30.94 -13.03
N ALA B 1037 1.61 30.31 -11.90
CA ALA B 1037 2.00 28.90 -11.94
C ALA B 1037 0.78 28.02 -12.19
N PRO B 1038 0.90 27.02 -13.04
CA PRO B 1038 -0.16 26.03 -13.21
C PRO B 1038 -0.18 25.07 -12.02
N VAL B 1039 -1.22 24.24 -11.99
CA VAL B 1039 -1.31 23.14 -11.05
C VAL B 1039 -0.59 21.95 -11.69
N PRO B 1040 0.54 21.51 -11.14
CA PRO B 1040 1.26 20.43 -11.79
C PRO B 1040 0.49 19.13 -11.73
N PRO B 1041 0.78 18.19 -12.62
CA PRO B 1041 0.19 16.85 -12.52
C PRO B 1041 0.41 16.27 -11.13
N GLN B 1042 -0.62 15.63 -10.59
CA GLN B 1042 -0.58 14.90 -9.33
C GLN B 1042 -0.31 15.80 -8.13
N HIS B 1043 -0.38 17.11 -8.28
CA HIS B 1043 0.03 18.03 -7.22
C HIS B 1043 -1.18 18.37 -6.36
N SER B 1044 -1.40 17.58 -5.32
CA SER B 1044 -2.45 17.85 -4.34
C SER B 1044 -2.14 17.04 -3.11
N SER B 1045 -2.88 17.30 -2.05
CA SER B 1045 -2.76 16.53 -0.84
C SER B 1045 -4.09 16.53 -0.12
N VAL B 1046 -4.44 15.39 0.48
CA VAL B 1046 -5.65 15.33 1.29
C VAL B 1046 -5.44 15.85 2.70
N HIS B 1047 -4.21 16.16 3.06
CA HIS B 1047 -3.91 16.55 4.42
CA HIS B 1047 -3.82 16.56 4.42
C HIS B 1047 -4.02 18.06 4.57
N THR B 1048 -4.53 18.47 5.72
CA THR B 1048 -4.67 19.88 6.04
C THR B 1048 -3.82 20.17 7.27
N ASP B 1049 -2.96 21.16 7.16
CA ASP B 1049 -2.11 21.48 8.28
C ASP B 1049 -2.98 21.85 9.48
N PRO B 1050 -2.73 21.25 10.65
CA PRO B 1050 -3.61 21.50 11.79
C PRO B 1050 -3.47 22.90 12.36
N VAL B 1051 -2.27 23.49 12.26
CA VAL B 1051 -2.09 24.85 12.74
C VAL B 1051 -2.82 25.83 11.83
N LEU B 1052 -2.77 25.58 10.52
CA LEU B 1052 -3.63 26.34 9.61
C LEU B 1052 -5.07 26.30 10.06
N LEU B 1053 -5.57 25.11 10.40
CA LEU B 1053 -6.96 24.99 10.83
C LEU B 1053 -7.24 25.83 12.06
N ASP B 1054 -6.34 25.78 13.05
CA ASP B 1054 -6.51 26.61 14.25
C ASP B 1054 -6.46 28.09 13.90
N PHE B 1055 -5.62 28.46 12.94
CA PHE B 1055 -5.54 29.86 12.55
C PHE B 1055 -6.83 30.32 11.90
N ALA B 1056 -7.42 29.48 11.05
CA ALA B 1056 -8.67 29.85 10.40
C ALA B 1056 -9.78 30.03 11.43
N LYS B 1057 -9.85 29.16 12.44
CA LYS B 1057 -10.84 29.32 13.49
C LYS B 1057 -10.62 30.62 14.25
N TRP B 1058 -9.35 30.94 14.53
CA TRP B 1058 -9.05 32.20 15.21
C TRP B 1058 -9.50 33.39 14.38
N LEU B 1059 -9.23 33.36 13.07
CA LEU B 1059 -9.65 34.44 12.20
C LEU B 1059 -11.17 34.61 12.21
N ASP B 1060 -11.90 33.50 12.12
CA ASP B 1060 -13.36 33.61 12.15
C ASP B 1060 -13.85 34.13 13.49
N GLY B 1061 -13.20 33.71 14.58
CA GLY B 1061 -13.57 34.20 15.89
C GLY B 1061 -13.49 35.72 15.98
N LYS B 1062 -12.51 36.32 15.31
CA LYS B 1062 -12.36 37.76 15.34
C LYS B 1062 -13.04 38.47 14.18
N GLY B 1063 -13.82 37.75 13.37
CA GLY B 1063 -14.60 38.37 12.32
C GLY B 1063 -13.86 38.64 11.02
N ALA B 1064 -12.61 38.20 10.90
CA ALA B 1064 -11.85 38.40 9.66
C ALA B 1064 -12.29 37.35 8.63
N ARG B 1065 -13.49 37.57 8.10
CA ARG B 1065 -14.15 36.56 7.27
C ARG B 1065 -13.39 36.28 5.99
N ALA B 1066 -12.99 37.34 5.28
CA ALA B 1066 -12.23 37.13 4.05
C ALA B 1066 -10.94 36.38 4.33
N GLU B 1067 -10.25 36.74 5.41
CA GLU B 1067 -8.98 36.10 5.70
C GLU B 1067 -9.17 34.65 6.11
N ALA B 1068 -10.21 34.36 6.89
CA ALA B 1068 -10.50 32.98 7.28
C ALA B 1068 -10.79 32.13 6.06
N GLU B 1069 -11.54 32.68 5.09
CA GLU B 1069 -11.79 31.96 3.84
C GLU B 1069 -10.50 31.73 3.07
N ALA B 1070 -9.65 32.74 2.98
CA ALA B 1070 -8.35 32.55 2.33
C ALA B 1070 -7.55 31.49 3.08
N ALA B 1071 -7.62 31.48 4.41
CA ALA B 1071 -6.88 30.49 5.16
C ALA B 1071 -7.38 29.07 4.84
N ARG B 1072 -8.70 28.88 4.86
CA ARG B 1072 -9.24 27.56 4.52
CA ARG B 1072 -9.23 27.56 4.53
C ARG B 1072 -8.87 27.16 3.11
N ASN B 1073 -8.95 28.11 2.16
CA ASN B 1073 -8.60 27.79 0.79
C ASN B 1073 -7.14 27.40 0.66
N ALA B 1074 -6.26 28.10 1.38
CA ALA B 1074 -4.84 27.72 1.37
C ALA B 1074 -4.65 26.34 1.98
N GLY B 1075 -5.35 26.05 3.06
CA GLY B 1075 -5.23 24.73 3.67
C GLY B 1075 -5.57 23.63 2.70
N SER B 1076 -6.55 23.88 1.84
CA SER B 1076 -6.99 22.85 0.90
C SER B 1076 -6.07 22.78 -0.31
N SER B 1077 -5.65 23.92 -0.84
CA SER B 1077 -4.83 23.96 -2.05
CA SER B 1077 -4.85 23.88 -2.06
C SER B 1077 -3.38 23.54 -1.79
N SER B 1078 -2.93 23.69 -0.56
CA SER B 1078 -1.57 23.28 -0.22
C SER B 1078 -1.37 21.81 -0.58
N ALA B 1079 -0.22 21.49 -1.14
CA ALA B 1079 0.11 20.11 -1.45
C ALA B 1079 1.04 19.53 -0.41
N LEU B 1080 1.22 20.21 0.71
CA LEU B 1080 1.99 19.65 1.81
C LEU B 1080 1.48 18.27 2.14
N GLY B 1081 2.39 17.31 2.23
CA GLY B 1081 2.01 15.95 2.53
C GLY B 1081 1.83 15.07 1.31
N LEU B 1082 1.94 15.63 0.11
CA LEU B 1082 1.98 14.81 -1.09
CA LEU B 1082 1.98 14.80 -1.09
C LEU B 1082 3.07 13.76 -0.94
N ASP B 1083 2.77 12.54 -1.37
CA ASP B 1083 3.69 11.43 -1.13
C ASP B 1083 3.41 10.43 -2.27
N LEU B 1084 4.24 10.48 -3.30
CA LEU B 1084 4.01 9.77 -4.54
C LEU B 1084 5.16 8.80 -4.79
N GLU B 1085 4.85 7.69 -5.44
CA GLU B 1085 5.87 6.87 -6.06
C GLU B 1085 5.87 7.18 -7.54
N LEU B 1086 7.03 7.51 -8.06
CA LEU B 1086 7.20 7.87 -9.47
C LEU B 1086 7.54 6.64 -10.29
N PRO B 1087 7.01 6.52 -11.50
CA PRO B 1087 7.37 5.40 -12.37
C PRO B 1087 8.84 5.39 -12.68
N GLY B 1088 9.43 4.22 -12.66
CA GLY B 1088 10.83 4.10 -12.95
C GLY B 1088 11.17 2.64 -13.19
N PRO B 1089 12.44 2.32 -13.06
CA PRO B 1089 12.88 0.94 -13.30
C PRO B 1089 12.42 0.00 -12.19
N VAL B 1090 12.34 -1.28 -12.54
CA VAL B 1090 12.12 -2.29 -11.54
C VAL B 1090 13.30 -2.32 -10.58
N GLY B 1091 13.04 -2.86 -9.39
CA GLY B 1091 14.11 -3.00 -8.41
C GLY B 1091 14.50 -1.71 -7.76
N GLU B 1092 13.67 -0.69 -7.89
CA GLU B 1092 13.91 0.60 -7.28
C GLU B 1092 12.54 1.15 -6.93
N ARG B 1093 12.46 1.86 -5.82
CA ARG B 1093 11.29 2.65 -5.49
C ARG B 1093 11.72 4.10 -5.43
N ASN B 1094 11.08 4.93 -6.23
CA ASN B 1094 11.48 6.31 -6.38
C ASN B 1094 10.32 7.16 -5.90
N LEU B 1095 10.54 7.84 -4.79
CA LEU B 1095 9.47 8.51 -4.05
C LEU B 1095 9.68 10.01 -4.12
N TYR B 1096 8.57 10.73 -4.08
CA TYR B 1096 8.61 12.17 -4.21
C TYR B 1096 7.60 12.69 -3.22
N THR B 1097 8.04 13.58 -2.34
CA THR B 1097 7.22 14.03 -1.24
CA THR B 1097 7.19 14.04 -1.26
C THR B 1097 7.38 15.54 -1.06
N LEU B 1098 6.32 16.17 -0.57
CA LEU B 1098 6.34 17.60 -0.30
C LEU B 1098 6.23 17.83 1.19
N HIS B 1099 7.23 18.52 1.73
CA HIS B 1099 7.34 18.84 3.14
C HIS B 1099 7.29 20.35 3.30
N ALA B 1100 7.18 20.79 4.54
CA ALA B 1100 7.34 22.22 4.79
C ALA B 1100 8.73 22.67 4.38
N ARG B 1101 8.81 23.93 3.94
CA ARG B 1101 10.12 24.54 3.70
C ARG B 1101 10.91 24.73 4.99
N GLY B 1102 10.25 25.14 6.06
CA GLY B 1102 10.95 25.46 7.29
C GLY B 1102 10.40 26.72 7.90
N ARG B 1103 11.26 27.69 8.16
CA ARG B 1103 10.79 28.97 8.70
C ARG B 1103 10.80 30.02 7.60
N ILE B 1104 9.66 30.66 7.42
CA ILE B 1104 9.49 31.64 6.34
C ILE B 1104 9.56 33.01 6.95
N LEU B 1105 10.35 33.89 6.34
CA LEU B 1105 10.39 35.28 6.74
C LEU B 1105 9.18 35.99 6.17
N LEU B 1106 8.39 36.60 7.05
CA LEU B 1106 7.21 37.34 6.65
C LEU B 1106 7.50 38.82 6.80
N VAL B 1107 7.30 39.56 5.72
CA VAL B 1107 7.51 41.00 5.74
C VAL B 1107 6.19 41.64 5.35
N PRO B 1108 5.23 41.73 6.26
CA PRO B 1108 3.94 42.31 5.93
C PRO B 1108 4.01 43.83 5.98
N ALA B 1109 2.99 44.44 5.38
CA ALA B 1109 2.73 45.86 5.52
C ALA B 1109 1.45 46.15 6.27
N THR B 1110 0.42 45.32 6.06
CA THR B 1110 -0.88 45.54 6.66
C THR B 1110 -1.31 44.31 7.43
N GLU B 1111 -2.26 44.51 8.34
CA GLU B 1111 -2.80 43.40 9.11
C GLU B 1111 -3.37 42.32 8.20
N SER B 1112 -4.20 42.70 7.23
CA SER B 1112 -4.75 41.71 6.31
C SER B 1112 -3.65 41.00 5.54
N GLY B 1113 -2.65 41.75 5.08
CA GLY B 1113 -1.53 41.13 4.39
C GLY B 1113 -0.84 40.10 5.25
N LEU B 1114 -0.60 40.44 6.52
CA LEU B 1114 0.01 39.49 7.44
C LEU B 1114 -0.85 38.25 7.60
N TYR B 1115 -2.16 38.42 7.74
CA TYR B 1115 -3.03 37.24 7.87
C TYR B 1115 -2.95 36.37 6.63
N HIS B 1116 -2.89 36.98 5.44
CA HIS B 1116 -2.76 36.20 4.22
C HIS B 1116 -1.41 35.51 4.14
N GLN B 1117 -0.33 36.21 4.54
CA GLN B 1117 0.98 35.57 4.54
C GLN B 1117 1.01 34.41 5.52
N LEU B 1118 0.45 34.63 6.71
CA LEU B 1118 0.41 33.55 7.68
C LEU B 1118 -0.37 32.36 7.15
N ALA B 1119 -1.51 32.63 6.52
CA ALA B 1119 -2.30 31.53 5.97
C ALA B 1119 -1.48 30.71 5.00
N ALA B 1120 -0.79 31.38 4.07
CA ALA B 1120 0.00 30.68 3.07
C ALA B 1120 1.10 29.86 3.73
N ALA B 1121 1.82 30.47 4.67
CA ALA B 1121 2.94 29.77 5.31
C ALA B 1121 2.45 28.63 6.20
N LEU B 1122 1.42 28.85 7.00
CA LEU B 1122 0.92 27.78 7.88
C LEU B 1122 0.34 26.64 7.08
N ALA B 1123 -0.36 26.95 5.98
CA ALA B 1123 -1.01 25.90 5.20
C ALA B 1123 0.01 24.96 4.59
N THR B 1124 1.23 25.43 4.39
CA THR B 1124 2.32 24.64 3.85
C THR B 1124 3.25 24.11 4.93
N GLY B 1125 2.80 24.16 6.19
CA GLY B 1125 3.47 23.51 7.29
C GLY B 1125 4.63 24.28 7.90
N ASN B 1126 4.79 25.52 7.52
CA ASN B 1126 5.96 26.28 7.92
C ASN B 1126 5.72 27.00 9.24
N SER B 1127 6.84 27.32 9.89
CA SER B 1127 6.83 28.33 10.92
C SER B 1127 7.21 29.65 10.26
N VAL B 1128 7.08 30.75 11.02
CA VAL B 1128 7.32 32.06 10.44
C VAL B 1128 8.12 32.92 11.40
N ALA B 1129 8.88 33.84 10.83
CA ALA B 1129 9.43 34.97 11.58
C ALA B 1129 8.86 36.21 10.93
N ILE B 1130 8.13 37.00 11.70
CA ILE B 1130 7.47 38.18 11.18
C ILE B 1130 8.33 39.39 11.47
N ASP B 1131 8.52 40.22 10.45
CA ASP B 1131 9.29 41.44 10.60
C ASP B 1131 8.69 42.33 11.68
N ALA B 1132 9.45 42.54 12.77
CA ALA B 1132 8.95 43.37 13.86
C ALA B 1132 8.76 44.81 13.43
N ALA B 1133 9.55 45.27 12.45
CA ALA B 1133 9.42 46.65 12.01
C ALA B 1133 8.09 46.92 11.33
N SER B 1134 7.31 45.87 11.04
CA SER B 1134 5.97 46.09 10.49
C SER B 1134 5.05 46.75 11.51
N GLY B 1135 5.33 46.63 12.81
CA GLY B 1135 4.48 47.23 13.80
C GLY B 1135 3.14 46.54 13.99
N LEU B 1136 3.00 45.31 13.50
CA LEU B 1136 1.71 44.64 13.46
C LEU B 1136 1.51 43.68 14.62
N GLN B 1137 2.30 43.81 15.68
CA GLN B 1137 2.26 42.84 16.79
C GLN B 1137 0.86 42.74 17.39
N ALA B 1138 0.15 43.86 17.51
CA ALA B 1138 -1.19 43.83 18.10
C ALA B 1138 -2.17 43.01 17.28
N SER B 1139 -1.87 42.78 16.00
CA SER B 1139 -2.75 42.03 15.13
C SER B 1139 -2.82 40.55 15.50
N LEU B 1140 -1.84 40.05 16.24
CA LEU B 1140 -1.84 38.66 16.68
C LEU B 1140 -2.17 38.52 18.17
N LYS B 1141 -2.87 39.49 18.74
CA LYS B 1141 -3.29 39.35 20.13
C LYS B 1141 -4.26 38.17 20.26
N ASN B 1142 -4.10 37.40 21.34
CA ASN B 1142 -4.96 36.26 21.66
C ASN B 1142 -4.84 35.11 20.66
N LEU B 1143 -3.73 35.03 19.94
CA LEU B 1143 -3.54 33.93 19.01
C LEU B 1143 -3.53 32.61 19.79
N PRO B 1144 -4.16 31.56 19.28
CA PRO B 1144 -4.05 30.24 19.91
C PRO B 1144 -2.59 29.82 20.03
N GLN B 1145 -2.26 29.15 21.14
CA GLN B 1145 -0.90 28.68 21.37
C GLN B 1145 -0.43 27.74 20.27
N THR B 1146 -1.34 26.95 19.68
CA THR B 1146 -0.93 26.10 18.57
C THR B 1146 -0.36 26.94 17.43
N VAL B 1147 -0.99 28.08 17.16
CA VAL B 1147 -0.45 28.95 16.12
C VAL B 1147 0.76 29.72 16.65
N GLY B 1148 0.69 30.19 17.89
CA GLY B 1148 1.78 30.98 18.43
C GLY B 1148 3.10 30.24 18.46
N LEU B 1149 3.07 28.94 18.66
CA LEU B 1149 4.30 28.15 18.69
C LEU B 1149 5.03 28.20 17.35
N ARG B 1150 4.31 28.49 16.25
CA ARG B 1150 4.93 28.59 14.93
C ARG B 1150 5.32 30.02 14.58
N VAL B 1151 5.06 30.98 15.45
CA VAL B 1151 5.20 32.39 15.13
C VAL B 1151 6.30 32.99 16.00
N SER B 1152 7.24 33.65 15.37
CA SER B 1152 8.17 34.49 16.10
C SER B 1152 8.22 35.83 15.40
N TRP B 1153 8.71 36.83 16.12
CA TRP B 1153 8.86 38.18 15.58
C TRP B 1153 10.35 38.47 15.52
N SER B 1154 10.79 39.02 14.40
CA SER B 1154 12.23 39.24 14.20
C SER B 1154 12.50 40.72 14.07
N LYS B 1155 13.38 41.22 14.94
CA LYS B 1155 13.96 42.55 14.80
C LYS B 1155 15.36 42.48 14.20
N ASP B 1156 15.76 41.33 13.69
CA ASP B 1156 17.11 41.15 13.16
C ASP B 1156 17.06 39.92 12.24
N TRP B 1157 16.74 40.17 10.97
CA TRP B 1157 16.49 39.05 10.07
C TRP B 1157 17.73 38.19 9.92
N ALA B 1158 18.90 38.81 9.82
CA ALA B 1158 20.10 38.04 9.57
C ALA B 1158 20.49 37.18 10.77
N ALA B 1159 20.17 37.64 11.98
CA ALA B 1159 20.50 36.85 13.16
C ALA B 1159 19.50 35.74 13.39
N ASP B 1160 18.27 35.88 12.89
CA ASP B 1160 17.18 34.99 13.24
C ASP B 1160 16.94 33.92 12.19
N GLY B 1161 17.73 33.89 11.12
CA GLY B 1161 17.68 32.83 10.14
C GLY B 1161 18.47 31.62 10.57
N PRO B 1162 18.68 30.68 9.65
CA PRO B 1162 18.30 30.74 8.24
C PRO B 1162 16.82 30.51 8.03
N PHE B 1163 16.28 31.24 7.07
CA PHE B 1163 14.93 31.05 6.59
C PHE B 1163 14.96 30.15 5.36
N ALA B 1164 13.78 29.75 4.92
CA ALA B 1164 13.64 28.90 3.75
C ALA B 1164 12.76 29.53 2.69
N GLY B 1165 12.45 30.81 2.84
CA GLY B 1165 11.61 31.54 1.93
C GLY B 1165 11.19 32.82 2.57
N ALA B 1166 10.56 33.68 1.78
CA ALA B 1166 10.11 34.95 2.32
C ALA B 1166 8.86 35.36 1.57
N LEU B 1167 7.92 35.95 2.30
CA LEU B 1167 6.74 36.56 1.72
C LEU B 1167 6.78 38.04 2.06
N VAL B 1168 6.60 38.88 1.05
CA VAL B 1168 6.76 40.31 1.21
C VAL B 1168 5.50 41.00 0.71
N GLU B 1169 5.03 41.98 1.47
CA GLU B 1169 3.92 42.82 1.07
C GLU B 1169 4.41 44.26 1.01
N GLY B 1170 4.09 44.95 -0.07
CA GLY B 1170 4.43 46.36 -0.13
C GLY B 1170 4.32 46.87 -1.54
N ASP B 1171 4.51 48.18 -1.67
CA ASP B 1171 4.59 48.75 -3.01
C ASP B 1171 5.93 48.43 -3.65
N ALA B 1172 6.10 48.88 -4.90
CA ALA B 1172 7.27 48.49 -5.67
C ALA B 1172 8.57 48.87 -4.95
N GLU B 1173 8.65 50.10 -4.44
CA GLU B 1173 9.90 50.47 -3.81
C GLU B 1173 10.13 49.72 -2.49
N ARG B 1174 9.06 49.42 -1.75
CA ARG B 1174 9.21 48.60 -0.56
C ARG B 1174 9.70 47.21 -0.92
N ILE B 1175 9.11 46.62 -1.96
CA ILE B 1175 9.54 45.30 -2.42
C ILE B 1175 11.01 45.31 -2.79
N ARG B 1176 11.44 46.33 -3.55
CA ARG B 1176 12.85 46.38 -3.94
C ARG B 1176 13.77 46.46 -2.72
N ALA B 1177 13.43 47.33 -1.76
CA ALA B 1177 14.26 47.49 -0.57
C ALA B 1177 14.31 46.20 0.23
N VAL B 1178 13.18 45.53 0.38
CA VAL B 1178 13.17 44.28 1.14
C VAL B 1178 13.94 43.21 0.38
N ASN B 1179 13.75 43.14 -0.93
CA ASN B 1179 14.46 42.14 -1.71
C ASN B 1179 15.96 42.35 -1.62
N LYS B 1180 16.40 43.62 -1.64
CA LYS B 1180 17.82 43.89 -1.44
C LYS B 1180 18.29 43.41 -0.08
N ALA B 1181 17.51 43.70 0.97
CA ALA B 1181 17.90 43.27 2.31
C ALA B 1181 17.95 41.74 2.40
N ILE B 1182 17.00 41.07 1.76
CA ILE B 1182 16.99 39.62 1.80
C ILE B 1182 18.20 39.06 1.06
N ALA B 1183 18.57 39.66 -0.08
CA ALA B 1183 19.72 39.15 -0.81
C ALA B 1183 21.00 39.29 -0.04
N ALA B 1184 21.04 40.20 0.93
CA ALA B 1184 22.20 40.37 1.79
C ALA B 1184 22.19 39.48 3.03
N LEU B 1185 21.16 38.67 3.23
CA LEU B 1185 21.17 37.80 4.38
C LEU B 1185 22.21 36.70 4.19
N PRO B 1186 22.91 36.30 5.23
CA PRO B 1186 23.83 35.17 5.11
C PRO B 1186 23.05 33.88 4.97
N GLY B 1187 23.75 32.86 4.49
CA GLY B 1187 23.17 31.54 4.42
C GLY B 1187 22.49 31.30 3.09
N PRO B 1188 21.37 30.59 3.14
CA PRO B 1188 20.72 30.17 1.90
C PRO B 1188 20.14 31.35 1.13
N LEU B 1189 20.07 31.18 -0.17
CA LEU B 1189 19.39 32.13 -1.02
C LEU B 1189 17.89 31.91 -0.87
N LEU B 1190 17.16 32.93 -0.44
CA LEU B 1190 15.74 32.74 -0.16
C LEU B 1190 14.91 32.92 -1.41
N LEU B 1191 13.94 32.03 -1.57
CA LEU B 1191 12.92 32.19 -2.60
C LEU B 1191 11.90 33.20 -2.08
N VAL B 1192 11.90 34.39 -2.67
CA VAL B 1192 11.11 35.52 -2.22
C VAL B 1192 9.87 35.61 -3.08
N GLN B 1193 8.72 35.81 -2.44
CA GLN B 1193 7.49 36.13 -3.14
C GLN B 1193 6.97 37.46 -2.62
N ALA B 1194 6.64 38.35 -3.54
CA ALA B 1194 6.18 39.69 -3.17
C ALA B 1194 4.85 39.98 -3.81
N ALA B 1195 4.06 40.81 -3.12
CA ALA B 1195 2.78 41.24 -3.64
C ALA B 1195 2.45 42.57 -3.00
N SER B 1196 1.68 43.38 -3.71
CA SER B 1196 1.17 44.58 -3.09
C SER B 1196 -0.06 44.25 -2.24
N SER B 1197 -0.43 45.18 -1.38
CA SER B 1197 -1.65 44.99 -0.60
C SER B 1197 -2.86 44.81 -1.51
N GLY B 1198 -2.92 45.57 -2.61
CA GLY B 1198 -4.03 45.41 -3.52
C GLY B 1198 -4.03 44.06 -4.20
N GLU B 1199 -2.84 43.56 -4.52
CA GLU B 1199 -2.74 42.24 -5.15
C GLU B 1199 -3.20 41.15 -4.20
N ILE B 1200 -2.86 41.27 -2.91
CA ILE B 1200 -3.31 40.29 -1.93
C ILE B 1200 -4.83 40.30 -1.83
N ALA B 1201 -5.43 41.50 -1.89
CA ALA B 1201 -6.88 41.59 -1.82
C ALA B 1201 -7.54 41.03 -3.08
N ARG B 1202 -6.92 41.24 -4.24
CA ARG B 1202 -7.55 40.92 -5.52
C ARG B 1202 -7.34 39.46 -5.91
N ASN B 1203 -6.18 38.91 -5.60
CA ASN B 1203 -5.71 37.66 -6.20
C ASN B 1203 -5.54 36.61 -5.11
N PRO B 1204 -6.38 35.58 -5.07
CA PRO B 1204 -6.19 34.52 -4.07
C PRO B 1204 -4.85 33.82 -4.20
N ASP B 1205 -4.20 33.89 -5.35
CA ASP B 1205 -2.91 33.25 -5.58
C ASP B 1205 -1.76 34.26 -5.61
N ALA B 1206 -1.93 35.41 -4.94
CA ALA B 1206 -0.85 36.39 -4.88
C ALA B 1206 0.43 35.77 -4.37
N TYR B 1207 0.32 34.90 -3.36
CA TYR B 1207 1.44 34.07 -2.95
C TYR B 1207 1.17 32.65 -3.39
N CYS B 1208 2.16 32.03 -4.02
CA CYS B 1208 2.01 30.72 -4.60
C CYS B 1208 2.48 29.68 -3.59
N LEU B 1209 1.61 28.73 -3.26
CA LEU B 1209 1.97 27.69 -2.30
C LEU B 1209 2.98 26.69 -2.87
N ASN B 1210 3.19 26.68 -4.19
CA ASN B 1210 4.15 25.75 -4.76
C ASN B 1210 5.54 26.01 -4.20
N TRP B 1211 5.84 27.27 -3.87
CA TRP B 1211 7.19 27.63 -3.47
C TRP B 1211 7.38 27.57 -1.97
N LEU B 1212 6.33 27.26 -1.23
CA LEU B 1212 6.37 27.22 0.22
C LEU B 1212 6.47 25.82 0.76
N VAL B 1213 6.59 24.83 -0.11
CA VAL B 1213 6.89 23.47 0.28
C VAL B 1213 8.26 23.12 -0.25
N GLU B 1214 8.89 22.13 0.38
CA GLU B 1214 10.17 21.60 -0.07
C GLU B 1214 9.94 20.23 -0.67
N GLU B 1215 10.46 20.02 -1.87
CA GLU B 1215 10.41 18.71 -2.49
C GLU B 1215 11.54 17.85 -1.97
N VAL B 1216 11.23 16.59 -1.71
CA VAL B 1216 12.24 15.61 -1.34
C VAL B 1216 12.05 14.39 -2.22
N SER B 1217 13.13 13.98 -2.88
CA SER B 1217 13.15 12.76 -3.67
C SER B 1217 13.93 11.71 -2.90
N ALA B 1218 13.42 10.48 -2.90
CA ALA B 1218 14.13 9.38 -2.27
C ALA B 1218 14.13 8.21 -3.22
N SER B 1219 15.30 7.67 -3.50
CA SER B 1219 15.45 6.53 -4.40
C SER B 1219 15.97 5.36 -3.59
N ILE B 1220 15.19 4.31 -3.51
CA ILE B 1220 15.52 3.14 -2.71
C ILE B 1220 15.80 1.99 -3.65
N ASN B 1221 16.98 1.41 -3.56
CA ASN B 1221 17.32 0.21 -4.30
C ASN B 1221 16.67 -0.98 -3.61
N THR B 1222 15.60 -1.52 -4.18
CA THR B 1222 14.89 -2.63 -3.56
C THR B 1222 15.39 -3.98 -4.04
N ALA B 1223 16.44 -4.00 -4.84
CA ALA B 1223 17.14 -5.22 -5.18
C ALA B 1223 18.39 -5.44 -4.33
N ALA B 1224 18.63 -4.56 -3.34
CA ALA B 1224 19.91 -4.57 -2.62
C ALA B 1224 20.12 -5.86 -1.83
N ALA B 1225 19.05 -6.58 -1.49
CA ALA B 1225 19.22 -7.83 -0.74
C ALA B 1225 19.64 -9.00 -1.62
N GLY B 1226 19.70 -8.81 -2.93
CA GLY B 1226 20.14 -9.86 -3.84
C GLY B 1226 19.09 -10.31 -4.83
N GLY B 1227 17.88 -9.77 -4.78
CA GLY B 1227 16.86 -10.07 -5.77
C GLY B 1227 15.74 -9.06 -5.69
N ASN B 1228 14.74 -9.23 -6.56
CA ASN B 1228 13.59 -8.35 -6.66
C ASN B 1228 12.35 -9.10 -6.22
N ALA B 1229 11.72 -8.63 -5.13
CA ALA B 1229 10.51 -9.27 -4.62
C ALA B 1229 9.37 -9.18 -5.62
N SER B 1230 9.14 -7.98 -6.17
CA SER B 1230 7.98 -7.77 -7.02
C SER B 1230 8.06 -8.61 -8.30
N LEU B 1231 9.26 -8.78 -8.84
CA LEU B 1231 9.41 -9.58 -10.06
C LEU B 1231 9.37 -11.08 -9.80
N MET B 1232 9.41 -11.52 -8.55
CA MET B 1232 9.20 -12.94 -8.26
C MET B 1232 7.81 -13.40 -8.69
N ALA B 1233 6.82 -12.51 -8.61
CA ALA B 1233 5.46 -12.81 -9.05
C ALA B 1233 5.29 -12.64 -10.55
N ILE B 1234 6.32 -12.23 -11.27
CA ILE B 1234 6.24 -11.94 -12.70
C ILE B 1234 6.88 -13.11 -13.44
N GLY B 1235 6.04 -13.97 -13.99
CA GLY B 1235 6.48 -15.04 -14.86
C GLY B 1235 5.70 -14.96 -16.16
#